data_1OOT
# 
_entry.id   1OOT 
# 
_audit_conform.dict_name       mmcif_pdbx.dic 
_audit_conform.dict_version    5.376 
_audit_conform.dict_location   http://mmcif.pdb.org/dictionaries/ascii/mmcif_pdbx.dic 
# 
loop_
_database_2.database_id 
_database_2.database_code 
_database_2.pdbx_database_accession 
_database_2.pdbx_DOI 
PDB   1OOT         pdb_00001oot 10.2210/pdb1oot/pdb 
RCSB  RCSB018516   ?            ?                   
WWPDB D_1000018516 ?            ?                   
# 
_pdbx_database_status.status_code                     REL 
_pdbx_database_status.entry_id                        1OOT 
_pdbx_database_status.recvd_initial_deposition_date   2003-03-04 
_pdbx_database_status.deposit_site                    RCSB 
_pdbx_database_status.process_site                    RCSB 
_pdbx_database_status.status_code_sf                  REL 
_pdbx_database_status.SG_entry                        . 
_pdbx_database_status.pdb_format_compatible           Y 
_pdbx_database_status.status_code_mr                  ? 
_pdbx_database_status.status_code_cs                  ? 
_pdbx_database_status.status_code_nmr_data            ? 
_pdbx_database_status.methods_development_category    ? 
# 
loop_
_audit_author.name 
_audit_author.pdbx_ordinal 
'Kursula, P.'  1 
'Lehmann, F.'  2 
'Song, Y.H.'   3 
'Wilmanns, M.' 4 
# 
_citation.id                        primary 
_citation.title                     
'Crystal structure of the SH3 domain from a S. cerevisiae hypothetical 40.4 kDa protein at 1.39 A resolution' 
_citation.journal_abbrev            'To be Published' 
_citation.journal_volume            ? 
_citation.page_first                ? 
_citation.page_last                 ? 
_citation.year                      ? 
_citation.journal_id_ASTM           ? 
_citation.country                   ? 
_citation.journal_id_ISSN           ? 
_citation.journal_id_CSD            0353 
_citation.book_publisher            ? 
_citation.pdbx_database_id_PubMed   ? 
_citation.pdbx_database_id_DOI      ? 
# 
loop_
_citation_author.citation_id 
_citation_author.name 
_citation_author.ordinal 
_citation_author.identifier_ORCID 
primary 'Kursula, P.'  1 ? 
primary 'Lehmann, F.'  2 ? 
primary 'Song, Y.H.'   3 ? 
primary 'Wilmanns, M.' 4 ? 
# 
_cell.entry_id           1OOT 
_cell.length_a           39.930 
_cell.length_b           39.930 
_cell.length_c           69.490 
_cell.angle_alpha        90.00 
_cell.angle_beta         90.00 
_cell.angle_gamma        120.00 
_cell.Z_PDB              6 
_cell.pdbx_unique_axis   ? 
# 
_symmetry.entry_id                         1OOT 
_symmetry.space_group_name_H-M             'P 31 2 1' 
_symmetry.pdbx_full_space_group_name_H-M   ? 
_symmetry.cell_setting                     ? 
_symmetry.Int_Tables_number                152 
# 
loop_
_entity.id 
_entity.type 
_entity.src_method 
_entity.pdbx_description 
_entity.formula_weight 
_entity.pdbx_number_of_molecules 
_entity.pdbx_ec 
_entity.pdbx_mutation 
_entity.pdbx_fragment 
_entity.details 
1 polymer     man 'Hypothetical 40.4 kDa protein in PES4-HIS2 intergenic region' 6581.299 1  ? ? 'SH3 domain' ? 
2 non-polymer syn 'CHLORIDE ION'                                                 35.453   3  ? ? ?            ? 
3 water       nat water                                                          18.015   57 ? ? ?            ? 
# 
_entity_poly.entity_id                      1 
_entity_poly.type                           'polypeptide(L)' 
_entity_poly.nstd_linkage                   no 
_entity_poly.nstd_monomer                   no 
_entity_poly.pdbx_seq_one_letter_code       GSSPKAVALYSFAGEESGDLPFRKGDVITILKKSDSQNDWWTGRVNGREGIFPANYVELV 
_entity_poly.pdbx_seq_one_letter_code_can   GSSPKAVALYSFAGEESGDLPFRKGDVITILKKSDSQNDWWTGRVNGREGIFPANYVELV 
_entity_poly.pdbx_strand_id                 A 
_entity_poly.pdbx_target_identifier         ? 
# 
loop_
_entity_poly_seq.entity_id 
_entity_poly_seq.num 
_entity_poly_seq.mon_id 
_entity_poly_seq.hetero 
1 1  GLY n 
1 2  SER n 
1 3  SER n 
1 4  PRO n 
1 5  LYS n 
1 6  ALA n 
1 7  VAL n 
1 8  ALA n 
1 9  LEU n 
1 10 TYR n 
1 11 SER n 
1 12 PHE n 
1 13 ALA n 
1 14 GLY n 
1 15 GLU n 
1 16 GLU n 
1 17 SER n 
1 18 GLY n 
1 19 ASP n 
1 20 LEU n 
1 21 PRO n 
1 22 PHE n 
1 23 ARG n 
1 24 LYS n 
1 25 GLY n 
1 26 ASP n 
1 27 VAL n 
1 28 ILE n 
1 29 THR n 
1 30 ILE n 
1 31 LEU n 
1 32 LYS n 
1 33 LYS n 
1 34 SER n 
1 35 ASP n 
1 36 SER n 
1 37 GLN n 
1 38 ASN n 
1 39 ASP n 
1 40 TRP n 
1 41 TRP n 
1 42 THR n 
1 43 GLY n 
1 44 ARG n 
1 45 VAL n 
1 46 ASN n 
1 47 GLY n 
1 48 ARG n 
1 49 GLU n 
1 50 GLY n 
1 51 ILE n 
1 52 PHE n 
1 53 PRO n 
1 54 ALA n 
1 55 ASN n 
1 56 TYR n 
1 57 VAL n 
1 58 GLU n 
1 59 LEU n 
1 60 VAL n 
# 
_entity_src_gen.entity_id                          1 
_entity_src_gen.pdbx_src_id                        1 
_entity_src_gen.pdbx_alt_source_flag               sample 
_entity_src_gen.pdbx_seq_type                      ? 
_entity_src_gen.pdbx_beg_seq_num                   ? 
_entity_src_gen.pdbx_end_seq_num                   ? 
_entity_src_gen.gene_src_common_name               
;baker's yeast
;
_entity_src_gen.gene_src_genus                     Saccharomyces 
_entity_src_gen.pdbx_gene_src_gene                 YFR024C 
_entity_src_gen.gene_src_species                   ? 
_entity_src_gen.gene_src_strain                    ? 
_entity_src_gen.gene_src_tissue                    ? 
_entity_src_gen.gene_src_tissue_fraction           ? 
_entity_src_gen.gene_src_details                   ? 
_entity_src_gen.pdbx_gene_src_fragment             ? 
_entity_src_gen.pdbx_gene_src_scientific_name      'Saccharomyces cerevisiae' 
_entity_src_gen.pdbx_gene_src_ncbi_taxonomy_id     4932 
_entity_src_gen.pdbx_gene_src_variant              ? 
_entity_src_gen.pdbx_gene_src_cell_line            ? 
_entity_src_gen.pdbx_gene_src_atcc                 ? 
_entity_src_gen.pdbx_gene_src_organ                ? 
_entity_src_gen.pdbx_gene_src_organelle            ? 
_entity_src_gen.pdbx_gene_src_cell                 ? 
_entity_src_gen.pdbx_gene_src_cellular_location    ? 
_entity_src_gen.host_org_common_name               ? 
_entity_src_gen.pdbx_host_org_scientific_name      'Escherichia coli' 
_entity_src_gen.pdbx_host_org_ncbi_taxonomy_id     562 
_entity_src_gen.host_org_genus                     Escherichia 
_entity_src_gen.pdbx_host_org_gene                 ? 
_entity_src_gen.pdbx_host_org_organ                ? 
_entity_src_gen.host_org_species                   ? 
_entity_src_gen.pdbx_host_org_tissue               ? 
_entity_src_gen.pdbx_host_org_tissue_fraction      ? 
_entity_src_gen.pdbx_host_org_strain               ? 
_entity_src_gen.pdbx_host_org_variant              ? 
_entity_src_gen.pdbx_host_org_cell_line            ? 
_entity_src_gen.pdbx_host_org_atcc                 ? 
_entity_src_gen.pdbx_host_org_culture_collection   ? 
_entity_src_gen.pdbx_host_org_cell                 ? 
_entity_src_gen.pdbx_host_org_organelle            ? 
_entity_src_gen.pdbx_host_org_cellular_location    ? 
_entity_src_gen.pdbx_host_org_vector_type          ? 
_entity_src_gen.pdbx_host_org_vector               PDEST-17 
_entity_src_gen.host_org_details                   ? 
_entity_src_gen.expression_system_id               ? 
_entity_src_gen.plasmid_name                       ? 
_entity_src_gen.plasmid_details                    ? 
_entity_src_gen.pdbx_description                   ? 
# 
_struct_ref.id                         1 
_struct_ref.db_name                    UNP 
_struct_ref.db_code                    YFJ4_YEAST 
_struct_ref.pdbx_db_accession          P43603 
_struct_ref.entity_id                  1 
_struct_ref.pdbx_seq_one_letter_code   TSSPKAVALYSFAGEESGDLPFRKGDVITILKKSDSQNDWWTGRVNGREGIFPANYVELV 
_struct_ref.pdbx_align_begin           314 
_struct_ref.pdbx_db_isoform            ? 
# 
_struct_ref_seq.align_id                      1 
_struct_ref_seq.ref_id                        1 
_struct_ref_seq.pdbx_PDB_id_code              1OOT 
_struct_ref_seq.pdbx_strand_id                A 
_struct_ref_seq.seq_align_beg                 1 
_struct_ref_seq.pdbx_seq_align_beg_ins_code   ? 
_struct_ref_seq.seq_align_end                 60 
_struct_ref_seq.pdbx_seq_align_end_ins_code   ? 
_struct_ref_seq.pdbx_db_accession             P43603 
_struct_ref_seq.db_align_beg                  314 
_struct_ref_seq.pdbx_db_align_beg_ins_code    ? 
_struct_ref_seq.db_align_end                  373 
_struct_ref_seq.pdbx_db_align_end_ins_code    ? 
_struct_ref_seq.pdbx_auth_seq_align_beg       -1 
_struct_ref_seq.pdbx_auth_seq_align_end       58 
# 
_struct_ref_seq_dif.align_id                     1 
_struct_ref_seq_dif.pdbx_pdb_id_code             1OOT 
_struct_ref_seq_dif.mon_id                       GLY 
_struct_ref_seq_dif.pdbx_pdb_strand_id           A 
_struct_ref_seq_dif.seq_num                      1 
_struct_ref_seq_dif.pdbx_pdb_ins_code            ? 
_struct_ref_seq_dif.pdbx_seq_db_name             UNP 
_struct_ref_seq_dif.pdbx_seq_db_accession_code   P43603 
_struct_ref_seq_dif.db_mon_id                    THR 
_struct_ref_seq_dif.pdbx_seq_db_seq_num          314 
_struct_ref_seq_dif.details                      'cloning artifact' 
_struct_ref_seq_dif.pdbx_auth_seq_num            -1 
_struct_ref_seq_dif.pdbx_ordinal                 1 
# 
loop_
_chem_comp.id 
_chem_comp.type 
_chem_comp.mon_nstd_flag 
_chem_comp.name 
_chem_comp.pdbx_synonyms 
_chem_comp.formula 
_chem_comp.formula_weight 
ALA 'L-peptide linking' y ALANINE         ? 'C3 H7 N O2'     89.093  
ARG 'L-peptide linking' y ARGININE        ? 'C6 H15 N4 O2 1' 175.209 
ASN 'L-peptide linking' y ASPARAGINE      ? 'C4 H8 N2 O3'    132.118 
ASP 'L-peptide linking' y 'ASPARTIC ACID' ? 'C4 H7 N O4'     133.103 
CL  non-polymer         . 'CHLORIDE ION'  ? 'Cl -1'          35.453  
GLN 'L-peptide linking' y GLUTAMINE       ? 'C5 H10 N2 O3'   146.144 
GLU 'L-peptide linking' y 'GLUTAMIC ACID' ? 'C5 H9 N O4'     147.129 
GLY 'peptide linking'   y GLYCINE         ? 'C2 H5 N O2'     75.067  
HOH non-polymer         . WATER           ? 'H2 O'           18.015  
ILE 'L-peptide linking' y ISOLEUCINE      ? 'C6 H13 N O2'    131.173 
LEU 'L-peptide linking' y LEUCINE         ? 'C6 H13 N O2'    131.173 
LYS 'L-peptide linking' y LYSINE          ? 'C6 H15 N2 O2 1' 147.195 
PHE 'L-peptide linking' y PHENYLALANINE   ? 'C9 H11 N O2'    165.189 
PRO 'L-peptide linking' y PROLINE         ? 'C5 H9 N O2'     115.130 
SER 'L-peptide linking' y SERINE          ? 'C3 H7 N O3'     105.093 
THR 'L-peptide linking' y THREONINE       ? 'C4 H9 N O3'     119.119 
TRP 'L-peptide linking' y TRYPTOPHAN      ? 'C11 H12 N2 O2'  204.225 
TYR 'L-peptide linking' y TYROSINE        ? 'C9 H11 N O3'    181.189 
VAL 'L-peptide linking' y VALINE          ? 'C5 H11 N O2'    117.146 
# 
_exptl.entry_id          1OOT 
_exptl.method            'X-RAY DIFFRACTION' 
_exptl.crystals_number   1 
# 
_exptl_crystal.id                    1 
_exptl_crystal.density_meas          ? 
_exptl_crystal.density_Matthews      1.98 
_exptl_crystal.density_percent_sol   37.27 
_exptl_crystal.description           ? 
# 
_exptl_crystal_grow.crystal_id      1 
_exptl_crystal_grow.method          'VAPOR DIFFUSION' 
_exptl_crystal_grow.temp            295 
_exptl_crystal_grow.temp_details    ? 
_exptl_crystal_grow.pH              7.5 
_exptl_crystal_grow.pdbx_details    '70% MPD, pH 7.5, VAPOR DIFFUSION, temperature 295K' 
_exptl_crystal_grow.pdbx_pH_range   . 
# 
_diffrn.id                     1 
_diffrn.ambient_temp           100 
_diffrn.ambient_temp_details   ? 
_diffrn.crystal_id             1 
# 
_diffrn_detector.diffrn_id              1 
_diffrn_detector.detector               CCD 
_diffrn_detector.type                   MARRESEARCH 
_diffrn_detector.pdbx_collection_date   2003-03-01 
_diffrn_detector.details                ? 
# 
_diffrn_radiation.diffrn_id                        1 
_diffrn_radiation.wavelength_id                    1 
_diffrn_radiation.pdbx_monochromatic_or_laue_m_l   M 
_diffrn_radiation.monochromator                    ? 
_diffrn_radiation.pdbx_diffrn_protocol             'SINGLE WAVELENGTH' 
_diffrn_radiation.pdbx_scattering_type             x-ray 
# 
_diffrn_radiation_wavelength.id           1 
_diffrn_radiation_wavelength.wavelength   0.8028 
_diffrn_radiation_wavelength.wt           1.0 
# 
_diffrn_source.diffrn_id                   1 
_diffrn_source.source                      SYNCHROTRON 
_diffrn_source.type                        'EMBL/DESY, HAMBURG BEAMLINE X13' 
_diffrn_source.pdbx_synchrotron_site       'EMBL/DESY, HAMBURG' 
_diffrn_source.pdbx_synchrotron_beamline   X13 
_diffrn_source.pdbx_wavelength             ? 
_diffrn_source.pdbx_wavelength_list        0.8028 
# 
_reflns.entry_id                     1OOT 
_reflns.observed_criterion_sigma_F   ? 
_reflns.observed_criterion_sigma_I   -3 
_reflns.d_resolution_high            1.38 
_reflns.d_resolution_low             30 
_reflns.number_all                   13185 
_reflns.number_obs                   13185 
_reflns.percent_possible_obs         97.0 
_reflns.pdbx_Rmerge_I_obs            ? 
_reflns.pdbx_Rsym_value              0.056 
_reflns.pdbx_netI_over_sigmaI        15.0 
_reflns.B_iso_Wilson_estimate        21.65 
_reflns.pdbx_redundancy              5.5 
_reflns.R_free_details               ? 
_reflns.limit_h_max                  ? 
_reflns.limit_h_min                  ? 
_reflns.limit_k_max                  ? 
_reflns.limit_k_min                  ? 
_reflns.limit_l_max                  ? 
_reflns.limit_l_min                  ? 
_reflns.observed_criterion_F_max     ? 
_reflns.observed_criterion_F_min     ? 
_reflns.pdbx_diffrn_id               1 
_reflns.pdbx_ordinal                 1 
# 
_reflns_shell.d_res_high             1.38 
_reflns_shell.d_res_low              1.44 
_reflns_shell.percent_possible_all   88.1 
_reflns_shell.Rmerge_I_obs           ? 
_reflns_shell.pdbx_Rsym_value        0.414 
_reflns_shell.meanI_over_sigI_obs    2.7 
_reflns_shell.pdbx_redundancy        3.1 
_reflns_shell.percent_possible_obs   ? 
_reflns_shell.number_unique_all      1398 
_reflns_shell.pdbx_diffrn_id         ? 
_reflns_shell.pdbx_ordinal           1 
# 
_refine.entry_id                                 1OOT 
_refine.ls_number_reflns_obs                     13120 
_refine.ls_number_reflns_all                     13120 
_refine.pdbx_ls_sigma_I                          ? 
_refine.pdbx_ls_sigma_F                          0.0 
_refine.pdbx_data_cutoff_high_absF               ? 
_refine.pdbx_data_cutoff_low_absF                ? 
_refine.pdbx_data_cutoff_high_rms_absF           ? 
_refine.ls_d_res_low                             20.00 
_refine.ls_d_res_high                            1.39 
_refine.ls_percent_reflns_obs                    97.76 
_refine.ls_R_factor_obs                          0.13397 
_refine.ls_R_factor_all                          0.13397 
_refine.ls_R_factor_R_work                       0.13207 
_refine.ls_R_factor_R_free                       0.17046 
_refine.ls_R_factor_R_free_error                 ? 
_refine.ls_R_factor_R_free_error_details         ? 
_refine.ls_percent_reflns_R_free                 5.0 
_refine.ls_number_reflns_R_free                  656 
_refine.ls_number_parameters                     ? 
_refine.ls_number_restraints                     ? 
_refine.occupancy_min                            ? 
_refine.occupancy_max                            ? 
_refine.correlation_coeff_Fo_to_Fc               0.979 
_refine.correlation_coeff_Fo_to_Fc_free          0.969 
_refine.B_iso_mean                               15.044 
_refine.aniso_B[1][1]                            1.17 
_refine.aniso_B[2][2]                            1.17 
_refine.aniso_B[3][3]                            -1.75 
_refine.aniso_B[1][2]                            0.58 
_refine.aniso_B[1][3]                            0.00 
_refine.aniso_B[2][3]                            0.00 
_refine.solvent_model_details                    'BABINET MODEL WITH MASK' 
_refine.solvent_model_param_ksol                 ? 
_refine.solvent_model_param_bsol                 ? 
_refine.pdbx_solvent_vdw_probe_radii             1.40 
_refine.pdbx_solvent_ion_probe_radii             0.80 
_refine.pdbx_solvent_shrinkage_radii             0.80 
_refine.pdbx_ls_cross_valid_method               THROUGHOUT 
_refine.details                                  'HYDROGENS HAVE BEEN ADDED IN THE RIDING POSITIONS DURING REFINEMENT' 
_refine.pdbx_starting_model                      1SEM 
_refine.pdbx_method_to_determine_struct          'MOLECULAR REPLACEMENT' 
_refine.pdbx_isotropic_thermal_model             'ISOTROPIC, AT LATE STAGES OF REFINEMENT ANISOTROPIC' 
_refine.pdbx_stereochemistry_target_values       'Engh & Huber' 
_refine.pdbx_stereochem_target_val_spec_case     ? 
_refine.pdbx_R_Free_selection_details            RANDOM 
_refine.pdbx_overall_ESU_R                       0.053 
_refine.pdbx_overall_ESU_R_Free                  0.052 
_refine.overall_SU_ML                            0.038 
_refine.overall_SU_B                             1.018 
_refine.ls_redundancy_reflns_obs                 ? 
_refine.B_iso_min                                ? 
_refine.B_iso_max                                ? 
_refine.overall_SU_R_Cruickshank_DPI             ? 
_refine.overall_SU_R_free                        ? 
_refine.pdbx_refine_id                           'X-RAY DIFFRACTION' 
_refine.pdbx_diffrn_id                           1 
_refine.pdbx_TLS_residual_ADP_flag               ? 
_refine.pdbx_overall_phase_error                 ? 
_refine.pdbx_overall_SU_R_free_Cruickshank_DPI   ? 
_refine.pdbx_overall_SU_R_Blow_DPI               ? 
_refine.pdbx_overall_SU_R_free_Blow_DPI          ? 
# 
_refine_hist.pdbx_refine_id                   'X-RAY DIFFRACTION' 
_refine_hist.cycle_id                         LAST 
_refine_hist.pdbx_number_atoms_protein        515 
_refine_hist.pdbx_number_atoms_nucleic_acid   0 
_refine_hist.pdbx_number_atoms_ligand         3 
_refine_hist.number_atoms_solvent             60 
_refine_hist.number_atoms_total               578 
_refine_hist.d_res_high                       1.39 
_refine_hist.d_res_low                        20.00 
# 
loop_
_refine_ls_restr.type 
_refine_ls_restr.dev_ideal 
_refine_ls_restr.dev_ideal_target 
_refine_ls_restr.weight 
_refine_ls_restr.number 
_refine_ls_restr.pdbx_refine_id 
_refine_ls_restr.pdbx_restraint_function 
r_bond_refined_d         0.020 0.021 ? 536  'X-RAY DIFFRACTION' ? 
r_bond_other_d           0.003 0.020 ? 474  'X-RAY DIFFRACTION' ? 
r_angle_refined_deg      1.842 1.936 ? 739  'X-RAY DIFFRACTION' ? 
r_angle_other_deg        0.879 3.000 ? 1112 'X-RAY DIFFRACTION' ? 
r_dihedral_angle_1_deg   5.179 5.000 ? 71   'X-RAY DIFFRACTION' ? 
r_dihedral_angle_2_deg   ?     ?     ? ?    'X-RAY DIFFRACTION' ? 
r_chiral_restr           0.114 0.200 ? 76   'X-RAY DIFFRACTION' ? 
r_gen_planes_refined     0.011 0.020 ? 635  'X-RAY DIFFRACTION' ? 
r_gen_planes_other       0.002 0.020 ? 117  'X-RAY DIFFRACTION' ? 
r_nbd_refined            0.190 0.200 ? 79   'X-RAY DIFFRACTION' ? 
r_nbd_other              0.246 0.200 ? 576  'X-RAY DIFFRACTION' ? 
r_nbtor_other            0.090 0.200 ? 336  'X-RAY DIFFRACTION' ? 
r_xyhbond_nbd_refined    0.129 0.200 ? 26   'X-RAY DIFFRACTION' ? 
r_xyhbond_nbd_other      ?     ?     ? ?    'X-RAY DIFFRACTION' ? 
r_symmetry_vdw_refined   0.212 0.200 ? 7    'X-RAY DIFFRACTION' ? 
r_symmetry_vdw_other     0.366 0.200 ? 42   'X-RAY DIFFRACTION' ? 
r_symmetry_hbond_refined 0.258 0.200 ? 18   'X-RAY DIFFRACTION' ? 
r_symmetry_hbond_other   ?     ?     ? ?    'X-RAY DIFFRACTION' ? 
r_mcbond_it              2.991 4.000 ? 330  'X-RAY DIFFRACTION' ? 
r_mcangle_it             4.075 5.000 ? 542  'X-RAY DIFFRACTION' ? 
r_scbond_it              3.992 4.000 ? 206  'X-RAY DIFFRACTION' ? 
r_scangle_it             5.918 5.000 ? 197  'X-RAY DIFFRACTION' ? 
r_rigid_bond_restr       2.246 2.000 ? 536  'X-RAY DIFFRACTION' ? 
r_sphericity_free        7.140 2.000 ? 63   'X-RAY DIFFRACTION' ? 
r_sphericity_bonded      5.126 2.000 ? 515  'X-RAY DIFFRACTION' ? 
# 
_refine_ls_shell.pdbx_total_number_of_bins_used   20 
_refine_ls_shell.d_res_high                       1.390 
_refine_ls_shell.d_res_low                        1.426 
_refine_ls_shell.number_reflns_R_work             841 
_refine_ls_shell.R_factor_R_work                  0.264 
_refine_ls_shell.percent_reflns_obs               92 
_refine_ls_shell.R_factor_R_free                  0.313 
_refine_ls_shell.R_factor_R_free_error            ? 
_refine_ls_shell.percent_reflns_R_free            ? 
_refine_ls_shell.number_reflns_R_free             45 
_refine_ls_shell.number_reflns_obs                841 
_refine_ls_shell.redundancy_reflns_obs            ? 
_refine_ls_shell.number_reflns_all                ? 
_refine_ls_shell.pdbx_refine_id                   'X-RAY DIFFRACTION' 
_refine_ls_shell.R_factor_all                     ? 
# 
_struct.entry_id                  1OOT 
_struct.title                     
'Crystal structure of the SH3 domain from a S. cerevisiae hypothetical 40.4 kDa protein at 1.39 A resolution' 
_struct.pdbx_model_details        ? 
_struct.pdbx_CASP_flag            ? 
_struct.pdbx_model_type_details   ? 
# 
_struct_keywords.entry_id        1OOT 
_struct_keywords.pdbx_keywords   'STRUCTURAL GENOMICS' 
_struct_keywords.text            'SH3 DOMAIN, STURCTURAL GENOMICS, STRUCTURAL GENOMICS' 
# 
loop_
_struct_asym.id 
_struct_asym.pdbx_blank_PDB_chainid_flag 
_struct_asym.pdbx_modified 
_struct_asym.entity_id 
_struct_asym.details 
A N N 1 ? 
B N N 2 ? 
C N N 2 ? 
D N N 2 ? 
E N N 3 ? 
# 
_struct_biol.id                    1 
_struct_biol.pdbx_parent_biol_id   ? 
_struct_biol.details               ? 
# 
_struct_sheet.id               A 
_struct_sheet.type             ? 
_struct_sheet.number_strands   5 
_struct_sheet.details          ? 
# 
loop_
_struct_sheet_order.sheet_id 
_struct_sheet_order.range_id_1 
_struct_sheet_order.range_id_2 
_struct_sheet_order.offset 
_struct_sheet_order.sense 
A 1 2 ? anti-parallel 
A 2 3 ? anti-parallel 
A 3 4 ? anti-parallel 
A 4 5 ? anti-parallel 
# 
loop_
_struct_sheet_range.sheet_id 
_struct_sheet_range.id 
_struct_sheet_range.beg_label_comp_id 
_struct_sheet_range.beg_label_asym_id 
_struct_sheet_range.beg_label_seq_id 
_struct_sheet_range.pdbx_beg_PDB_ins_code 
_struct_sheet_range.end_label_comp_id 
_struct_sheet_range.end_label_asym_id 
_struct_sheet_range.end_label_seq_id 
_struct_sheet_range.pdbx_end_PDB_ins_code 
_struct_sheet_range.beg_auth_comp_id 
_struct_sheet_range.beg_auth_asym_id 
_struct_sheet_range.beg_auth_seq_id 
_struct_sheet_range.end_auth_comp_id 
_struct_sheet_range.end_auth_asym_id 
_struct_sheet_range.end_auth_seq_id 
A 1 ARG A 48 ? PRO A 53 ? ARG A 46 PRO A 51 
A 2 TRP A 40 ? VAL A 45 ? TRP A 38 VAL A 43 
A 3 VAL A 27 ? LYS A 32 ? VAL A 25 LYS A 30 
A 4 LYS A 5  ? ALA A 8  ? LYS A 3  ALA A 6  
A 5 VAL A 57 ? LEU A 59 ? VAL A 55 LEU A 57 
# 
loop_
_pdbx_struct_sheet_hbond.sheet_id 
_pdbx_struct_sheet_hbond.range_id_1 
_pdbx_struct_sheet_hbond.range_id_2 
_pdbx_struct_sheet_hbond.range_1_label_atom_id 
_pdbx_struct_sheet_hbond.range_1_label_comp_id 
_pdbx_struct_sheet_hbond.range_1_label_asym_id 
_pdbx_struct_sheet_hbond.range_1_label_seq_id 
_pdbx_struct_sheet_hbond.range_1_PDB_ins_code 
_pdbx_struct_sheet_hbond.range_1_auth_atom_id 
_pdbx_struct_sheet_hbond.range_1_auth_comp_id 
_pdbx_struct_sheet_hbond.range_1_auth_asym_id 
_pdbx_struct_sheet_hbond.range_1_auth_seq_id 
_pdbx_struct_sheet_hbond.range_2_label_atom_id 
_pdbx_struct_sheet_hbond.range_2_label_comp_id 
_pdbx_struct_sheet_hbond.range_2_label_asym_id 
_pdbx_struct_sheet_hbond.range_2_label_seq_id 
_pdbx_struct_sheet_hbond.range_2_PDB_ins_code 
_pdbx_struct_sheet_hbond.range_2_auth_atom_id 
_pdbx_struct_sheet_hbond.range_2_auth_comp_id 
_pdbx_struct_sheet_hbond.range_2_auth_asym_id 
_pdbx_struct_sheet_hbond.range_2_auth_seq_id 
A 1 2 O GLY A 50 ? O GLY A 48 N GLY A 43 ? N GLY A 41 
A 2 3 O THR A 42 ? O THR A 40 N LYS A 32 ? N LYS A 30 
A 3 4 O ILE A 28 ? O ILE A 26 N ALA A 6  ? N ALA A 4  
A 4 5 N VAL A 7  ? N VAL A 5  O GLU A 58 ? O GLU A 56 
# 
loop_
_struct_site.id 
_struct_site.pdbx_evidence_code 
_struct_site.pdbx_auth_asym_id 
_struct_site.pdbx_auth_comp_id 
_struct_site.pdbx_auth_seq_id 
_struct_site.pdbx_auth_ins_code 
_struct_site.pdbx_num_residues 
_struct_site.details 
AC1 Software A CL 111 ? 4 'BINDING SITE FOR RESIDUE CL A 111' 
AC2 Software A CL 112 ? 1 'BINDING SITE FOR RESIDUE CL A 112' 
AC3 Software A CL 113 ? 1 'BINDING SITE FOR RESIDUE CL A 113' 
# 
loop_
_struct_site_gen.id 
_struct_site_gen.site_id 
_struct_site_gen.pdbx_num_res 
_struct_site_gen.label_comp_id 
_struct_site_gen.label_asym_id 
_struct_site_gen.label_seq_id 
_struct_site_gen.pdbx_auth_ins_code 
_struct_site_gen.auth_comp_id 
_struct_site_gen.auth_asym_id 
_struct_site_gen.auth_seq_id 
_struct_site_gen.label_atom_id 
_struct_site_gen.label_alt_id 
_struct_site_gen.symmetry 
_struct_site_gen.details 
1 AC1 4 LYS A 24 ? LYS A 22  . ? 3_664 ? 
2 AC1 4 ARG A 48 ? ARG A 46  . ? 1_555 ? 
3 AC1 4 GLU A 49 ? GLU A 47  . ? 1_555 ? 
4 AC1 4 HOH E .  ? HOH A 129 . ? 1_555 ? 
5 AC2 1 ALA A 13 ? ALA A 11  . ? 1_555 ? 
6 AC3 1 GLN A 37 ? GLN A 35  . ? 1_555 ? 
# 
_atom_sites.entry_id                    1OOT 
_atom_sites.fract_transf_matrix[1][1]   0.02659593 
_atom_sites.fract_transf_matrix[1][2]   -0.01122587 
_atom_sites.fract_transf_matrix[1][3]   -0.00170318 
_atom_sites.fract_transf_matrix[2][1]   0.01312828 
_atom_sites.fract_transf_matrix[2][2]   -0.00224921 
_atom_sites.fract_transf_matrix[2][3]   -0.02566788 
_atom_sites.fract_transf_matrix[3][1]   0.00564958 
_atom_sites.fract_transf_matrix[3][2]   0.01312083 
_atom_sites.fract_transf_matrix[3][3]   0.00173983 
_atom_sites.fract_transf_vector[1]      0.783784 
_atom_sites.fract_transf_vector[2]      0.330041 
_atom_sites.fract_transf_vector[3]      0.035087 
# 
loop_
_atom_type.symbol 
C  
CL 
N  
O  
# 
loop_
_atom_site.group_PDB 
_atom_site.id 
_atom_site.type_symbol 
_atom_site.label_atom_id 
_atom_site.label_alt_id 
_atom_site.label_comp_id 
_atom_site.label_asym_id 
_atom_site.label_entity_id 
_atom_site.label_seq_id 
_atom_site.pdbx_PDB_ins_code 
_atom_site.Cartn_x 
_atom_site.Cartn_y 
_atom_site.Cartn_z 
_atom_site.occupancy 
_atom_site.B_iso_or_equiv 
_atom_site.pdbx_formal_charge 
_atom_site.auth_seq_id 
_atom_site.auth_comp_id 
_atom_site.auth_asym_id 
_atom_site.auth_atom_id 
_atom_site.pdbx_PDB_model_num 
ATOM   1   N  N   . SER A 1 3  ? -4.122  -10.178 9.296   1.00 37.04 ? 1   SER A N   1 
ATOM   2   C  CA  . SER A 1 3  ? -3.434  -9.495  8.182   1.00 32.50 ? 1   SER A CA  1 
ATOM   3   C  C   . SER A 1 3  ? -3.084  -8.094  8.743   1.00 26.22 ? 1   SER A C   1 
ATOM   4   O  O   . SER A 1 3  ? -3.884  -7.462  9.451   1.00 28.04 ? 1   SER A O   1 
ATOM   5   C  CB  . SER A 1 3  ? -4.334  -9.507  6.897   1.00 36.94 ? 1   SER A CB  1 
ATOM   6   O  OG  . SER A 1 3  ? -4.130  -8.407  6.009   1.00 35.86 ? 1   SER A OG  1 
ATOM   7   N  N   . PRO A 1 4  ? -1.896  -7.606  8.461   1.00 20.16 ? 2   PRO A N   1 
ATOM   8   C  CA  . PRO A 1 4  ? -1.507  -6.270  8.874   1.00 17.62 ? 2   PRO A CA  1 
ATOM   9   C  C   . PRO A 1 4  ? -2.284  -5.223  8.093   1.00 14.55 ? 2   PRO A C   1 
ATOM   10  O  O   . PRO A 1 4  ? -2.770  -5.492  6.989   1.00 16.21 ? 2   PRO A O   1 
ATOM   11  C  CB  . PRO A 1 4  ? -0.005  -6.213  8.537   1.00 22.13 ? 2   PRO A CB  1 
ATOM   12  C  CG  . PRO A 1 4  ? 0.332   -7.465  7.863   1.00 22.71 ? 2   PRO A CG  1 
ATOM   13  C  CD  . PRO A 1 4  ? -0.840  -8.283  7.692   1.00 23.00 ? 2   PRO A CD  1 
ATOM   14  N  N   A LYS A 1 5  ? -2.556  -4.074  8.739   0.50 12.52 ? 3   LYS A N   1 
ATOM   15  N  N   B LYS A 1 5  ? -2.276  -4.026  8.604   0.50 16.86 ? 3   LYS A N   1 
ATOM   16  C  CA  A LYS A 1 5  ? -3.126  -2.852  8.102   0.50 8.78  ? 3   LYS A CA  1 
ATOM   17  C  CA  B LYS A 1 5  ? -2.824  -2.944  7.846   0.50 17.28 ? 3   LYS A CA  1 
ATOM   18  C  C   A LYS A 1 5  ? -2.062  -1.738  8.193   0.50 10.74 ? 3   LYS A C   1 
ATOM   19  C  C   B LYS A 1 5  ? -2.068  -1.693  8.205   0.50 14.24 ? 3   LYS A C   1 
ATOM   20  O  O   A LYS A 1 5  ? -1.159  -1.803  9.054   0.50 11.04 ? 3   LYS A O   1 
ATOM   21  O  O   B LYS A 1 5  ? -1.401  -1.594  9.240   0.50 15.00 ? 3   LYS A O   1 
ATOM   22  C  CB  A LYS A 1 5  ? -4.405  -2.363  8.793   0.50 9.36  ? 3   LYS A CB  1 
ATOM   23  C  CB  B LYS A 1 5  ? -4.308  -2.811  8.069   0.50 19.34 ? 3   LYS A CB  1 
ATOM   24  C  CG  A LYS A 1 5  ? -5.677  -3.056  8.294   0.50 12.29 ? 3   LYS A CG  1 
ATOM   25  C  CG  B LYS A 1 5  ? -4.714  -2.697  9.490   0.50 21.85 ? 3   LYS A CG  1 
ATOM   26  C  CD  A LYS A 1 5  ? -5.763  -4.532  8.564   0.50 14.39 ? 3   LYS A CD  1 
ATOM   27  C  CD  B LYS A 1 5  ? -4.711  -4.007  10.251  0.50 22.01 ? 3   LYS A CD  1 
ATOM   28  C  CE  A LYS A 1 5  ? -5.776  -4.866  10.076  0.50 15.28 ? 3   LYS A CE  1 
ATOM   29  C  CE  B LYS A 1 5  ? -5.421  -3.824  11.587  0.50 25.01 ? 3   LYS A CE  1 
ATOM   30  N  NZ  A LYS A 1 5  ? -6.118  -6.309  10.358  0.50 17.23 ? 3   LYS A NZ  1 
ATOM   31  N  NZ  B LYS A 1 5  ? -5.406  -4.969  12.570  0.50 24.25 ? 3   LYS A NZ  1 
ATOM   32  N  N   . ALA A 1 6  ? -2.137  -0.762  7.284   1.00 11.91 ? 4   ALA A N   1 
ATOM   33  C  CA  . ALA A 1 6  ? -1.266  0.381   7.310   1.00 11.98 ? 4   ALA A CA  1 
ATOM   34  C  C   . ALA A 1 6  ? -1.990  1.601   6.834   1.00 13.05 ? 4   ALA A C   1 
ATOM   35  O  O   . ALA A 1 6  ? -2.857  1.505   5.982   1.00 14.70 ? 4   ALA A O   1 
ATOM   36  C  CB  . ALA A 1 6  ? -0.024  0.120   6.433   1.00 13.52 ? 4   ALA A CB  1 
ATOM   37  N  N   A VAL A 1 7  ? -1.659  2.749   7.419   0.50 12.69 ? 5   VAL A N   1 
ATOM   38  N  N   B VAL A 1 7  ? -1.635  2.750   7.375   0.50 11.55 ? 5   VAL A N   1 
ATOM   39  C  CA  A VAL A 1 7  ? -2.219  4.046   7.028   0.50 13.83 ? 5   VAL A CA  1 
ATOM   40  C  CA  B VAL A 1 7  ? -2.247  3.988   6.929   0.50 11.94 ? 5   VAL A CA  1 
ATOM   41  C  C   A VAL A 1 7  ? -1.295  4.698   5.998   0.50 12.85 ? 5   VAL A C   1 
ATOM   42  C  C   B VAL A 1 7  ? -1.306  4.756   6.024   0.50 11.85 ? 5   VAL A C   1 
ATOM   43  O  O   A VAL A 1 7  ? -0.084  4.710   6.189   0.50 13.96 ? 5   VAL A O   1 
ATOM   44  O  O   B VAL A 1 7  ? -0.122  4.919   6.326   0.50 11.79 ? 5   VAL A O   1 
ATOM   45  C  CB  A VAL A 1 7  ? -2.363  4.975   8.283   0.50 14.84 ? 5   VAL A CB  1 
ATOM   46  C  CB  B VAL A 1 7  ? -2.722  4.853   8.121   0.50 12.27 ? 5   VAL A CB  1 
ATOM   47  C  CG1 A VAL A 1 7  ? -2.824  6.342   7.901   0.50 14.13 ? 5   VAL A CG1 1 
ATOM   48  C  CG1 B VAL A 1 7  ? -1.540  5.323   9.001   0.50 12.35 ? 5   VAL A CG1 1 
ATOM   49  C  CG2 A VAL A 1 7  ? -3.308  4.374   9.322   0.50 18.00 ? 5   VAL A CG2 1 
ATOM   50  C  CG2 B VAL A 1 7  ? -3.548  5.975   7.618   0.50 12.91 ? 5   VAL A CG2 1 
ATOM   51  N  N   . ALA A 1 8  ? -1.850  5.278   4.935   1.00 11.64 ? 6   ALA A N   1 
ATOM   52  C  CA  . ALA A 1 8  ? -1.052  6.016   3.945   1.00 10.52 ? 6   ALA A CA  1 
ATOM   53  C  C   . ALA A 1 8  ? -0.644  7.384   4.461   1.00 10.66 ? 6   ALA A C   1 
ATOM   54  O  O   . ALA A 1 8  ? -1.500  8.157   4.913   1.00 12.13 ? 6   ALA A O   1 
ATOM   55  C  CB  . ALA A 1 8  ? -1.844  6.187   2.670   1.00 12.22 ? 6   ALA A CB  1 
ATOM   56  N  N   . LEU A 1 9  ? 0.656   7.620   4.485   1.00 11.80 ? 7   LEU A N   1 
ATOM   57  C  CA  . LEU A 1 9  ? 1.240   8.862   4.901   1.00 13.29 ? 7   LEU A CA  1 
ATOM   58  C  C   . LEU A 1 9  ? 1.242   9.878   3.782   1.00 11.50 ? 7   LEU A C   1 
ATOM   59  O  O   . LEU A 1 9  ? 1.221   11.078  4.014   1.00 12.92 ? 7   LEU A O   1 
ATOM   60  C  CB  . LEU A 1 9  ? 2.666   8.628   5.375   1.00 14.07 ? 7   LEU A CB  1 
ATOM   61  C  CG  . LEU A 1 9  ? 2.866   7.704   6.554   1.00 14.38 ? 7   LEU A CG  1 
ATOM   62  C  CD1 . LEU A 1 9  ? 4.363   7.356   6.758   1.00 20.49 ? 7   LEU A CD1 1 
ATOM   63  C  CD2 . LEU A 1 9  ? 2.223   8.248   7.791   1.00 18.32 ? 7   LEU A CD2 1 
ATOM   64  N  N   . TYR A 1 10 ? 1.371   9.390   2.560   1.00 11.25 ? 8   TYR A N   1 
ATOM   65  C  CA  . TYR A 1 10 ? 1.269   10.197  1.327   1.00 11.27 ? 8   TYR A CA  1 
ATOM   66  C  C   . TYR A 1 10 ? 0.405   9.413   0.350   1.00 12.48 ? 8   TYR A C   1 
ATOM   67  O  O   . TYR A 1 10 ? 0.272   8.178   0.435   1.00 12.77 ? 8   TYR A O   1 
ATOM   68  C  CB  . TYR A 1 10 ? 2.686   10.425  0.726   1.00 11.63 ? 8   TYR A CB  1 
ATOM   69  C  CG  . TYR A 1 10 ? 3.505   11.582  1.251   1.00 11.41 ? 8   TYR A CG  1 
ATOM   70  C  CD1 . TYR A 1 10 ? 2.941   12.762  1.661   1.00 11.84 ? 8   TYR A CD1 1 
ATOM   71  C  CD2 . TYR A 1 10 ? 4.885   11.484  1.304   1.00 10.12 ? 8   TYR A CD2 1 
ATOM   72  C  CE1 . TYR A 1 10 ? 3.697   13.815  2.045   1.00 10.74 ? 8   TYR A CE1 1 
ATOM   73  C  CE2 . TYR A 1 10 ? 5.665   12.526  1.681   1.00 12.17 ? 8   TYR A CE2 1 
ATOM   74  C  CZ  . TYR A 1 10 ? 5.079   13.715  2.122   1.00 11.06 ? 8   TYR A CZ  1 
ATOM   75  O  OH  . TYR A 1 10 ? 5.834   14.827  2.469   1.00 11.81 ? 8   TYR A OH  1 
ATOM   76  N  N   . SER A 1 11 ? -0.245  10.177  -0.519  1.00 12.88 ? 9   SER A N   1 
ATOM   77  C  CA  . SER A 1 11 ? -0.971  9.596   -1.644  1.00 13.43 ? 9   SER A CA  1 
ATOM   78  C  C   . SER A 1 11 ? -0.066  8.935   -2.660  1.00 12.84 ? 9   SER A C   1 
ATOM   79  O  O   . SER A 1 11 ? 1.108   9.285   -2.795  1.00 15.73 ? 9   SER A O   1 
ATOM   80  C  CB  . SER A 1 11 ? -1.837  10.622  -2.346  1.00 12.32 ? 9   SER A CB  1 
ATOM   81  O  OG  . SER A 1 11 ? -2.681  11.275  -1.418  1.00 14.64 ? 9   SER A OG  1 
ATOM   82  N  N   . PHE A 1 12 ? -0.597  7.943   -3.352  1.00 11.81 ? 10  PHE A N   1 
ATOM   83  C  CA  . PHE A 1 12 ? 0.160   7.267   -4.412  1.00 12.16 ? 10  PHE A CA  1 
ATOM   84  C  C   . PHE A 1 12 ? -0.789  7.162   -5.595  1.00 13.16 ? 10  PHE A C   1 
ATOM   85  O  O   . PHE A 1 12 ? -1.837  6.524   -5.511  1.00 13.22 ? 10  PHE A O   1 
ATOM   86  C  CB  . PHE A 1 12 ? 0.569   5.897   -3.898  1.00 12.35 ? 10  PHE A CB  1 
ATOM   87  C  CG  . PHE A 1 12 ? 1.244   5.041   -4.935  1.00 12.14 ? 10  PHE A CG  1 
ATOM   88  C  CD1 . PHE A 1 12 ? 2.326   5.504   -5.717  1.00 14.50 ? 10  PHE A CD1 1 
ATOM   89  C  CD2 . PHE A 1 12 ? 0.795   3.773   -5.172  1.00 12.18 ? 10  PHE A CD2 1 
ATOM   90  C  CE1 . PHE A 1 12 ? 2.940   4.673   -6.678  1.00 14.29 ? 10  PHE A CE1 1 
ATOM   91  C  CE2 . PHE A 1 12 ? 1.405   2.958   -6.106  1.00 12.19 ? 10  PHE A CE2 1 
ATOM   92  C  CZ  . PHE A 1 12 ? 2.447   3.400   -6.880  1.00 12.64 ? 10  PHE A CZ  1 
ATOM   93  N  N   . ALA A 1 13 ? -0.396  7.742   -6.731  1.00 15.99 ? 11  ALA A N   1 
ATOM   94  C  CA  . ALA A 1 13 ? -1.279  7.761   -7.891  1.00 18.75 ? 11  ALA A CA  1 
ATOM   95  C  C   . ALA A 1 13 ? -1.389  6.430   -8.540  1.00 18.04 ? 11  ALA A C   1 
ATOM   96  O  O   . ALA A 1 13 ? -2.369  6.156   -9.183  1.00 21.17 ? 11  ALA A O   1 
ATOM   97  C  CB  . ALA A 1 13 ? -0.813  8.797   -8.920  1.00 22.93 ? 11  ALA A CB  1 
ATOM   98  N  N   . GLY A 1 14 ? -0.374  5.584   -8.412  1.00 16.28 ? 12  GLY A N   1 
ATOM   99  C  CA  . GLY A 1 14 ? -0.470  4.227   -8.898  1.00 19.21 ? 12  GLY A CA  1 
ATOM   100 C  C   . GLY A 1 14 ? -0.825  4.205   -10.385 1.00 22.99 ? 12  GLY A C   1 
ATOM   101 O  O   . GLY A 1 14 ? -1.730  3.468   -10.799 1.00 23.93 ? 12  GLY A O   1 
ATOM   102 N  N   . GLU A 1 15 ? -0.054  4.955   -11.161 1.00 27.74 ? 13  GLU A N   1 
ATOM   103 C  CA  . GLU A 1 15 ? -0.324  5.087   -12.609 1.00 31.25 ? 13  GLU A CA  1 
ATOM   104 C  C   . GLU A 1 15 ? 0.014   3.850   -13.479 1.00 30.94 ? 13  GLU A C   1 
ATOM   105 O  O   . GLU A 1 15 ? -0.508  3.735   -14.596 1.00 32.72 ? 13  GLU A O   1 
ATOM   106 C  CB  . GLU A 1 15 ? 0.408   6.320   -13.155 1.00 38.47 ? 13  GLU A CB  1 
ATOM   107 C  CG  . GLU A 1 15 ? -0.147  7.639   -12.598 1.00 43.45 ? 13  GLU A CG  1 
ATOM   108 C  CD  . GLU A 1 15 ? 0.682   8.883   -12.969 1.00 49.70 ? 13  GLU A CD  1 
ATOM   109 O  OE1 . GLU A 1 15 ? 1.790   8.755   -13.583 1.00 50.38 ? 13  GLU A OE1 1 
ATOM   110 O  OE2 . GLU A 1 15 ? 0.223   10.011  -12.611 1.00 52.99 ? 13  GLU A OE2 1 
ATOM   111 N  N   . GLU A 1 16 ? 0.898   2.963   -12.996 1.00 25.28 ? 14  GLU A N   1 
ATOM   112 C  CA  . GLU A 1 16 ? 1.328   1.782   -13.739 1.00 24.20 ? 14  GLU A CA  1 
ATOM   113 C  C   . GLU A 1 16 ? 0.432   0.574   -13.525 1.00 24.62 ? 14  GLU A C   1 
ATOM   114 O  O   . GLU A 1 16 ? -0.142  0.387   -12.466 1.00 22.73 ? 14  GLU A O   1 
ATOM   115 C  CB  . GLU A 1 16 ? 2.755   1.417   -13.363 1.00 29.19 ? 14  GLU A CB  1 
ATOM   116 C  CG  . GLU A 1 16 ? 3.789   2.529   -13.544 1.00 36.34 ? 14  GLU A CG  1 
ATOM   117 C  CD  . GLU A 1 16 ? 4.066   2.865   -15.000 1.00 43.21 ? 14  GLU A CD  1 
ATOM   118 O  OE1 . GLU A 1 16 ? 3.944   1.972   -15.866 1.00 45.17 ? 14  GLU A OE1 1 
ATOM   119 O  OE2 . GLU A 1 16 ? 4.419   4.045   -15.292 1.00 49.05 ? 14  GLU A OE2 1 
ATOM   120 N  N   A SER A 1 17 ? 0.240   -0.253  -14.541 0.50 24.08 ? 15  SER A N   1 
ATOM   121 N  N   B SER A 1 17 ? 0.425   -0.313  -14.505 0.50 24.31 ? 15  SER A N   1 
ATOM   122 C  CA  A SER A 1 17 ? -0.601  -1.434  -14.370 0.50 24.29 ? 15  SER A CA  1 
ATOM   123 C  CA  B SER A 1 17 ? -0.318  -1.550  -14.406 0.50 24.73 ? 15  SER A CA  1 
ATOM   124 C  C   A SER A 1 17 ? 0.055   -2.341  -13.282 0.50 23.68 ? 15  SER A C   1 
ATOM   125 C  C   B SER A 1 17 ? 0.165   -2.315  -13.164 0.50 23.24 ? 15  SER A C   1 
ATOM   126 O  O   A SER A 1 17 ? 1.267   -2.535  -13.239 0.50 26.45 ? 15  SER A O   1 
ATOM   127 O  O   B SER A 1 17 ? 1.387   -2.383  -12.886 0.50 22.23 ? 15  SER A O   1 
ATOM   128 C  CB  A SER A 1 17 ? -0.870  -2.164  -15.705 0.50 26.04 ? 15  SER A CB  1 
ATOM   129 C  CB  B SER A 1 17 ? -0.141  -2.400  -15.671 0.50 25.94 ? 15  SER A CB  1 
ATOM   130 O  OG  A SER A 1 17 ? -0.905  -3.582  -15.565 0.50 27.30 ? 15  SER A OG  1 
ATOM   131 O  OG  B SER A 1 17 ? 1.160   -2.941  -15.762 0.50 29.34 ? 15  SER A OG  1 
ATOM   132 N  N   . GLY A 1 18 ? -0.789  -2.810  -12.379 1.00 21.51 ? 16  GLY A N   1 
ATOM   133 C  CA  . GLY A 1 18 ? -0.432  -3.555  -11.197 1.00 18.70 ? 16  GLY A CA  1 
ATOM   134 C  C   . GLY A 1 18 ? -0.294  -2.732  -9.920  1.00 13.60 ? 16  GLY A C   1 
ATOM   135 O  O   . GLY A 1 18 ? -0.281  -3.309  -8.843  1.00 15.81 ? 16  GLY A O   1 
ATOM   136 N  N   . ASP A 1 19 ? -0.182  -1.422  -10.020 1.00 15.16 ? 17  ASP A N   1 
ATOM   137 C  CA  . ASP A 1 19 ? -0.078  -0.555  -8.873  1.00 13.21 ? 17  ASP A CA  1 
ATOM   138 C  C   . ASP A 1 19 ? -1.423  -0.444  -8.155  1.00 13.87 ? 17  ASP A C   1 
ATOM   139 O  O   . ASP A 1 19 ? -2.505  -0.410  -8.766  1.00 15.57 ? 17  ASP A O   1 
ATOM   140 C  CB  . ASP A 1 19 ? 0.296   0.881   -9.195  1.00 16.32 ? 17  ASP A CB  1 
ATOM   141 C  CG  . ASP A 1 19 ? 1.697   1.075   -9.774  1.00 19.16 ? 17  ASP A CG  1 
ATOM   142 O  OD1 . ASP A 1 19 ? 2.555   0.177   -9.738  1.00 17.92 ? 17  ASP A OD1 1 
ATOM   143 O  OD2 . ASP A 1 19 ? 1.966   2.242   -10.252 1.00 21.57 ? 17  ASP A OD2 1 
ATOM   144 N  N   . LEU A 1 20 ? -1.341  -0.267  -6.854  1.00 13.42 ? 18  LEU A N   1 
ATOM   145 C  CA  . LEU A 1 20 ? -2.504  0.029   -6.025  1.00 11.63 ? 18  LEU A CA  1 
ATOM   146 C  C   . LEU A 1 20 ? -2.499  1.533   -5.712  1.00 10.97 ? 18  LEU A C   1 
ATOM   147 O  O   . LEU A 1 20 ? -1.686  1.973   -4.917  1.00 13.27 ? 18  LEU A O   1 
ATOM   148 C  CB  . LEU A 1 20 ? -2.390  -0.698  -4.710  1.00 10.44 ? 18  LEU A CB  1 
ATOM   149 C  CG  . LEU A 1 20 ? -3.513  -0.368  -3.753  1.00 10.85 ? 18  LEU A CG  1 
ATOM   150 C  CD1 . LEU A 1 20 ? -4.822  -0.893  -4.277  1.00 12.95 ? 18  LEU A CD1 1 
ATOM   151 C  CD2 . LEU A 1 20 ? -3.216  -0.871  -2.318  1.00 12.00 ? 18  LEU A CD2 1 
ATOM   152 N  N   . PRO A 1 21 ? -3.384  2.342   -6.321  1.00 12.22 ? 19  PRO A N   1 
ATOM   153 C  CA  . PRO A 1 21 ? -3.492  3.751   -5.947  1.00 12.82 ? 19  PRO A CA  1 
ATOM   154 C  C   . PRO A 1 21 ? -4.187  3.910   -4.578  1.00 12.45 ? 19  PRO A C   1 
ATOM   155 O  O   . PRO A 1 21 ? -4.967  3.042   -4.166  1.00 14.14 ? 19  PRO A O   1 
ATOM   156 C  CB  . PRO A 1 21 ? -4.391  4.360   -7.033  1.00 16.15 ? 19  PRO A CB  1 
ATOM   157 C  CG  . PRO A 1 21 ? -5.100  3.237   -7.635  1.00 18.61 ? 19  PRO A CG  1 
ATOM   158 C  CD  . PRO A 1 21 ? -4.404  1.960   -7.316  1.00 15.69 ? 19  PRO A CD  1 
ATOM   159 N  N   . PHE A 1 22 ? -3.841  4.989   -3.882  1.00 9.65  ? 20  PHE A N   1 
ATOM   160 C  CA  . PHE A 1 22 ? -4.525  5.354   -2.671  1.00 10.58 ? 20  PHE A CA  1 
ATOM   161 C  C   . PHE A 1 22 ? -4.255  6.820   -2.337  1.00 10.44 ? 20  PHE A C   1 
ATOM   162 O  O   . PHE A 1 22 ? -3.359  7.465   -2.860  1.00 12.36 ? 20  PHE A O   1 
ATOM   163 C  CB  . PHE A 1 22 ? -4.113  4.410   -1.507  1.00 11.02 ? 20  PHE A CB  1 
ATOM   164 C  CG  . PHE A 1 22 ? -2.664  4.251   -1.278  1.00 10.19 ? 20  PHE A CG  1 
ATOM   165 C  CD1 . PHE A 1 22 ? -1.921  5.237   -0.720  1.00 11.26 ? 20  PHE A CD1 1 
ATOM   166 C  CD2 . PHE A 1 22 ? -2.020  3.113   -1.737  1.00 11.68 ? 20  PHE A CD2 1 
ATOM   167 C  CE1 . PHE A 1 22 ? -0.562  5.068   -0.491  1.00 12.38 ? 20  PHE A CE1 1 
ATOM   168 C  CE2 . PHE A 1 22 ? -0.672  2.918   -1.446  1.00 12.18 ? 20  PHE A CE2 1 
ATOM   169 C  CZ  . PHE A 1 22 ? 0.047   3.927   -0.865  1.00 11.12 ? 20  PHE A CZ  1 
ATOM   170 N  N   . ARG A 1 23 ? -5.042  7.331   -1.389  1.00 11.76 ? 21  ARG A N   1 
ATOM   171 C  CA  . ARG A 1 23 ? -4.886  8.686   -0.940  1.00 13.22 ? 21  ARG A CA  1 
ATOM   172 C  C   . ARG A 1 23 ? -4.358  8.690   0.461   1.00 12.34 ? 21  ARG A C   1 
ATOM   173 O  O   . ARG A 1 23 ? -4.619  7.769   1.245   1.00 13.30 ? 21  ARG A O   1 
ATOM   174 C  CB  . ARG A 1 23 ? -6.232  9.417   -0.979  1.00 18.81 ? 21  ARG A CB  1 
ATOM   175 C  CG  . ARG A 1 23 ? -6.734  9.618   -2.382  1.00 26.66 ? 21  ARG A CG  1 
ATOM   176 C  CD  . ARG A 1 23 ? -5.843  10.561  -3.286  1.00 35.83 ? 21  ARG A CD  1 
ATOM   177 N  NE  . ARG A 1 23 ? -5.750  11.902  -2.676  1.00 42.76 ? 21  ARG A NE  1 
ATOM   178 C  CZ  . ARG A 1 23 ? -5.156  12.956  -3.218  1.00 48.36 ? 21  ARG A CZ  1 
ATOM   179 N  NH1 . ARG A 1 23 ? -4.534  12.856  -4.400  1.00 51.97 ? 21  ARG A NH1 1 
ATOM   180 N  NH2 . ARG A 1 23 ? -5.171  14.122  -2.561  1.00 51.12 ? 21  ARG A NH2 1 
ATOM   181 N  N   . LYS A 1 24 ? -3.654  9.754   0.789   1.00 12.75 ? 22  LYS A N   1 
ATOM   182 C  CA  . LYS A 1 24 ? -3.191  9.987   2.127   1.00 13.25 ? 22  LYS A CA  1 
ATOM   183 C  C   . LYS A 1 24 ? -4.346  9.787   3.084   1.00 13.26 ? 22  LYS A C   1 
ATOM   184 O  O   . LYS A 1 24 ? -5.418  10.320  2.902   1.00 14.96 ? 22  LYS A O   1 
ATOM   185 C  CB  . LYS A 1 24 ? -2.638  11.413  2.255   1.00 13.03 ? 22  LYS A CB  1 
ATOM   186 C  CG  . LYS A 1 24 ? -2.238  11.824  3.656   1.00 14.56 ? 22  LYS A CG  1 
ATOM   187 C  CD  . LYS A 1 24 ? -1.570  13.216  3.671   1.00 17.43 ? 22  LYS A CD  1 
ATOM   188 C  CE  . LYS A 1 24 ? -1.447  13.627  5.147   1.00 22.78 ? 22  LYS A CE  1 
ATOM   189 N  NZ  . LYS A 1 24 ? -1.127  15.023  5.403   1.00 30.75 ? 22  LYS A NZ  1 
ATOM   190 N  N   . GLY A 1 25 ? -4.067  9.029   4.129   1.00 12.66 ? 23  GLY A N   1 
ATOM   191 C  CA  . GLY A 1 25 ? -5.052  8.718   5.156   1.00 13.79 ? 23  GLY A CA  1 
ATOM   192 C  C   . GLY A 1 25 ? -5.799  7.414   4.965   1.00 13.30 ? 23  GLY A C   1 
ATOM   193 O  O   . GLY A 1 25 ? -6.425  6.897   5.917   1.00 15.50 ? 23  GLY A O   1 
ATOM   194 N  N   . ASP A 1 26 ? -5.747  6.841   3.762   1.00 11.42 ? 24  ASP A N   1 
ATOM   195 C  CA  . ASP A 1 26 ? -6.398  5.577   3.524   1.00 12.03 ? 24  ASP A CA  1 
ATOM   196 C  C   . ASP A 1 26 ? -5.743  4.481   4.347   1.00 12.90 ? 24  ASP A C   1 
ATOM   197 O  O   . ASP A 1 26 ? -4.512  4.409   4.431   1.00 14.03 ? 24  ASP A O   1 
ATOM   198 C  CB  . ASP A 1 26 ? -6.316  5.169   2.042   1.00 10.97 ? 24  ASP A CB  1 
ATOM   199 C  CG  . ASP A 1 26 ? -7.262  5.931   1.132   1.00 12.64 ? 24  ASP A CG  1 
ATOM   200 O  OD1 . ASP A 1 26 ? -8.180  6.670   1.605   1.00 16.26 ? 24  ASP A OD1 1 
ATOM   201 O  OD2 . ASP A 1 26 ? -7.187  5.824   -0.153  1.00 15.31 ? 24  ASP A OD2 1 
ATOM   202 N  N   . VAL A 1 27 ? -6.545  3.528   4.801   1.00 11.18 ? 25  VAL A N   1 
ATOM   203 C  CA  . VAL A 1 27 ? -6.034  2.375   5.504   1.00 10.90 ? 25  VAL A CA  1 
ATOM   204 C  C   . VAL A 1 27 ? -6.052  1.205   4.509   1.00 12.10 ? 25  VAL A C   1 
ATOM   205 O  O   . VAL A 1 27 ? -7.092  0.793   3.943   1.00 11.94 ? 25  VAL A O   1 
ATOM   206 C  CB  . VAL A 1 27 ? -6.857  2.048   6.737   1.00 13.72 ? 25  VAL A CB  1 
ATOM   207 C  CG1 . VAL A 1 27 ? -6.333  0.751   7.361   1.00 14.26 ? 25  VAL A CG1 1 
ATOM   208 C  CG2 . VAL A 1 27 ? -6.782  3.203   7.718   1.00 15.09 ? 25  VAL A CG2 1 
ATOM   209 N  N   A ILE A 1 28 ? -4.857  0.725   4.220   0.50 11.79 ? 26  ILE A N   1 
ATOM   210 N  N   B ILE A 1 28 ? -4.872  0.642   4.365   0.50 11.98 ? 26  ILE A N   1 
ATOM   211 C  CA  A ILE A 1 28 ? -4.631  -0.365  3.272   0.50 11.05 ? 26  ILE A CA  1 
ATOM   212 C  CA  B ILE A 1 28 ? -4.527  -0.333  3.349   0.50 12.45 ? 26  ILE A CA  1 
ATOM   213 C  C   A ILE A 1 28 ? -4.520  -1.678  4.016   0.50 9.41  ? 26  ILE A C   1 
ATOM   214 C  C   B ILE A 1 28 ? -4.471  -1.706  4.023   0.50 10.75 ? 26  ILE A C   1 
ATOM   215 O  O   A ILE A 1 28 ? -3.872  -1.758  5.052   0.50 11.11 ? 26  ILE A O   1 
ATOM   216 O  O   B ILE A 1 28 ? -3.801  -1.858  5.038   0.50 12.49 ? 26  ILE A O   1 
ATOM   217 C  CB  A ILE A 1 28 ? -3.328  -0.144  2.475   0.50 9.26  ? 26  ILE A CB  1 
ATOM   218 C  CB  B ILE A 1 28 ? -3.107  0.017   2.775   0.50 12.85 ? 26  ILE A CB  1 
ATOM   219 C  CG1 A ILE A 1 28 ? -3.464  1.115   1.625   0.50 10.20 ? 26  ILE A CG1 1 
ATOM   220 C  CG1 B ILE A 1 28 ? -3.014  1.479   2.302   0.50 14.54 ? 26  ILE A CG1 1 
ATOM   221 C  CG2 A ILE A 1 28 ? -3.001  -1.383  1.602   0.50 8.71  ? 26  ILE A CG2 1 
ATOM   222 C  CG2 B ILE A 1 28 ? -2.694  -0.954  1.685   0.50 13.05 ? 26  ILE A CG2 1 
ATOM   223 C  CD1 A ILE A 1 28 ? -2.284  2.006   1.628   0.50 13.81 ? 26  ILE A CD1 1 
ATOM   224 C  CD1 B ILE A 1 28 ? -4.056  1.940   1.464   0.50 16.94 ? 26  ILE A CD1 1 
ATOM   225 N  N   . THR A 1 29 ? -5.184  -2.713  3.511   1.00 10.67 ? 27  THR A N   1 
ATOM   226 C  CA  . THR A 1 29 ? -5.045  -4.076  4.014   1.00 11.02 ? 27  THR A CA  1 
ATOM   227 C  C   . THR A 1 29 ? -3.831  -4.678  3.298   1.00 12.01 ? 27  THR A C   1 
ATOM   228 O  O   . THR A 1 29 ? -3.780  -4.698  2.061   1.00 12.50 ? 27  THR A O   1 
ATOM   229 C  CB  . THR A 1 29 ? -6.291  -4.880  3.653   1.00 11.19 ? 27  THR A CB  1 
ATOM   230 O  OG1 . THR A 1 29 ? -7.418  -4.271  4.285   1.00 13.61 ? 27  THR A OG1 1 
ATOM   231 C  CG2 . THR A 1 29 ? -6.160  -6.310  4.134   1.00 13.96 ? 27  THR A CG2 1 
ATOM   232 N  N   A ILE A 1 30 ? -2.862  -5.146  4.077   0.50 12.29 ? 28  ILE A N   1 
ATOM   233 N  N   B ILE A 1 30 ? -2.873  -5.184  4.055   0.50 12.60 ? 28  ILE A N   1 
ATOM   234 C  CA  A ILE A 1 30 ? -1.615  -5.701  3.558   0.50 11.82 ? 28  ILE A CA  1 
ATOM   235 C  CA  B ILE A 1 30 ? -1.624  -5.656  3.477   0.50 12.77 ? 28  ILE A CA  1 
ATOM   236 C  C   A ILE A 1 30 ? -1.859  -7.183  3.258   0.50 12.56 ? 28  ILE A C   1 
ATOM   237 C  C   B ILE A 1 30 ? -1.700  -7.166  3.292   0.50 13.62 ? 28  ILE A C   1 
ATOM   238 O  O   A ILE A 1 30 ? -2.342  -7.962  4.093   0.50 14.67 ? 28  ILE A O   1 
ATOM   239 O  O   B ILE A 1 30 ? -1.854  -7.938  4.255   0.50 16.38 ? 28  ILE A O   1 
ATOM   240 C  CB  A ILE A 1 30 ? -0.485  -5.538  4.577   0.50 10.95 ? 28  ILE A CB  1 
ATOM   241 C  CB  B ILE A 1 30 ? -0.448  -5.255  4.335   0.50 12.77 ? 28  ILE A CB  1 
ATOM   242 C  CG1 A ILE A 1 30 ? -0.232  -4.078  4.928   0.50 11.86 ? 28  ILE A CG1 1 
ATOM   243 C  CG1 B ILE A 1 30 ? -0.281  -3.758  4.313   0.50 14.52 ? 28  ILE A CG1 1 
ATOM   244 C  CG2 A ILE A 1 30 ? 0.801   -6.215  4.078   0.50 11.12 ? 28  ILE A CG2 1 
ATOM   245 C  CG2 B ILE A 1 30 ? 0.846   -5.910  3.797   0.50 14.20 ? 28  ILE A CG2 1 
ATOM   246 C  CD1 A ILE A 1 30 ? 0.086   -3.121  3.790   0.50 13.01 ? 28  ILE A CD1 1 
ATOM   247 C  CD1 B ILE A 1 30 ? 0.710   -3.261  5.320   0.50 14.88 ? 28  ILE A CD1 1 
ATOM   248 N  N   . LEU A 1 31 ? -1.565  -7.561  2.030   1.00 13.04 ? 29  LEU A N   1 
ATOM   249 C  CA  . LEU A 1 31 ? -1.665  -8.943  1.593   1.00 14.24 ? 29  LEU A CA  1 
ATOM   250 C  C   . LEU A 1 31 ? -0.315  -9.644  1.497   1.00 14.55 ? 29  LEU A C   1 
ATOM   251 O  O   . LEU A 1 31 ? -0.247  -10.856 1.653   1.00 15.68 ? 29  LEU A O   1 
ATOM   252 C  CB  . LEU A 1 31 ? -2.331  -8.965  0.253   1.00 14.00 ? 29  LEU A CB  1 
ATOM   253 C  CG  . LEU A 1 31 ? -3.725  -8.347  0.161   1.00 15.77 ? 29  LEU A CG  1 
ATOM   254 C  CD1 . LEU A 1 31 ? -4.228  -8.226  -1.244  1.00 17.43 ? 29  LEU A CD1 1 
ATOM   255 C  CD2 . LEU A 1 31 ? -4.741  -9.066  1.090   1.00 17.98 ? 29  LEU A CD2 1 
ATOM   256 N  N   . LYS A 1 32 ? 0.748   -8.874  1.281   1.00 13.41 ? 30  LYS A N   1 
ATOM   257 C  CA  . LYS A 1 32 ? 2.105   -9.425  1.287   1.00 13.36 ? 30  LYS A CA  1 
ATOM   258 C  C   . LYS A 1 32 ? 3.041   -8.330  1.677   1.00 13.01 ? 30  LYS A C   1 
ATOM   259 O  O   . LYS A 1 32 ? 2.978   -7.207  1.128   1.00 14.00 ? 30  LYS A O   1 
ATOM   260 C  CB  . LYS A 1 32 ? 2.435   -9.909  -0.160  1.00 17.77 ? 30  LYS A CB  1 
ATOM   261 C  CG  . LYS A 1 32 ? 3.877   -10.381 -0.397  1.00 23.36 ? 30  LYS A CG  1 
ATOM   262 C  CD  . LYS A 1 32 ? 4.274   -11.569 0.353   1.00 26.98 ? 30  LYS A CD  1 
ATOM   263 C  CE  . LYS A 1 32 ? 5.793   -12.041 0.043   1.00 26.64 ? 30  LYS A CE  1 
ATOM   264 N  NZ  . LYS A 1 32 ? 6.982   -11.013 0.399   1.00 21.26 ? 30  LYS A NZ  1 
ATOM   265 N  N   . LYS A 1 33 ? 3.927   -8.627  2.626   1.00 14.86 ? 31  LYS A N   1 
ATOM   266 C  CA  . LYS A 1 33 ? 4.967   -7.691  2.971   1.00 15.36 ? 31  LYS A CA  1 
ATOM   267 C  C   . LYS A 1 33 ? 6.319   -8.374  2.908   1.00 14.97 ? 31  LYS A C   1 
ATOM   268 O  O   . LYS A 1 33 ? 6.394   -9.602  2.957   1.00 19.37 ? 31  LYS A O   1 
ATOM   269 C  CB  . LYS A 1 33 ? 4.725   -7.007  4.296   1.00 19.71 ? 31  LYS A CB  1 
ATOM   270 C  CG  . LYS A 1 33 ? 4.561   -7.898  5.441   1.00 22.56 ? 31  LYS A CG  1 
ATOM   271 C  CD  . LYS A 1 33 ? 4.342   -7.084  6.732   1.00 26.02 ? 31  LYS A CD  1 
ATOM   272 C  CE  . LYS A 1 33 ? 5.548   -6.241  7.137   1.00 31.84 ? 31  LYS A CE  1 
ATOM   273 N  NZ  . LYS A 1 33 ? 6.848   -7.037  7.402   1.00 36.70 ? 31  LYS A NZ  1 
ATOM   274 N  N   . SER A 1 34 ? 7.361   -7.574  2.823   1.00 14.74 ? 32  SER A N   1 
ATOM   275 C  CA  . SER A 1 34 ? 8.734   -8.058  2.882   1.00 14.67 ? 32  SER A CA  1 
ATOM   276 C  C   . SER A 1 34 ? 9.373   -7.558  4.126   1.00 14.08 ? 32  SER A C   1 
ATOM   277 O  O   . SER A 1 34 ? 8.712   -6.928  4.946   1.00 17.03 ? 32  SER A O   1 
ATOM   278 C  CB  . SER A 1 34 ? 9.471   -7.459  1.719   1.00 13.70 ? 32  SER A CB  1 
ATOM   279 O  OG  . SER A 1 34 ? 9.726   -6.086  1.964   1.00 13.11 ? 32  SER A OG  1 
ATOM   280 N  N   . ASP A 1 35 ? 10.673  -7.851  4.303   1.00 15.51 ? 33  ASP A N   1 
ATOM   281 C  CA  . ASP A 1 35 ? 11.451  -7.426  5.457   1.00 17.32 ? 33  ASP A CA  1 
ATOM   282 C  C   . ASP A 1 35 ? 11.972  -6.003  5.397   1.00 17.86 ? 33  ASP A C   1 
ATOM   283 O  O   . ASP A 1 35 ? 12.628  -5.557  6.325   1.00 21.96 ? 33  ASP A O   1 
ATOM   284 C  CB  . ASP A 1 35 ? 12.617  -8.370  5.732   1.00 19.80 ? 33  ASP A CB  1 
ATOM   285 C  CG  . ASP A 1 35 ? 12.157  -9.769  5.966   1.00 28.52 ? 33  ASP A CG  1 
ATOM   286 O  OD1 . ASP A 1 35 ? 11.093  -9.952  6.603   1.00 29.69 ? 33  ASP A OD1 1 
ATOM   287 O  OD2 . ASP A 1 35 ? 12.759  -10.750 5.501   1.00 35.27 ? 33  ASP A OD2 1 
ATOM   288 N  N   . SER A 1 36 ? 11.603  -5.249  4.363   1.00 14.31 ? 34  SER A N   1 
ATOM   289 C  CA  . SER A 1 36 ? 11.983  -3.846  4.244   1.00 14.38 ? 34  SER A CA  1 
ATOM   290 C  C   . SER A 1 36 ? 10.798  -3.007  3.873   1.00 13.35 ? 34  SER A C   1 
ATOM   291 O  O   . SER A 1 36 ? 10.074  -3.292  2.926   1.00 13.54 ? 34  SER A O   1 
ATOM   292 C  CB  . SER A 1 36 ? 13.003  -3.640  3.165   1.00 14.15 ? 34  SER A CB  1 
ATOM   293 O  OG  . SER A 1 36 ? 13.214  -2.277  2.813   1.00 15.56 ? 34  SER A OG  1 
ATOM   294 N  N   . GLN A 1 37 ? 10.684  -1.889  4.581   1.00 14.67 ? 35  GLN A N   1 
ATOM   295 C  CA  . GLN A 1 37 ? 9.665   -0.918  4.263   1.00 15.60 ? 35  GLN A CA  1 
ATOM   296 C  C   . GLN A 1 37 ? 10.023  0.032   3.117   1.00 14.69 ? 35  GLN A C   1 
ATOM   297 O  O   . GLN A 1 37 ? 9.362   1.001   2.865   1.00 17.30 ? 35  GLN A O   1 
ATOM   298 C  CB  . GLN A 1 37 ? 9.286   -0.150  5.521   1.00 20.73 ? 35  GLN A CB  1 
ATOM   299 C  CG  . GLN A 1 37 ? 7.764   -0.053  5.399   1.00 26.62 ? 35  GLN A CG  1 
ATOM   300 C  CD  . GLN A 1 37 ? 6.990   0.487   6.529   1.00 24.44 ? 35  GLN A CD  1 
ATOM   301 O  OE1 . GLN A 1 37 ? 6.047   1.224   6.282   1.00 28.10 ? 35  GLN A OE1 1 
ATOM   302 N  NE2 . GLN A 1 37 ? 7.290   0.069   7.722   1.00 21.55 ? 35  GLN A NE2 1 
ATOM   303 N  N   . ASN A 1 38 ? 11.072  -0.317  2.353   1.00 11.93 ? 36  ASN A N   1 
ATOM   304 C  CA  . ASN A 1 38 ? 11.445  0.346   1.127   1.00 13.71 ? 36  ASN A CA  1 
ATOM   305 C  C   . ASN A 1 38 ? 11.121  -0.473  -0.088  1.00 13.42 ? 36  ASN A C   1 
ATOM   306 O  O   . ASN A 1 38 ? 11.438  -0.084  -1.206  1.00 16.73 ? 36  ASN A O   1 
ATOM   307 C  CB  . ASN A 1 38 ? 12.917  0.734   1.149   1.00 14.33 ? 36  ASN A CB  1 
ATOM   308 C  CG  . ASN A 1 38 ? 13.184  1.884   2.053   1.00 17.19 ? 36  ASN A CG  1 
ATOM   309 O  OD1 . ASN A 1 38 ? 14.174  1.884   2.819   1.00 19.11 ? 36  ASN A OD1 1 
ATOM   310 N  ND2 . ASN A 1 38 ? 12.346  2.889   1.976   1.00 15.80 ? 36  ASN A ND2 1 
ATOM   311 N  N   . ASP A 1 39 ? 10.489  -1.615  0.102   1.00 11.89 ? 37  ASP A N   1 
ATOM   312 C  CA  . ASP A 1 39 ? 10.134  -2.470  -1.028  1.00 12.06 ? 37  ASP A CA  1 
ATOM   313 C  C   . ASP A 1 39 ? 8.715   -2.169  -1.458  1.00 11.39 ? 37  ASP A C   1 
ATOM   314 O  O   . ASP A 1 39 ? 7.979   -1.413  -0.808  1.00 12.91 ? 37  ASP A O   1 
ATOM   315 C  CB  . ASP A 1 39 ? 10.204  -3.929  -0.568  1.00 12.68 ? 37  ASP A CB  1 
ATOM   316 C  CG  . ASP A 1 39 ? 11.592  -4.403  -0.319  1.00 12.88 ? 37  ASP A CG  1 
ATOM   317 O  OD1 . ASP A 1 39 ? 12.524  -3.779  -0.873  1.00 13.68 ? 37  ASP A OD1 1 
ATOM   318 O  OD2 . ASP A 1 39 ? 11.795  -5.367  0.454   1.00 11.46 ? 37  ASP A OD2 1 
ATOM   319 N  N   A TRP A 1 40 ? 8.279   -2.833  -2.486  0.50 10.60 ? 38  TRP A N   1 
ATOM   320 N  N   B TRP A 1 40 ? 8.285   -2.877  -2.520  0.50 11.46 ? 38  TRP A N   1 
ATOM   321 C  CA  A TRP A 1 40 ? 6.911   -2.675  -2.858  0.50 9.55  ? 38  TRP A CA  1 
ATOM   322 C  CA  B TRP A 1 40 ? 6.889   -2.905  -3.047  0.50 12.01 ? 38  TRP A CA  1 
ATOM   323 C  C   A TRP A 1 40 ? 6.184   -3.830  -2.197  0.50 10.99 ? 38  TRP A C   1 
ATOM   324 C  C   B TRP A 1 40 ? 6.032   -3.930  -2.342  0.50 11.51 ? 38  TRP A C   1 
ATOM   325 O  O   A TRP A 1 40 ? 6.654   -4.958  -2.226  0.50 11.57 ? 38  TRP A O   1 
ATOM   326 O  O   B TRP A 1 40 ? 6.161   -5.119  -2.618  0.50 10.36 ? 38  TRP A O   1 
ATOM   327 C  CB  A TRP A 1 40 ? 6.823   -2.654  -4.372  0.50 10.34 ? 38  TRP A CB  1 
ATOM   328 C  CB  B TRP A 1 40 ? 6.831   -3.338  -4.548  0.50 9.71  ? 38  TRP A CB  1 
ATOM   329 C  CG  A TRP A 1 40 ? 7.297   -1.354  -4.932  0.50 9.75  ? 38  TRP A CG  1 
ATOM   330 C  CG  B TRP A 1 40 ? 7.284   -2.295  -5.548  0.50 13.52 ? 38  TRP A CG  1 
ATOM   331 C  CD1 A TRP A 1 40 ? 8.534   -0.822  -4.807  0.50 13.20 ? 38  TRP A CD1 1 
ATOM   332 C  CD1 B TRP A 1 40 ? 8.553   -2.115  -5.990  0.50 13.69 ? 38  TRP A CD1 1 
ATOM   333 C  CD2 A TRP A 1 40 ? 6.541   -0.430  -5.692  0.50 9.89  ? 38  TRP A CD2 1 
ATOM   334 C  CD2 B TRP A 1 40 ? 6.505   -1.275  -6.150  0.50 13.43 ? 38  TRP A CD2 1 
ATOM   335 N  NE1 A TRP A 1 40 ? 8.598   0.392   -5.443  0.50 14.59 ? 38  TRP A NE1 1 
ATOM   336 N  NE1 B TRP A 1 40 ? 8.619   -1.069  -6.875  0.50 16.62 ? 38  TRP A NE1 1 
ATOM   337 C  CE2 A TRP A 1 40 ? 7.369   0.668   -5.973  0.50 12.32 ? 38  TRP A CE2 1 
ATOM   338 C  CE2 B TRP A 1 40 ? 7.367   -0.526  -6.990  0.50 15.90 ? 38  TRP A CE2 1 
ATOM   339 C  CE3 A TRP A 1 40 ? 5.228   -0.385  -6.124  0.50 9.28  ? 38  TRP A CE3 1 
ATOM   340 C  CE3 B TRP A 1 40 ? 5.153   -0.928  -6.100  0.50 15.51 ? 38  TRP A CE3 1 
ATOM   341 C  CZ2 A TRP A 1 40 ? 6.957   1.741   -6.757  0.50 11.79 ? 38  TRP A CZ2 1 
ATOM   342 C  CZ2 B TRP A 1 40 ? 6.938   0.565   -7.726  0.50 16.10 ? 38  TRP A CZ2 1 
ATOM   343 C  CZ3 A TRP A 1 40 ? 4.816   0.689   -6.867  0.50 10.69 ? 38  TRP A CZ3 1 
ATOM   344 C  CZ3 B TRP A 1 40 ? 4.712   0.125   -6.878  0.50 16.16 ? 38  TRP A CZ3 1 
ATOM   345 C  CH2 A TRP A 1 40 ? 5.674   1.760   -7.149  0.50 9.20  ? 38  TRP A CH2 1 
ATOM   346 C  CH2 B TRP A 1 40 ? 5.599   0.870   -7.669  0.50 17.66 ? 38  TRP A CH2 1 
ATOM   347 N  N   . TRP A 1 41 ? 5.106   -3.496  -1.485  1.00 10.79 ? 39  TRP A N   1 
ATOM   348 C  CA  . TRP A 1 41 ? 4.257   -4.445  -0.817  1.00 11.08 ? 39  TRP A CA  1 
ATOM   349 C  C   . TRP A 1 41 ? 2.963   -4.578  -1.605  1.00 9.97  ? 39  TRP A C   1 
ATOM   350 O  O   . TRP A 1 41 ? 2.718   -3.822  -2.539  1.00 11.24 ? 39  TRP A O   1 
ATOM   351 C  CB  . TRP A 1 41 ? 3.988   -4.002  0.635   1.00 11.52 ? 39  TRP A CB  1 
ATOM   352 C  CG  . TRP A 1 41 ? 5.191   -4.065  1.526   1.00 10.93 ? 39  TRP A CG  1 
ATOM   353 C  CD1 . TRP A 1 41 ? 6.449   -4.513  1.239   1.00 10.54 ? 39  TRP A CD1 1 
ATOM   354 C  CD2 . TRP A 1 41 ? 5.211   -3.697  2.897   1.00 11.44 ? 39  TRP A CD2 1 
ATOM   355 N  NE1 . TRP A 1 41 ? 7.244   -4.423  2.352   1.00 11.64 ? 39  TRP A NE1 1 
ATOM   356 C  CE2 . TRP A 1 41 ? 6.514   -3.906  3.383   1.00 10.35 ? 39  TRP A CE2 1 
ATOM   357 C  CE3 . TRP A 1 41 ? 4.244   -3.154  3.760   1.00 13.81 ? 39  TRP A CE3 1 
ATOM   358 C  CZ2 . TRP A 1 41 ? 6.865   -3.641  4.692   1.00 14.52 ? 39  TRP A CZ2 1 
ATOM   359 C  CZ3 . TRP A 1 41 ? 4.623   -2.837  5.057   1.00 16.10 ? 39  TRP A CZ3 1 
ATOM   360 C  CH2 . TRP A 1 41 ? 5.914   -3.084  5.505   1.00 16.54 ? 39  TRP A CH2 1 
ATOM   361 N  N   . THR A 1 42 ? 2.184   -5.599  -1.258  1.00 11.39 ? 40  THR A N   1 
ATOM   362 C  CA  . THR A 1 42 ? 0.932   -5.901  -1.929  1.00 10.29 ? 40  THR A CA  1 
ATOM   363 C  C   . THR A 1 42 ? -0.213  -5.644  -0.991  1.00 11.15 ? 40  THR A C   1 
ATOM   364 O  O   . THR A 1 42 ? -0.163  -6.031  0.169   1.00 12.01 ? 40  THR A O   1 
ATOM   365 C  CB  . THR A 1 42 ? 0.849   -7.331  -2.392  1.00 12.33 ? 40  THR A CB  1 
ATOM   366 O  OG1 . THR A 1 42 ? 2.042   -7.680  -3.128  1.00 14.56 ? 40  THR A OG1 1 
ATOM   367 C  CG2 . THR A 1 42 ? -0.316  -7.580  -3.345  1.00 16.45 ? 40  THR A CG2 1 
ATOM   368 N  N   . GLY A 1 43 ? -1.234  -4.967  -1.486  1.00 10.72 ? 41  GLY A N   1 
ATOM   369 C  CA  . GLY A 1 43 ? -2.367  -4.609  -0.640  1.00 11.54 ? 41  GLY A CA  1 
ATOM   370 C  C   . GLY A 1 43 ? -3.649  -4.364  -1.395  1.00 12.10 ? 41  GLY A C   1 
ATOM   371 O  O   . GLY A 1 43 ? -3.703  -4.570  -2.595  1.00 12.27 ? 41  GLY A O   1 
ATOM   372 N  N   . ARG A 1 44 ? -4.681  -3.946  -0.649  1.00 11.34 ? 42  ARG A N   1 
ATOM   373 C  CA  . ARG A 1 44 ? -5.931  -3.603  -1.277  1.00 11.53 ? 42  ARG A CA  1 
ATOM   374 C  C   . ARG A 1 44 ? -6.599  -2.507  -0.489  1.00 10.85 ? 42  ARG A C   1 
ATOM   375 O  O   . ARG A 1 44 ? -6.436  -2.411  0.752   1.00 11.97 ? 42  ARG A O   1 
ATOM   376 C  CB  . ARG A 1 44 ? -6.837  -4.811  -1.337  1.00 11.47 ? 42  ARG A CB  1 
ATOM   377 C  CG  . ARG A 1 44 ? -7.210  -5.413  -0.010  1.00 11.38 ? 42  ARG A CG  1 
ATOM   378 C  CD  . ARG A 1 44 ? -8.008  -6.714  -0.168  1.00 12.89 ? 42  ARG A CD  1 
ATOM   379 N  NE  . ARG A 1 44 ? -8.548  -7.126  1.123   1.00 15.75 ? 42  ARG A NE  1 
ATOM   380 C  CZ  . ARG A 1 44 ? -8.731  -8.365  1.536   1.00 15.98 ? 42  ARG A CZ  1 
ATOM   381 N  NH1 . ARG A 1 44 ? -8.416  -9.371  0.769   1.00 19.96 ? 42  ARG A NH1 1 
ATOM   382 N  NH2 . ARG A 1 44 ? -9.255  -8.572  2.757   1.00 18.82 ? 42  ARG A NH2 1 
ATOM   383 N  N   . VAL A 1 45 ? -7.332  -1.674  -1.236  1.00 10.29 ? 43  VAL A N   1 
ATOM   384 C  CA  . VAL A 1 45 ? -8.189  -0.642  -0.659  1.00 10.45 ? 43  VAL A CA  1 
ATOM   385 C  C   . VAL A 1 45 ? -9.040  -0.118  -1.780  1.00 9.74  ? 43  VAL A C   1 
ATOM   386 O  O   . VAL A 1 45 ? -8.655  -0.136  -2.925  1.00 12.63 ? 43  VAL A O   1 
ATOM   387 C  CB  . VAL A 1 45 ? -7.358  0.467   0.045   1.00 12.07 ? 43  VAL A CB  1 
ATOM   388 C  CG1 . VAL A 1 45 ? -6.526  1.307   -0.944  1.00 15.38 ? 43  VAL A CG1 1 
ATOM   389 C  CG2 . VAL A 1 45 ? -8.257  1.403   0.870   1.00 12.02 ? 43  VAL A CG2 1 
ATOM   390 N  N   . ASN A 1 46 ? -10.215 0.348   -1.452  1.00 12.16 ? 44  ASN A N   1 
ATOM   391 C  CA  . ASN A 1 46 ? -11.157 0.983   -2.372  1.00 13.67 ? 44  ASN A CA  1 
ATOM   392 C  C   . ASN A 1 46 ? -11.655 0.079   -3.486  1.00 11.97 ? 44  ASN A C   1 
ATOM   393 O  O   . ASN A 1 46 ? -12.114 0.565   -4.557  1.00 16.12 ? 44  ASN A O   1 
ATOM   394 C  CB  . ASN A 1 46 ? -10.538 2.248   -3.000  1.00 14.54 ? 44  ASN A CB  1 
ATOM   395 C  CG  . ASN A 1 46 ? -10.219 3.333   -1.985  1.00 14.60 ? 44  ASN A CG  1 
ATOM   396 O  OD1 . ASN A 1 46 ? -11.038 3.645   -1.123  1.00 17.30 ? 44  ASN A OD1 1 
ATOM   397 N  ND2 . ASN A 1 46 ? -8.994  3.903   -2.076  1.00 19.17 ? 44  ASN A ND2 1 
ATOM   398 N  N   . GLY A 1 47 ? -11.590 -1.232  -3.244  1.00 11.97 ? 45  GLY A N   1 
ATOM   399 C  CA  . GLY A 1 47 ? -11.979 -2.220  -4.222  1.00 11.79 ? 45  GLY A CA  1 
ATOM   400 C  C   . GLY A 1 47 ? -10.913 -2.551  -5.262  1.00 11.43 ? 45  GLY A C   1 
ATOM   401 O  O   . GLY A 1 47 ? -11.213 -3.272  -6.221  1.00 14.86 ? 45  GLY A O   1 
ATOM   402 N  N   . ARG A 1 48 ? -9.710  -2.053  -5.075  1.00 11.36 ? 46  ARG A N   1 
ATOM   403 C  CA  . ARG A 1 48 ? -8.592  -2.312  -5.967  1.00 12.10 ? 46  ARG A CA  1 
ATOM   404 C  C   . ARG A 1 48 ? -7.552  -3.134  -5.212  1.00 9.92  ? 46  ARG A C   1 
ATOM   405 O  O   . ARG A 1 48 ? -7.470  -3.061  -3.967  1.00 11.65 ? 46  ARG A O   1 
ATOM   406 C  CB  . ARG A 1 48 ? -7.964  -0.991  -6.404  1.00 14.39 ? 46  ARG A CB  1 
ATOM   407 C  CG  . ARG A 1 48 ? -8.868  -0.074  -7.161  1.00 17.41 ? 46  ARG A CG  1 
ATOM   408 C  CD  . ARG A 1 48 ? -8.157  1.129   -7.750  1.00 23.77 ? 46  ARG A CD  1 
ATOM   409 N  NE  . ARG A 1 48 ? -9.137  2.053   -8.345  1.00 28.51 ? 46  ARG A NE  1 
ATOM   410 C  CZ  . ARG A 1 48 ? -9.723  3.062   -7.700  1.00 33.28 ? 46  ARG A CZ  1 
ATOM   411 N  NH1 . ARG A 1 48 ? -9.461  3.336   -6.400  1.00 33.07 ? 46  ARG A NH1 1 
ATOM   412 N  NH2 . ARG A 1 48 ? -10.596 3.804   -8.351  1.00 35.94 ? 46  ARG A NH2 1 
ATOM   413 N  N   . GLU A 1 49 ? -6.721  -3.844  -5.982  1.00 10.72 ? 47  GLU A N   1 
ATOM   414 C  CA  . GLU A 1 49 ? -5.649  -4.634  -5.463  1.00 12.05 ? 47  GLU A CA  1 
ATOM   415 C  C   . GLU A 1 49 ? -4.398  -4.356  -6.253  1.00 12.55 ? 47  GLU A C   1 
ATOM   416 O  O   . GLU A 1 49 ? -4.450  -4.174  -7.453  1.00 15.35 ? 47  GLU A O   1 
ATOM   417 C  CB  . GLU A 1 49 ? -5.951  -6.148  -5.646  1.00 15.44 ? 47  GLU A CB  1 
ATOM   418 C  CG  . GLU A 1 49 ? -7.142  -6.579  -4.929  1.00 17.54 ? 47  GLU A CG  1 
ATOM   419 C  CD  . GLU A 1 49 ? -7.436  -8.066  -5.041  1.00 14.93 ? 47  GLU A CD  1 
ATOM   420 O  OE1 . GLU A 1 49 ? -7.043  -8.757  -6.041  1.00 17.57 ? 47  GLU A OE1 1 
ATOM   421 O  OE2 . GLU A 1 49 ? -8.033  -8.502  -4.077  1.00 17.69 ? 47  GLU A OE2 1 
ATOM   422 N  N   . GLY A 1 50 ? -3.244  -4.373  -5.603  1.00 11.37 ? 48  GLY A N   1 
ATOM   423 C  CA  . GLY A 1 50 ? -2.023  -4.128  -6.332  1.00 12.85 ? 48  GLY A CA  1 
ATOM   424 C  C   . GLY A 1 50 ? -0.847  -3.888  -5.410  1.00 12.88 ? 48  GLY A C   1 
ATOM   425 O  O   . GLY A 1 50 ? -0.915  -4.115  -4.196  1.00 11.98 ? 48  GLY A O   1 
ATOM   426 N  N   . ILE A 1 51 ? 0.234   -3.426  -6.012  1.00 11.88 ? 49  ILE A N   1 
ATOM   427 C  CA  . ILE A 1 51 ? 1.464   -3.182  -5.285  1.00 11.78 ? 49  ILE A CA  1 
ATOM   428 C  C   . ILE A 1 51 ? 1.723   -1.694  -5.122  1.00 11.41 ? 49  ILE A C   1 
ATOM   429 O  O   . ILE A 1 51 ? 1.216   -0.839  -5.877  1.00 11.89 ? 49  ILE A O   1 
ATOM   430 C  CB  . ILE A 1 51 ? 2.657   -3.878  -5.928  1.00 13.53 ? 49  ILE A CB  1 
ATOM   431 C  CG1 . ILE A 1 51 ? 2.872   -3.431  -7.367  1.00 15.39 ? 49  ILE A CG1 1 
ATOM   432 C  CG2 . ILE A 1 51 ? 2.452   -5.380  -5.851  1.00 14.56 ? 49  ILE A CG2 1 
ATOM   433 C  CD1 . ILE A 1 51 ? 4.237   -3.923  -7.970  1.00 18.99 ? 49  ILE A CD1 1 
ATOM   434 N  N   . PHE A 1 52 ? 2.454   -1.360  -4.099  1.00 10.47 ? 50  PHE A N   1 
ATOM   435 C  CA  . PHE A 1 52 ? 2.717   0.037   -3.769  1.00 10.58 ? 50  PHE A CA  1 
ATOM   436 C  C   . PHE A 1 52 ? 4.045   0.162   -3.011  1.00 9.20  ? 50  PHE A C   1 
ATOM   437 O  O   . PHE A 1 52 ? 4.464   -0.798  -2.346  1.00 10.28 ? 50  PHE A O   1 
ATOM   438 C  CB  . PHE A 1 52 ? 1.578   0.604   -2.954  1.00 11.63 ? 50  PHE A CB  1 
ATOM   439 C  CG  . PHE A 1 52 ? 1.404   -0.081  -1.601  1.00 11.10 ? 50  PHE A CG  1 
ATOM   440 C  CD1 . PHE A 1 52 ? 2.020   0.424   -0.500  1.00 10.74 ? 50  PHE A CD1 1 
ATOM   441 C  CD2 . PHE A 1 52 ? 0.692   -1.269  -1.473  1.00 11.73 ? 50  PHE A CD2 1 
ATOM   442 C  CE1 . PHE A 1 52 ? 1.926   -0.218  0.721   1.00 10.87 ? 50  PHE A CE1 1 
ATOM   443 C  CE2 . PHE A 1 52 ? 0.588   -1.939  -0.285  1.00 12.28 ? 50  PHE A CE2 1 
ATOM   444 C  CZ  . PHE A 1 52 ? 1.196   -1.386  0.831   1.00 11.96 ? 50  PHE A CZ  1 
ATOM   445 N  N   A PRO A 1 53 ? 4.618   1.364   -2.982  0.50 10.79 ? 51  PRO A N   1 
ATOM   446 N  N   B PRO A 1 53 ? 4.686   1.327   -3.044  0.50 12.30 ? 51  PRO A N   1 
ATOM   447 C  CA  A PRO A 1 53 ? 5.860   1.577   -2.216  0.50 10.56 ? 51  PRO A CA  1 
ATOM   448 C  CA  B PRO A 1 53 ? 5.917   1.493   -2.249  0.50 11.58 ? 51  PRO A CA  1 
ATOM   449 C  C   A PRO A 1 53 ? 5.568   1.588   -0.712  0.50 10.35 ? 51  PRO A C   1 
ATOM   450 C  C   B PRO A 1 53 ? 5.592   1.574   -0.750  0.50 11.44 ? 51  PRO A C   1 
ATOM   451 O  O   A PRO A 1 53 ? 4.779   2.407   -0.205  0.50 12.90 ? 51  PRO A O   1 
ATOM   452 O  O   B PRO A 1 53 ? 4.811   2.421   -0.291  0.50 14.02 ? 51  PRO A O   1 
ATOM   453 C  CB  A PRO A 1 53 ? 6.326   2.965   -2.666  0.50 11.91 ? 51  PRO A CB  1 
ATOM   454 C  CB  B PRO A 1 53 ? 6.496   2.816   -2.760  0.50 14.48 ? 51  PRO A CB  1 
ATOM   455 C  CG  A PRO A 1 53 ? 5.122   3.638   -3.224  0.50 10.85 ? 51  PRO A CG  1 
ATOM   456 C  CG  B PRO A 1 53 ? 5.789   3.087   -4.050  0.50 13.54 ? 51  PRO A CG  1 
ATOM   457 C  CD  A PRO A 1 53 ? 4.185   2.581   -3.685  0.50 12.55 ? 51  PRO A CD  1 
ATOM   458 C  CD  B PRO A 1 53 ? 4.410   2.517   -3.865  0.50 14.10 ? 51  PRO A CD  1 
ATOM   459 N  N   . ALA A 1 54 ? 6.197   0.666   -0.001  1.00 11.22 ? 52  ALA A N   1 
ATOM   460 C  CA  . ALA A 1 54 ? 5.842   0.471   1.359   1.00 10.99 ? 52  ALA A CA  1 
ATOM   461 C  C   . ALA A 1 54 ? 6.220   1.644   2.220   1.00 10.57 ? 52  ALA A C   1 
ATOM   462 O  O   . ALA A 1 54 ? 5.649   1.812   3.326   1.00 12.58 ? 52  ALA A O   1 
ATOM   463 C  CB  . ALA A 1 54 ? 6.462   -0.772  1.890   1.00 12.84 ? 52  ALA A CB  1 
ATOM   464 N  N   . ASN A 1 55 ? 7.163   2.459   1.784   1.00 11.26 ? 53  ASN A N   1 
ATOM   465 C  CA  . ASN A 1 55 ? 7.567   3.585   2.627   1.00 11.74 ? 53  ASN A CA  1 
ATOM   466 C  C   . ASN A 1 55 ? 6.464   4.607   2.783   1.00 11.24 ? 53  ASN A C   1 
ATOM   467 O  O   . ASN A 1 55 ? 6.473   5.390   3.738   1.00 12.25 ? 53  ASN A O   1 
ATOM   468 C  CB  . ASN A 1 55 ? 8.857   4.236   2.107   1.00 12.81 ? 53  ASN A CB  1 
ATOM   469 C  CG  . ASN A 1 55 ? 8.781   4.554   0.641   1.00 15.38 ? 53  ASN A CG  1 
ATOM   470 O  OD1 . ASN A 1 55 ? 8.725   3.638   -0.204  1.00 16.08 ? 53  ASN A OD1 1 
ATOM   471 N  ND2 . ASN A 1 55 ? 8.793   5.847   0.312   1.00 16.75 ? 53  ASN A ND2 1 
ATOM   472 N  N   . TYR A 1 56 ? 5.508   4.606   1.845   1.00 11.04 ? 54  TYR A N   1 
ATOM   473 C  CA  . TYR A 1 56 ? 4.387   5.536   1.906   1.00 12.03 ? 54  TYR A CA  1 
ATOM   474 C  C   . TYR A 1 56 ? 3.362   5.253   3.000   1.00 12.29 ? 54  TYR A C   1 
ATOM   475 O  O   . TYR A 1 56 ? 2.430   6.038   3.156   1.00 13.27 ? 54  TYR A O   1 
ATOM   476 C  CB  . TYR A 1 56 ? 3.657   5.588   0.599   1.00 12.05 ? 54  TYR A CB  1 
ATOM   477 C  CG  . TYR A 1 56 ? 4.278   6.256   -0.595  1.00 16.29 ? 54  TYR A CG  1 
ATOM   478 C  CD1 . TYR A 1 56 ? 5.603   6.356   -0.752  1.00 23.27 ? 54  TYR A CD1 1 
ATOM   479 C  CD2 . TYR A 1 56 ? 3.472   6.907   -1.506  1.00 20.71 ? 54  TYR A CD2 1 
ATOM   480 C  CE1 . TYR A 1 56 ? 6.164   6.968   -1.887  1.00 21.83 ? 54  TYR A CE1 1 
ATOM   481 C  CE2 . TYR A 1 56 ? 4.000   7.523   -2.617  1.00 21.43 ? 54  TYR A CE2 1 
ATOM   482 C  CZ  . TYR A 1 56 ? 5.344   7.477   -2.834  1.00 20.67 ? 54  TYR A CZ  1 
ATOM   483 O  OH  . TYR A 1 56 ? 5.941   8.109   -3.912  1.00 22.97 ? 54  TYR A OH  1 
ATOM   484 N  N   . VAL A 1 57 ? 3.489   4.116   3.683   1.00 12.27 ? 55  VAL A N   1 
ATOM   485 C  CA  . VAL A 1 57 ? 2.506   3.728   4.702   1.00 11.38 ? 55  VAL A CA  1 
ATOM   486 C  C   . VAL A 1 57 ? 3.135   3.466   6.051   1.00 12.44 ? 55  VAL A C   1 
ATOM   487 O  O   . VAL A 1 57 ? 4.371   3.263   6.136   1.00 14.27 ? 55  VAL A O   1 
ATOM   488 C  CB  . VAL A 1 57 ? 1.690   2.489   4.267   1.00 12.95 ? 55  VAL A CB  1 
ATOM   489 C  CG1 . VAL A 1 57 ? 1.098   2.695   2.876   1.00 13.80 ? 55  VAL A CG1 1 
ATOM   490 C  CG2 . VAL A 1 57 ? 2.515   1.178   4.354   1.00 13.36 ? 55  VAL A CG2 1 
ATOM   491 N  N   . GLU A 1 58 ? 2.303   3.568   7.099   1.00 13.28 ? 56  GLU A N   1 
ATOM   492 C  CA  . GLU A 1 58 ? 2.734   3.321   8.465   1.00 14.36 ? 56  GLU A CA  1 
ATOM   493 C  C   . GLU A 1 58 ? 1.869   2.175   9.005   1.00 16.17 ? 56  GLU A C   1 
ATOM   494 O  O   . GLU A 1 58 ? 0.670   2.264   9.015   1.00 14.72 ? 56  GLU A O   1 
ATOM   495 C  CB  . GLU A 1 58 ? 2.566   4.552   9.308   1.00 18.80 ? 56  GLU A CB  1 
ATOM   496 C  CG  . GLU A 1 58 ? 3.002   4.303   10.767  1.00 24.28 ? 56  GLU A CG  1 
ATOM   497 C  CD  . GLU A 1 58 ? 2.870   5.532   11.640  1.00 35.09 ? 56  GLU A CD  1 
ATOM   498 O  OE1 . GLU A 1 58 ? 3.262   6.632   11.207  1.00 41.17 ? 56  GLU A OE1 1 
ATOM   499 O  OE2 . GLU A 1 58 ? 2.401   5.403   12.791  1.00 43.31 ? 56  GLU A OE2 1 
ATOM   500 N  N   . LEU A 1 59 ? 2.495   1.093   9.412   1.00 16.71 ? 57  LEU A N   1 
ATOM   501 C  CA  . LEU A 1 59 ? 1.766   -0.052  9.950   1.00 15.24 ? 57  LEU A CA  1 
ATOM   502 C  C   . LEU A 1 59 ? 1.049   0.352   11.219  1.00 16.27 ? 57  LEU A C   1 
ATOM   503 O  O   . LEU A 1 59 ? 1.588   1.092   12.034  1.00 19.63 ? 57  LEU A O   1 
ATOM   504 C  CB  . LEU A 1 59 ? 2.698   -1.226  10.247  1.00 18.02 ? 57  LEU A CB  1 
ATOM   505 C  CG  . LEU A 1 59 ? 3.163   -1.939  8.984   1.00 17.59 ? 57  LEU A CG  1 
ATOM   506 C  CD1 . LEU A 1 59 ? 4.423   -2.740  9.370   1.00 20.66 ? 57  LEU A CD1 1 
ATOM   507 C  CD2 . LEU A 1 59 ? 2.188   -2.848  8.478   1.00 20.65 ? 57  LEU A CD2 1 
ATOM   508 N  N   . VAL A 1 60 ? -0.194  -0.126  11.312  1.00 17.07 ? 58  VAL A N   1 
ATOM   509 C  CA  . VAL A 1 60 ? -1.007  0.106   12.494  1.00 20.17 ? 58  VAL A CA  1 
ATOM   510 C  C   . VAL A 1 60 ? -0.639  -0.973  13.508  1.00 27.70 ? 58  VAL A C   1 
ATOM   511 O  O   . VAL A 1 60 ? -0.463  -2.154  13.153  1.00 31.36 ? 58  VAL A O   1 
ATOM   512 C  CB  . VAL A 1 60 ? -2.458  0.017   12.154  1.00 24.54 ? 58  VAL A CB  1 
ATOM   513 C  CG1 . VAL A 1 60 ? -3.304  0.175   13.444  1.00 25.41 ? 58  VAL A CG1 1 
ATOM   514 C  CG2 . VAL A 1 60 ? -2.813  1.060   11.157  1.00 24.02 ? 58  VAL A CG2 1 
ATOM   515 O  OXT . VAL A 1 60 ? -0.528  -0.636  14.687  1.00 33.04 ? 58  VAL A OXT 1 
HETATM 516 CL CL  . CL  B 2 .  ? -7.672  -4.050  -8.979  1.00 31.00 ? 111 CL  A CL  1 
HETATM 517 CL CL  . CL  C 2 .  ? 2.882   9.224   -6.549  1.00 46.75 ? 112 CL  A CL  1 
HETATM 518 CL CL  . CL  D 2 .  ? 12.960  -0.984  6.857   1.00 45.22 ? 113 CL  A CL  1 
HETATM 519 O  O   . HOH E 3 .  ? 8.086   5.930   6.383   0.50 38.09 ? 114 HOH A O   1 
HETATM 520 O  O   . HOH E 3 .  ? 10.976  4.932   5.874   0.25 19.29 ? 115 HOH A O   1 
HETATM 521 O  O   . HOH E 3 .  ? 9.404   5.975   -3.423  0.50 33.74 ? 116 HOH A O   1 
HETATM 522 O  O   . HOH E 3 .  ? 12.743  6.974   -5.056  0.50 33.57 ? 117 HOH A O   1 
HETATM 523 O  O   . HOH E 3 .  ? 16.700  -2.398  4.993   1.00 28.20 ? 118 HOH A O   1 
HETATM 524 O  O   . HOH E 3 .  ? -7.305  -9.204  9.130   1.00 36.14 ? 119 HOH A O   1 
HETATM 525 O  O   . HOH E 3 .  ? -5.903  -7.281  7.516   1.00 37.93 ? 120 HOH A O   1 
HETATM 526 O  O   . HOH E 3 .  ? 2.602   6.369   -9.846  1.00 30.28 ? 121 HOH A O   1 
HETATM 527 O  O   . HOH E 3 .  ? 8.590   -10.578 5.653   1.00 40.33 ? 122 HOH A O   1 
HETATM 528 O  O   . HOH E 3 .  ? 3.407   -2.603  -14.810 1.00 37.13 ? 123 HOH A O   1 
HETATM 529 O  O   A HOH E 3 .  ? 4.995   1.027   -10.740 0.50 24.34 ? 124 HOH A O   1 
HETATM 530 O  O   B HOH E 3 .  ? 9.227   0.438   -4.274  0.50 30.01 ? 124 HOH A O   1 
HETATM 531 O  O   . HOH E 3 .  ? -9.734  1.596   4.303   1.00 12.80 ? 125 HOH A O   1 
HETATM 532 O  O   . HOH E 3 .  ? -8.268  -1.706  4.399   1.00 14.64 ? 126 HOH A O   1 
HETATM 533 O  O   . HOH E 3 .  ? 1.853   -10.011 -4.631  1.00 32.77 ? 127 HOH A O   1 
HETATM 534 O  O   . HOH E 3 .  ? -7.421  2.113   -4.336  1.00 21.67 ? 128 HOH A O   1 
HETATM 535 O  O   . HOH E 3 .  ? -6.641  -6.260  -9.852  1.00 46.71 ? 129 HOH A O   1 
HETATM 536 O  O   . HOH E 3 .  ? 2.896   -2.140  -10.754 1.00 35.41 ? 130 HOH A O   1 
HETATM 537 O  O   . HOH E 3 .  ? -1.029  -3.982  11.410  1.00 30.34 ? 131 HOH A O   1 
HETATM 538 O  O   . HOH E 3 .  ? 4.656   -7.531  -2.092  1.00 16.86 ? 132 HOH A O   1 
HETATM 539 O  O   A HOH E 3 .  ? -1.045  -0.958  -19.385 0.50 40.47 ? 133 HOH A O   1 
HETATM 540 O  O   B HOH E 3 .  ? 1.896   0.125   -16.816 0.50 28.84 ? 133 HOH A O   1 
HETATM 541 O  O   . HOH E 3 .  ? 1.716   11.957  -2.856  1.00 19.11 ? 134 HOH A O   1 
HETATM 542 O  O   . HOH E 3 .  ? 14.956  -0.871  4.091   1.00 22.58 ? 135 HOH A O   1 
HETATM 543 O  O   . HOH E 3 .  ? 1.746   12.475  6.224   1.00 18.90 ? 136 HOH A O   1 
HETATM 544 O  O   . HOH E 3 .  ? -9.546  -4.951  2.666   1.00 21.07 ? 137 HOH A O   1 
HETATM 545 O  O   . HOH E 3 .  ? 3.514   -11.270 4.043   1.00 22.88 ? 138 HOH A O   1 
HETATM 546 O  O   . HOH E 3 .  ? 4.006   3.975   -10.227 1.00 32.65 ? 139 HOH A O   1 
HETATM 547 O  O   . HOH E 3 .  ? -1.811  10.038  7.105   1.00 27.22 ? 140 HOH A O   1 
HETATM 548 O  O   . HOH E 3 .  ? -6.719  7.922   8.350   1.00 26.52 ? 141 HOH A O   1 
HETATM 549 O  O   . HOH E 3 .  ? 10.903  2.779   -1.820  1.00 26.33 ? 142 HOH A O   1 
HETATM 550 O  O   . HOH E 3 .  ? 5.414   1.301   9.570   1.00 21.45 ? 143 HOH A O   1 
HETATM 551 O  O   . HOH E 3 .  ? -3.054  0.762   -11.318 1.00 31.91 ? 144 HOH A O   1 
HETATM 552 O  O   . HOH E 3 .  ? 0.423   11.541  -5.347  1.00 33.31 ? 145 HOH A O   1 
HETATM 553 O  O   . HOH E 3 .  ? -5.079  -1.454  -8.551  1.00 26.09 ? 146 HOH A O   1 
HETATM 554 O  O   . HOH E 3 .  ? -0.704  -6.159  -9.178  1.00 38.55 ? 147 HOH A O   1 
HETATM 555 O  O   . HOH E 3 .  ? -7.335  6.588   -4.784  1.00 32.35 ? 148 HOH A O   1 
HETATM 556 O  O   . HOH E 3 .  ? -7.923  9.397   2.449   1.00 26.88 ? 149 HOH A O   1 
HETATM 557 O  O   . HOH E 3 .  ? -6.519  -8.488  -8.595  1.00 29.99 ? 150 HOH A O   1 
HETATM 558 O  O   . HOH E 3 .  ? -5.967  12.574  1.207   1.00 38.23 ? 151 HOH A O   1 
HETATM 559 O  O   . HOH E 3 .  ? -4.189  8.631   -5.639  1.00 35.61 ? 152 HOH A O   1 
HETATM 560 O  O   . HOH E 3 .  ? 0.732   -9.577  -7.389  1.00 46.60 ? 153 HOH A O   1 
HETATM 561 O  O   . HOH E 3 .  ? -3.804  -4.825  -9.859  1.00 35.13 ? 154 HOH A O   1 
HETATM 562 O  O   . HOH E 3 .  ? -0.074  11.664  8.166   1.00 34.37 ? 155 HOH A O   1 
HETATM 563 O  O   . HOH E 3 .  ? 15.463  -4.661  6.082   1.00 43.56 ? 156 HOH A O   1 
HETATM 564 O  O   . HOH E 3 .  ? 6.837   4.381   6.491   0.50 19.80 ? 157 HOH A O   1 
HETATM 565 O  O   . HOH E 3 .  ? -10.764 6.112   0.147   1.00 28.03 ? 158 HOH A O   1 
HETATM 566 O  O   . HOH E 3 .  ? -10.093 -6.972  4.927   1.00 45.89 ? 159 HOH A O   1 
HETATM 567 O  O   . HOH E 3 .  ? -4.184  11.752  6.764   1.00 39.02 ? 160 HOH A O   1 
HETATM 568 O  O   . HOH E 3 .  ? 11.080  2.024   -6.419  1.00 48.68 ? 161 HOH A O   1 
HETATM 569 O  O   A HOH E 3 .  ? -8.892  6.927   -1.826  0.50 24.60 ? 162 HOH A O   1 
HETATM 570 O  O   B HOH E 3 .  ? 11.130  -13.269 3.628   0.50 40.72 ? 162 HOH A O   1 
HETATM 571 O  O   . HOH E 3 .  ? 1.338   -10.174 5.461   1.00 38.49 ? 163 HOH A O   1 
HETATM 572 O  O   . HOH E 3 .  ? 7.973   -4.521  8.933   1.00 49.73 ? 164 HOH A O   1 
HETATM 573 O  O   . HOH E 3 .  ? 6.548   -12.433 3.005   1.00 43.44 ? 165 HOH A O   1 
HETATM 574 O  O   . HOH E 3 .  ? 6.887   -8.951  -1.372  1.00 13.72 ? 166 HOH A O   1 
HETATM 575 O  O   . HOH E 3 .  ? 11.336  3.451   5.013   0.50 26.12 ? 167 HOH A O   1 
HETATM 576 O  O   . HOH E 3 .  ? 9.541   0.267   8.989   1.00 46.99 ? 168 HOH A O   1 
HETATM 577 O  O   . HOH E 3 .  ? 6.791   6.381   -6.495  0.50 38.81 ? 169 HOH A O   1 
HETATM 578 O  O   . HOH E 3 .  ? 6.538   4.191   8.306   0.50 35.17 ? 170 HOH A O   1 
# 
loop_
_atom_site_anisotrop.id 
_atom_site_anisotrop.type_symbol 
_atom_site_anisotrop.pdbx_label_atom_id 
_atom_site_anisotrop.pdbx_label_alt_id 
_atom_site_anisotrop.pdbx_label_comp_id 
_atom_site_anisotrop.pdbx_label_asym_id 
_atom_site_anisotrop.pdbx_label_seq_id 
_atom_site_anisotrop.pdbx_PDB_ins_code 
_atom_site_anisotrop.U[1][1] 
_atom_site_anisotrop.U[2][2] 
_atom_site_anisotrop.U[3][3] 
_atom_site_anisotrop.U[1][2] 
_atom_site_anisotrop.U[1][3] 
_atom_site_anisotrop.U[2][3] 
_atom_site_anisotrop.pdbx_auth_seq_id 
_atom_site_anisotrop.pdbx_auth_comp_id 
_atom_site_anisotrop.pdbx_auth_asym_id 
_atom_site_anisotrop.pdbx_auth_atom_id 
1   N  N   . SER A 3  ? 0.4814 0.4424 0.4834 -0.0285 0.0341  0.0112  1   SER A N   
2   C  CA  . SER A 3  ? 0.4235 0.3886 0.4228 0.0022  0.0074  -0.0114 1   SER A CA  
3   C  C   . SER A 3  ? 0.3273 0.3279 0.3408 0.0011  0.0139  0.0249  1   SER A C   
4   O  O   . SER A 3  ? 0.3655 0.3528 0.3468 0.0170  0.0385  0.0326  1   SER A O   
5   C  CB  . SER A 3  ? 0.4526 0.4754 0.4755 0.0069  -0.0017 0.0140  1   SER A CB  
6   O  OG  . SER A 3  ? 0.4224 0.4899 0.4502 0.0353  0.0211  0.0174  1   SER A OG  
7   N  N   . PRO A 4  ? 0.2497 0.2563 0.2596 0.0445  -0.0020 0.0121  2   PRO A N   
8   C  CA  . PRO A 4  ? 0.2127 0.2582 0.1985 0.0298  0.0044  0.0246  2   PRO A CA  
9   C  C   . PRO A 4  ? 0.1703 0.2213 0.1610 0.0292  0.0117  0.0092  2   PRO A C   
10  O  O   . PRO A 4  ? 0.2035 0.2604 0.1517 0.0388  0.0278  0.0044  2   PRO A O   
11  C  CB  . PRO A 4  ? 0.2632 0.2926 0.2849 0.0013  -0.0146 0.0033  2   PRO A CB  
12  C  CG  . PRO A 4  ? 0.2764 0.3052 0.2813 0.0179  0.0148  0.0081  2   PRO A CG  
13  C  CD  . PRO A 4  ? 0.2804 0.2981 0.2954 0.0300  0.0101  -0.0004 2   PRO A CD  
14  N  N   A LYS A 5  ? 0.1792 0.1887 0.1076 0.0087  -0.0212 0.0402  3   LYS A N   
15  N  N   B LYS A 5  ? 0.2248 0.2260 0.1895 -0.0090 -0.0001 0.0233  3   LYS A N   
16  C  CA  A LYS A 5  ? 0.1183 0.1617 0.0536 0.0255  0.0227  0.0089  3   LYS A CA  
17  C  CA  B LYS A 5  ? 0.2240 0.2243 0.2081 0.0037  -0.0091 0.0156  3   LYS A CA  
18  C  C   A LYS A 5  ? 0.1357 0.1646 0.1077 0.0110  0.0104  0.0075  3   LYS A C   
19  C  C   B LYS A 5  ? 0.1837 0.1998 0.1572 0.0097  0.0110  0.0186  3   LYS A C   
20  O  O   A LYS A 5  ? 0.1263 0.1887 0.1044 0.0331  0.0085  0.0172  3   LYS A O   
21  O  O   B LYS A 5  ? 0.1959 0.2110 0.1628 0.0135  0.0032  0.0005  3   LYS A O   
22  C  CB  A LYS A 5  ? 0.1225 0.1501 0.0831 0.0256  0.0153  0.0024  3   LYS A CB  
23  C  CB  B LYS A 5  ? 0.2318 0.2577 0.2453 -0.0123 -0.0072 0.0026  3   LYS A CB  
24  C  CG  A LYS A 5  ? 0.1247 0.1995 0.1427 0.0083  0.0435  -0.0087 3   LYS A CG  
25  C  CG  B LYS A 5  ? 0.2714 0.2920 0.2668 0.0047  0.0113  -0.0012 3   LYS A CG  
26  C  CD  A LYS A 5  ? 0.1807 0.2053 0.1607 0.0124  0.0132  0.0046  3   LYS A CD  
27  C  CD  B LYS A 5  ? 0.2768 0.2725 0.2869 0.0127  -0.0060 0.0014  3   LYS A CD  
28  C  CE  A LYS A 5  ? 0.2022 0.2150 0.1633 0.0140  0.0077  -0.0059 3   LYS A CE  
29  C  CE  B LYS A 5  ? 0.3217 0.3122 0.3162 0.0105  0.0055  -0.0005 3   LYS A CE  
30  N  NZ  A LYS A 5  ? 0.2128 0.2295 0.2122 -0.0047 0.0171  0.0089  3   LYS A NZ  
31  N  NZ  B LYS A 5  ? 0.3156 0.3046 0.3011 0.0184  -0.0029 -0.0003 3   LYS A NZ  
32  N  N   . ALA A 6  ? 0.1376 0.1753 0.1396 0.0235  0.0088  0.0185  4   ALA A N   
33  C  CA  . ALA A 6  ? 0.1552 0.1670 0.1328 -0.0006 0.0133  0.0136  4   ALA A CA  
34  C  C   . ALA A 6  ? 0.1520 0.1799 0.1637 -0.0028 -0.0032 0.0239  4   ALA A C   
35  O  O   . ALA A 6  ? 0.1509 0.1953 0.2122 0.0328  -0.0326 0.0134  4   ALA A O   
36  C  CB  . ALA A 6  ? 0.1335 0.2118 0.1681 0.0132  0.0109  0.0033  4   ALA A CB  
37  N  N   A VAL A 7  ? 0.1500 0.1799 0.1520 0.0087  0.0038  0.0162  5   VAL A N   
38  N  N   B VAL A 7  ? 0.1363 0.1676 0.1348 0.0121  0.0102  0.0184  5   VAL A N   
39  C  CA  A VAL A 7  ? 0.1679 0.1887 0.1688 0.0058  0.0056  0.0049  5   VAL A CA  
40  C  CA  B VAL A 7  ? 0.1429 0.1730 0.1376 0.0098  0.0005  0.0047  5   VAL A CA  
41  C  C   A VAL A 7  ? 0.1629 0.1723 0.1528 0.0141  -0.0032 0.0160  5   VAL A C   
42  C  C   B VAL A 7  ? 0.1438 0.1617 0.1444 0.0134  -0.0014 0.0146  5   VAL A C   
43  O  O   A VAL A 7  ? 0.1693 0.1979 0.1630 0.0002  0.0188  0.0109  5   VAL A O   
44  O  O   B VAL A 7  ? 0.1382 0.1769 0.1328 0.0112  0.0218  0.0043  5   VAL A O   
45  C  CB  A VAL A 7  ? 0.1825 0.1994 0.1819 -0.0050 0.0082  -0.0087 5   VAL A CB  
46  C  CB  B VAL A 7  ? 0.1498 0.1696 0.1465 -0.0036 0.0237  -0.0073 5   VAL A CB  
47  C  CG1 A VAL A 7  ? 0.1681 0.2097 0.1588 0.0052  0.0174  -0.0045 5   VAL A CG1 
48  C  CG1 B VAL A 7  ? 0.1663 0.1561 0.1467 0.0064  0.0119  -0.0176 5   VAL A CG1 
49  C  CG2 A VAL A 7  ? 0.2347 0.2219 0.2270 -0.0107 0.0142  0.0107  5   VAL A CG2 
50  C  CG2 B VAL A 7  ? 0.1721 0.1719 0.1463 -0.0043 0.0211  -0.0003 5   VAL A CG2 
51  N  N   . ALA A 8  ? 0.1153 0.1832 0.1437 0.0163  0.0215  0.0112  6   ALA A N   
52  C  CA  . ALA A 8  ? 0.0992 0.1655 0.1349 0.0260  0.0296  0.0095  6   ALA A CA  
53  C  C   . ALA A 8  ? 0.0980 0.1762 0.1308 0.0234  -0.0099 0.0018  6   ALA A C   
54  O  O   . ALA A 8  ? 0.1227 0.1828 0.1553 0.0342  0.0418  -0.0241 6   ALA A O   
55  C  CB  . ALA A 8  ? 0.1576 0.1567 0.1499 0.0076  0.0048  0.0073  6   ALA A CB  
56  N  N   . LEU A 9  ? 0.1048 0.1735 0.1699 0.0401  -0.0035 -0.0081 7   LEU A N   
57  C  CA  . LEU A 9  ? 0.1466 0.1672 0.1910 0.0074  0.0133  -0.0018 7   LEU A CA  
58  C  C   . LEU A 9  ? 0.1314 0.1708 0.1347 0.0083  -0.0067 -0.0157 7   LEU A C   
59  O  O   . LEU A 9  ? 0.1629 0.1515 0.1764 0.0113  0.0109  -0.0116 7   LEU A O   
60  C  CB  . LEU A 9  ? 0.1586 0.1998 0.1762 -0.0092 -0.0037 0.0088  7   LEU A CB  
61  C  CG  . LEU A 9  ? 0.1785 0.2021 0.1656 0.0016  0.0126  0.0042  7   LEU A CG  
62  C  CD1 . LEU A 9  ? 0.2308 0.2766 0.2709 0.0035  -0.0217 0.0180  7   LEU A CD1 
63  C  CD2 . LEU A 9  ? 0.2626 0.2436 0.1896 0.0243  0.0140  -0.0093 7   LEU A CD2 
64  N  N   . TYR A 10 ? 0.1495 0.1620 0.1158 0.0134  0.0182  -0.0036 8   TYR A N   
65  C  CA  . TYR A 10 ? 0.1323 0.1511 0.1447 0.0300  0.0142  -0.0074 8   TYR A CA  
66  C  C   . TYR A 10 ? 0.1520 0.1685 0.1537 0.0111  0.0253  0.0002  8   TYR A C   
67  O  O   . TYR A 10 ? 0.1687 0.1674 0.1491 0.0189  0.0034  -0.0048 8   TYR A O   
68  C  CB  . TYR A 10 ? 0.1202 0.1793 0.1423 0.0235  0.0169  -0.0066 8   TYR A CB  
69  C  CG  . TYR A 10 ? 0.1042 0.1720 0.1570 0.0202  -0.0064 0.0146  8   TYR A CG  
70  C  CD1 . TYR A 10 ? 0.1373 0.1650 0.1472 0.0129  -0.0011 0.0013  8   TYR A CD1 
71  C  CD2 . TYR A 10 ? 0.0953 0.1361 0.1529 0.0410  0.0019  0.0140  8   TYR A CD2 
72  C  CE1 . TYR A 10 ? 0.1063 0.1628 0.1388 0.0226  0.0206  -0.0072 8   TYR A CE1 
73  C  CE2 . TYR A 10 ? 0.1207 0.1497 0.1917 0.0185  0.0002  -0.0019 8   TYR A CE2 
74  C  CZ  . TYR A 10 ? 0.1267 0.1633 0.1297 0.0334  -0.0137 -0.0017 8   TYR A CZ  
75  O  OH  . TYR A 10 ? 0.1174 0.1649 0.1663 0.0137  -0.0080 0.0084  8   TYR A OH  
76  N  N   . SER A 11 ? 0.1619 0.1585 0.1686 0.0041  0.0048  0.0024  9   SER A N   
77  C  CA  . SER A 11 ? 0.1641 0.2070 0.1389 0.0128  0.0050  0.0055  9   SER A CA  
78  C  C   . SER A 11 ? 0.1383 0.1946 0.1549 0.0086  0.0095  0.0010  9   SER A C   
79  O  O   . SER A 11 ? 0.1462 0.2393 0.2118 -0.0159 0.0306  -0.0257 9   SER A O   
80  C  CB  . SER A 11 ? 0.1455 0.1930 0.1296 0.0051  0.0201  0.0176  9   SER A CB  
81  O  OG  . SER A 11 ? 0.1728 0.2060 0.1773 0.0213  0.0367  -0.0015 9   SER A OG  
82  N  N   . PHE A 12 ? 0.1140 0.1837 0.1508 0.0037  0.0479  -0.0013 10  PHE A N   
83  C  CA  . PHE A 12 ? 0.1286 0.1839 0.1493 -0.0024 0.0499  0.0034  10  PHE A CA  
84  C  C   . PHE A 12 ? 0.1632 0.1812 0.1554 -0.0056 0.0208  0.0098  10  PHE A C   
85  O  O   . PHE A 12 ? 0.1497 0.2075 0.1450 0.0096  0.0248  0.0101  10  PHE A O   
86  C  CB  . PHE A 12 ? 0.1422 0.1842 0.1429 0.0018  0.0055  -0.0105 10  PHE A CB  
87  C  CG  . PHE A 12 ? 0.1292 0.1818 0.1500 0.0262  0.0317  0.0019  10  PHE A CG  
88  C  CD1 . PHE A 12 ? 0.1574 0.1997 0.1937 -0.0103 0.0334  -0.0164 10  PHE A CD1 
89  C  CD2 . PHE A 12 ? 0.1345 0.1798 0.1483 0.0191  0.0175  0.0123  10  PHE A CD2 
90  C  CE1 . PHE A 12 ? 0.1766 0.2068 0.1593 0.0077  0.0305  0.0075  10  PHE A CE1 
91  C  CE2 . PHE A 12 ? 0.1252 0.1894 0.1484 0.0284  0.0047  0.0137  10  PHE A CE2 
92  C  CZ  . PHE A 12 ? 0.1615 0.1923 0.1265 0.0305  0.0321  -0.0022 10  PHE A CZ  
93  N  N   . ALA A 13 ? 0.2027 0.2217 0.1830 -0.0086 0.0348  0.0340  11  ALA A N   
94  C  CA  . ALA A 13 ? 0.2410 0.2568 0.2145 0.0083  0.0147  0.0153  11  ALA A CA  
95  C  C   . ALA A 13 ? 0.2300 0.2596 0.1958 -0.0065 0.0055  0.0255  11  ALA A C   
96  O  O   . ALA A 13 ? 0.2596 0.2994 0.2451 0.0282  -0.0274 0.0442  11  ALA A O   
97  C  CB  . ALA A 13 ? 0.3194 0.2787 0.2730 -0.0056 0.0177  0.0096  11  ALA A CB  
98  N  N   . GLY A 14 ? 0.2123 0.2459 0.1603 -0.0039 0.0045  0.0095  12  GLY A N   
99  C  CA  . GLY A 14 ? 0.2766 0.2660 0.1872 0.0092  0.0100  0.0097  12  GLY A CA  
100 C  C   . GLY A 14 ? 0.2995 0.3235 0.2502 0.0025  -0.0108 -0.0074 12  GLY A C   
101 O  O   . GLY A 14 ? 0.2932 0.3517 0.2641 0.0233  -0.0157 -0.0200 12  GLY A O   
102 N  N   . GLU A 15 ? 0.4014 0.3425 0.3100 -0.0018 0.0337  0.0102  13  GLU A N   
103 C  CA  . GLU A 15 ? 0.4164 0.4123 0.3587 0.0199  -0.0167 -0.0050 13  GLU A CA  
104 C  C   . GLU A 15 ? 0.4120 0.4009 0.3626 0.0230  -0.0241 0.0018  13  GLU A C   
105 O  O   . GLU A 15 ? 0.4525 0.4577 0.3327 0.0327  -0.0239 0.0162  13  GLU A O   
106 C  CB  . GLU A 15 ? 0.5158 0.4781 0.4677 -0.0131 0.0112  0.0147  13  GLU A CB  
107 C  CG  . GLU A 15 ? 0.5610 0.5431 0.5466 0.0126  0.0110  -0.0106 13  GLU A CG  
108 C  CD  . GLU A 15 ? 0.6358 0.6125 0.6399 -0.0189 0.0157  0.0023  13  GLU A CD  
109 O  OE1 . GLU A 15 ? 0.6401 0.6389 0.6352 -0.0038 0.0217  -0.0115 13  GLU A OE1 
110 O  OE2 . GLU A 15 ? 0.6829 0.6499 0.6802 0.0211  0.0060  0.0071  13  GLU A OE2 
111 N  N   . GLU A 16 ? 0.3694 0.3496 0.2413 0.0148  0.0209  -0.0076 14  GLU A N   
112 C  CA  . GLU A 16 ? 0.3502 0.3182 0.2507 -0.0001 0.0295  0.0072  14  GLU A CA  
113 C  C   . GLU A 16 ? 0.3520 0.3202 0.2631 -0.0155 0.0222  -0.0094 14  GLU A C   
114 O  O   . GLU A 16 ? 0.3616 0.3194 0.1824 -0.0027 0.0399  -0.0184 14  GLU A O   
115 C  CB  . GLU A 16 ? 0.3827 0.3999 0.3264 0.0131  0.0055  0.0008  14  GLU A CB  
116 C  CG  . GLU A 16 ? 0.4762 0.4432 0.4610 -0.0178 0.0059  -0.0075 14  GLU A CG  
117 C  CD  . GLU A 16 ? 0.5671 0.5580 0.5167 -0.0047 0.0149  0.0038  14  GLU A CD  
118 O  OE1 . GLU A 16 ? 0.5914 0.5586 0.5661 -0.0119 0.0034  -0.0069 14  GLU A OE1 
119 O  OE2 . GLU A 16 ? 0.6395 0.5925 0.6314 -0.0118 0.0053  0.0037  14  GLU A OE2 
120 N  N   A SER A 17 ? 0.3487 0.3220 0.2440 -0.0018 0.0232  -0.0086 15  SER A N   
121 N  N   B SER A 17 ? 0.3528 0.3260 0.2448 -0.0054 0.0189  -0.0071 15  SER A N   
122 C  CA  A SER A 17 ? 0.3297 0.3178 0.2750 0.0016  0.0083  -0.0025 15  SER A CA  
123 C  CA  B SER A 17 ? 0.3370 0.3220 0.2807 -0.0033 0.0083  0.0009  15  SER A CA  
124 C  C   A SER A 17 ? 0.3141 0.2980 0.2875 0.0019  0.0077  -0.0041 15  SER A C   
125 C  C   B SER A 17 ? 0.3060 0.2945 0.2823 0.0045  0.0058  -0.0064 15  SER A C   
126 O  O   A SER A 17 ? 0.3369 0.3495 0.3186 0.0147  0.0243  -0.0097 15  SER A O   
127 O  O   B SER A 17 ? 0.3127 0.3024 0.2295 0.0139  0.0460  -0.0121 15  SER A O   
128 C  CB  A SER A 17 ? 0.3485 0.3349 0.3058 0.0016  0.0051  -0.0093 15  SER A CB  
129 C  CB  B SER A 17 ? 0.3469 0.3337 0.3048 -0.0061 0.0057  -0.0018 15  SER A CB  
130 O  OG  A SER A 17 ? 0.3696 0.3452 0.3224 -0.0115 0.0235  -0.0091 15  SER A OG  
131 O  OG  B SER A 17 ? 0.3744 0.3811 0.3593 0.0032  0.0221  -0.0054 15  SER A OG  
132 N  N   . GLY A 18 ? 0.3176 0.2726 0.2270 -0.0007 0.0078  -0.0196 16  GLY A N   
133 C  CA  . GLY A 18 ? 0.2634 0.2479 0.1992 0.0199  0.0013  -0.0318 16  GLY A CA  
134 C  C   . GLY A 18 ? 0.1717 0.2088 0.1361 0.0217  0.0231  0.0014  16  GLY A C   
135 O  O   . GLY A 18 ? 0.2213 0.2326 0.1465 0.0098  0.0269  0.0220  16  GLY A O   
136 N  N   . ASP A 19 ? 0.1788 0.2367 0.1604 0.0281  0.0196  -0.0174 17  ASP A N   
137 C  CA  . ASP A 19 ? 0.1632 0.2244 0.1142 0.0322  0.0264  -0.0045 17  ASP A CA  
138 C  C   . ASP A 19 ? 0.1304 0.2254 0.1709 0.0326  0.0114  -0.0105 17  ASP A C   
139 O  O   . ASP A 19 ? 0.1756 0.2784 0.1373 0.0254  0.0097  -0.0248 17  ASP A O   
140 C  CB  . ASP A 19 ? 0.2240 0.2479 0.1481 -0.0004 0.0380  -0.0102 17  ASP A CB  
141 C  CG  . ASP A 19 ? 0.2270 0.2719 0.2289 0.0090  0.0036  0.0000  17  ASP A CG  
142 O  OD1 . ASP A 19 ? 0.2089 0.3390 0.1331 0.0372  0.0370  0.0001  17  ASP A OD1 
143 O  OD2 . ASP A 19 ? 0.2772 0.3308 0.2114 -0.0462 0.0775  -0.0185 17  ASP A OD2 
144 N  N   . LEU A 20 ? 0.1325 0.2234 0.1540 0.0219  -0.0188 0.0212  18  LEU A N   
145 C  CA  . LEU A 20 ? 0.1290 0.1726 0.1400 0.0172  -0.0004 0.0184  18  LEU A CA  
146 C  C   . LEU A 20 ? 0.1253 0.1725 0.1189 0.0188  0.0038  0.0165  18  LEU A C   
147 O  O   . LEU A 20 ? 0.1579 0.1997 0.1463 -0.0160 0.0171  -0.0157 18  LEU A O   
148 C  CB  . LEU A 20 ? 0.1181 0.1815 0.0970 0.0109  0.0180  -0.0080 18  LEU A CB  
149 C  CG  . LEU A 20 ? 0.1207 0.1791 0.1124 0.0158  0.0215  0.0028  18  LEU A CG  
150 C  CD1 . LEU A 20 ? 0.1543 0.2089 0.1288 0.0020  0.0273  -0.0065 18  LEU A CD1 
151 C  CD2 . LEU A 20 ? 0.1545 0.1878 0.1136 -0.0105 0.0224  -0.0091 18  LEU A CD2 
152 N  N   . PRO A 21 ? 0.1615 0.1739 0.1288 0.0292  -0.0006 0.0157  19  PRO A N   
153 C  CA  . PRO A 21 ? 0.1510 0.1777 0.1581 0.0157  0.0052  -0.0110 19  PRO A CA  
154 C  C   . PRO A 21 ? 0.1431 0.1585 0.1713 0.0126  0.0038  -0.0100 19  PRO A C   
155 O  O   . PRO A 21 ? 0.1868 0.2005 0.1498 -0.0245 0.0210  -0.0085 19  PRO A O   
156 C  CB  . PRO A 21 ? 0.2187 0.2192 0.1757 0.0274  0.0178  -0.0013 19  PRO A CB  
157 C  CG  . PRO A 21 ? 0.2266 0.2390 0.2412 0.0171  -0.0195 0.0175  19  PRO A CG  
158 C  CD  . PRO A 21 ? 0.1929 0.2103 0.1928 0.0133  -0.0192 0.0006  19  PRO A CD  
159 N  N   . PHE A 22 ? 0.1165 0.1491 0.1012 0.0195  0.0087  0.0025  20  PHE A N   
160 C  CA  . PHE A 22 ? 0.1257 0.1697 0.1066 0.0244  0.0112  -0.0092 20  PHE A CA  
161 C  C   . PHE A 22 ? 0.1341 0.1531 0.1092 0.0356  -0.0066 0.0146  20  PHE A C   
162 O  O   . PHE A 22 ? 0.1444 0.1789 0.1460 0.0097  0.0304  -0.0044 20  PHE A O   
163 C  CB  . PHE A 22 ? 0.0870 0.1796 0.1519 0.0085  -0.0032 0.0246  20  PHE A CB  
164 C  CG  . PHE A 22 ? 0.1016 0.1787 0.1068 0.0332  0.0472  -0.0073 20  PHE A CG  
165 C  CD1 . PHE A 22 ? 0.1280 0.1556 0.1440 0.0170  -0.0083 0.0099  20  PHE A CD1 
166 C  CD2 . PHE A 22 ? 0.1338 0.1571 0.1530 0.0123  0.0043  -0.0082 20  PHE A CD2 
167 C  CE1 . PHE A 22 ? 0.1717 0.1352 0.1635 0.0005  0.0011  -0.0049 20  PHE A CE1 
168 C  CE2 . PHE A 22 ? 0.1355 0.1603 0.1668 0.0291  -0.0085 -0.0028 20  PHE A CE2 
169 C  CZ  . PHE A 22 ? 0.0904 0.1908 0.1411 0.0345  -0.0040 0.0015  20  PHE A CZ  
170 N  N   . ARG A 23 ? 0.1379 0.1912 0.1174 0.0164  0.0130  0.0095  21  ARG A N   
171 C  CA  . ARG A 23 ? 0.1675 0.1703 0.1644 0.0301  0.0106  -0.0091 21  ARG A CA  
172 C  C   . ARG A 23 ? 0.1208 0.1572 0.1906 0.0338  0.0019  -0.0015 21  ARG A C   
173 O  O   . ARG A 23 ? 0.1457 0.1598 0.1999 0.0148  0.0407  0.0162  21  ARG A O   
174 C  CB  . ARG A 23 ? 0.2100 0.2428 0.2617 0.0280  -0.0010 -0.0017 21  ARG A CB  
175 C  CG  . ARG A 23 ? 0.3350 0.3464 0.3314 0.0304  -0.0341 -0.0011 21  ARG A CG  
176 C  CD  . ARG A 23 ? 0.4379 0.4657 0.4574 0.0039  0.0095  0.0176  21  ARG A CD  
177 N  NE  . ARG A 23 ? 0.5483 0.5232 0.5531 0.0034  -0.0034 -0.0102 21  ARG A NE  
178 C  CZ  . ARG A 23 ? 0.6135 0.6032 0.6206 -0.0185 0.0026  0.0099  21  ARG A CZ  
179 N  NH1 . ARG A 23 ? 0.6603 0.6734 0.6406 0.0009  0.0096  -0.0027 21  ARG A NH1 
180 N  NH2 . ARG A 23 ? 0.6563 0.6382 0.6477 0.0045  0.0026  -0.0055 21  ARG A NH2 
181 N  N   . LYS A 24 ? 0.1581 0.1447 0.1814 0.0090  0.0198  0.0278  22  LYS A N   
182 C  CA  . LYS A 24 ? 0.1471 0.1760 0.1801 0.0201  0.0032  -0.0069 22  LYS A CA  
183 C  C   . LYS A 24 ? 0.1627 0.1673 0.1737 0.0041  0.0102  0.0018  22  LYS A C   
184 O  O   . LYS A 24 ? 0.1740 0.2012 0.1929 0.0462  -0.0079 0.0177  22  LYS A O   
185 C  CB  . LYS A 24 ? 0.1408 0.1774 0.1767 0.0197  0.0281  0.0040  22  LYS A CB  
186 C  CG  . LYS A 24 ? 0.1368 0.2043 0.2122 0.0337  -0.0001 0.0013  22  LYS A CG  
187 C  CD  . LYS A 24 ? 0.2013 0.2224 0.2385 0.0189  0.0162  -0.0078 22  LYS A CD  
188 C  CE  . LYS A 24 ? 0.2952 0.2957 0.2745 -0.0059 -0.0028 0.0007  22  LYS A CE  
189 N  NZ  . LYS A 24 ? 0.4100 0.3546 0.4036 -0.0060 0.0057  -0.0091 22  LYS A NZ  
190 N  N   . GLY A 25 ? 0.1402 0.1841 0.1565 0.0177  0.0280  -0.0089 23  GLY A N   
191 C  CA  . GLY A 25 ? 0.1528 0.2019 0.1693 0.0039  0.0439  -0.0109 23  GLY A CA  
192 C  C   . GLY A 25 ? 0.1502 0.1904 0.1644 0.0180  0.0144  -0.0081 23  GLY A C   
193 O  O   . GLY A 25 ? 0.1804 0.2053 0.2031 -0.0118 0.0408  0.0031  23  GLY A O   
194 N  N   . ASP A 26 ? 0.1100 0.1730 0.1509 0.0185  0.0249  -0.0112 24  ASP A N   
195 C  CA  . ASP A 26 ? 0.1282 0.1766 0.1520 0.0211  0.0482  -0.0160 24  ASP A CA  
196 C  C   . ASP A 26 ? 0.1508 0.1586 0.1807 0.0153  0.0186  -0.0160 24  ASP A C   
197 O  O   . ASP A 26 ? 0.1427 0.1988 0.1916 0.0172  0.0305  0.0214  24  ASP A O   
198 C  CB  . ASP A 26 ? 0.1118 0.1722 0.1329 0.0310  0.0133  0.0019  24  ASP A CB  
199 C  CG  . ASP A 26 ? 0.1576 0.2021 0.1203 0.0260  -0.0084 0.0045  24  ASP A CG  
200 O  OD1 . ASP A 26 ? 0.1775 0.2634 0.1769 0.0432  0.0180  0.0219  24  ASP A OD1 
201 O  OD2 . ASP A 26 ? 0.1404 0.2762 0.1650 0.0378  0.0163  0.0112  24  ASP A OD2 
202 N  N   . VAL A 27 ? 0.1120 0.1735 0.1391 0.0346  0.0128  -0.0063 25  VAL A N   
203 C  CA  . VAL A 27 ? 0.1232 0.1540 0.1370 0.0092  0.0107  0.0082  25  VAL A CA  
204 C  C   . VAL A 27 ? 0.1489 0.1832 0.1273 0.0188  0.0079  0.0053  25  VAL A C   
205 O  O   . VAL A 27 ? 0.1279 0.1838 0.1420 0.0245  0.0294  0.0024  25  VAL A O   
206 C  CB  . VAL A 27 ? 0.1909 0.1900 0.1400 0.0023  0.0182  0.0141  25  VAL A CB  
207 C  CG1 . VAL A 27 ? 0.1642 0.1957 0.1817 0.0054  0.0262  0.0122  25  VAL A CG1 
208 C  CG2 . VAL A 27 ? 0.2067 0.1892 0.1775 0.0219  0.0031  0.0123  25  VAL A CG2 
209 N  N   A ILE A 28 ? 0.1272 0.1778 0.1427 0.0157  0.0029  0.0031  26  ILE A N   
210 N  N   B ILE A 28 ? 0.1274 0.1771 0.1504 0.0083  0.0123  -0.0016 26  ILE A N   
211 C  CA  A ILE A 28 ? 0.1200 0.1601 0.1397 0.0148  0.0080  0.0155  26  ILE A CA  
212 C  CA  B ILE A 28 ? 0.1407 0.1726 0.1597 0.0104  0.0102  0.0039  26  ILE A CA  
213 C  C   A ILE A 28 ? 0.1151 0.1595 0.0827 0.0200  0.0307  0.0137  26  ILE A C   
214 C  C   B ILE A 28 ? 0.1313 0.1743 0.1029 0.0143  0.0310  0.0068  26  ILE A C   
215 O  O   A ILE A 28 ? 0.1271 0.1701 0.1246 -0.0006 -0.0107 0.0098  26  ILE A O   
216 O  O   B ILE A 28 ? 0.1559 0.1908 0.1276 0.0078  0.0031  0.0124  26  ILE A O   
217 C  CB  A ILE A 28 ? 0.1045 0.1532 0.0939 0.0083  -0.0036 0.0028  26  ILE A CB  
218 C  CB  B ILE A 28 ? 0.1507 0.1865 0.1509 0.0039  0.0260  -0.0027 26  ILE A CB  
219 C  CG1 A ILE A 28 ? 0.1255 0.1524 0.1095 0.0119  0.0116  0.0101  26  ILE A CG1 
220 C  CG1 B ILE A 28 ? 0.1717 0.2098 0.1709 -0.0100 0.0265  0.0028  26  ILE A CG1 
221 C  CG2 A ILE A 28 ? 0.0856 0.1502 0.0950 0.0176  0.0147  0.0067  26  ILE A CG2 
222 C  CG2 B ILE A 28 ? 0.1763 0.1692 0.1500 -0.0126 0.0245  -0.0095 26  ILE A CG2 
223 C  CD1 A ILE A 28 ? 0.1831 0.1714 0.1702 -0.0004 0.0142  0.0175  26  ILE A CD1 
224 C  CD1 B ILE A 28 ? 0.2077 0.2226 0.2133 -0.0015 0.0135  0.0151  26  ILE A CD1 
225 N  N   . THR A 29 ? 0.0961 0.1872 0.1220 0.0301  0.0275  0.0153  27  THR A N   
226 C  CA  . THR A 29 ? 0.1093 0.1775 0.1319 0.0065  0.0295  0.0169  27  THR A CA  
227 C  C   . THR A 29 ? 0.1426 0.1860 0.1278 0.0006  0.0387  0.0068  27  THR A C   
228 O  O   . THR A 29 ? 0.1656 0.1801 0.1291 0.0390  0.0264  0.0019  27  THR A O   
229 C  CB  . THR A 29 ? 0.1092 0.1773 0.1386 0.0281  0.0072  0.0058  27  THR A CB  
230 O  OG1 . THR A 29 ? 0.1156 0.2006 0.2006 0.0303  0.0424  -0.0036 27  THR A OG1 
231 C  CG2 . THR A 29 ? 0.1475 0.1870 0.1958 0.0075  0.0153  -0.0120 27  THR A CG2 
232 N  N   A ILE A 30 ? 0.1548 0.1713 0.1407 0.0085  0.0369  0.0057  28  ILE A N   
233 N  N   B ILE A 30 ? 0.1588 0.1743 0.1454 0.0096  0.0372  0.0067  28  ILE A N   
234 C  CA  A ILE A 30 ? 0.1328 0.1721 0.1441 0.0068  0.0216  0.0107  28  ILE A CA  
235 C  CA  B ILE A 30 ? 0.1477 0.1808 0.1567 0.0084  0.0287  0.0110  28  ILE A CA  
236 C  C   A ILE A 30 ? 0.1357 0.1774 0.1642 0.0123  0.0191  -0.0020 28  ILE A C   
237 C  C   B ILE A 30 ? 0.1487 0.1891 0.1796 0.0070  0.0196  -0.0036 28  ILE A C   
238 O  O   A ILE A 30 ? 0.1895 0.1865 0.1813 0.0147  0.0207  0.0215  28  ILE A O   
239 O  O   B ILE A 30 ? 0.1780 0.2231 0.2210 0.0191  0.0245  0.0206  28  ILE A O   
240 C  CB  A ILE A 30 ? 0.0974 0.1705 0.1481 0.0263  0.0227  0.0101  28  ILE A CB  
241 C  CB  B ILE A 30 ? 0.1387 0.1899 0.1566 0.0103  0.0279  0.0061  28  ILE A CB  
242 C  CG1 A ILE A 30 ? 0.1274 0.1747 0.1484 0.0104  0.0075  0.0090  28  ILE A CG1 
243 C  CG1 B ILE A 30 ? 0.1795 0.2015 0.1704 0.0049  0.0116  0.0082  28  ILE A CG1 
244 C  CG2 A ILE A 30 ? 0.1108 0.1682 0.1434 0.0352  0.0285  -0.0030 28  ILE A CG2 
245 C  CG2 B ILE A 30 ? 0.1660 0.1943 0.1789 0.0355  0.0299  0.0059  28  ILE A CG2 
246 C  CD1 A ILE A 30 ? 0.1569 0.1861 0.1510 0.0119  -0.0020 0.0123  28  ILE A CD1 
247 C  CD1 B ILE A 30 ? 0.1880 0.1890 0.1883 0.0052  0.0030  0.0064  28  ILE A CD1 
248 N  N   . LEU A 31 ? 0.1536 0.1823 0.1595 0.0143  0.0448  0.0154  29  LEU A N   
249 C  CA  . LEU A 31 ? 0.1499 0.1902 0.2007 0.0056  0.0268  -0.0033 29  LEU A CA  
250 C  C   . LEU A 31 ? 0.1690 0.1733 0.2103 -0.0015 0.0413  0.0040  29  LEU A C   
251 O  O   . LEU A 31 ? 0.1407 0.1824 0.2725 0.0360  0.0334  0.0192  29  LEU A O   
252 C  CB  . LEU A 31 ? 0.1486 0.1800 0.2031 0.0240  0.0198  0.0054  29  LEU A CB  
253 C  CG  . LEU A 31 ? 0.1557 0.2146 0.2288 0.0166  -0.0055 0.0147  29  LEU A CG  
254 C  CD1 . LEU A 31 ? 0.2056 0.2438 0.2126 -0.0128 0.0280  0.0058  29  LEU A CD1 
255 C  CD2 . LEU A 31 ? 0.2069 0.2487 0.2275 0.0219  0.0267  -0.0048 29  LEU A CD2 
256 N  N   . LYS A 32 ? 0.1177 0.1701 0.2218 0.0283  0.0105  0.0279  30  LYS A N   
257 C  CA  . LYS A 32 ? 0.1269 0.1849 0.1957 0.0463  -0.0209 0.0073  30  LYS A CA  
258 C  C   . LYS A 32 ? 0.1267 0.2063 0.1614 0.0233  0.0375  0.0047  30  LYS A C   
259 O  O   . LYS A 32 ? 0.1452 0.2209 0.1657 0.0139  0.0460  0.0059  30  LYS A O   
260 C  CB  . LYS A 32 ? 0.1971 0.2511 0.2270 0.0467  -0.0028 -0.0122 30  LYS A CB  
261 C  CG  . LYS A 32 ? 0.2388 0.3207 0.3280 0.0232  0.0039  -0.0064 30  LYS A CG  
262 C  CD  . LYS A 32 ? 0.3286 0.3408 0.3554 -0.0081 0.0018  0.0146  30  LYS A CD  
263 C  CE  . LYS A 32 ? 0.3324 0.3331 0.3468 0.0334  0.0049  -0.0008 30  LYS A CE  
264 N  NZ  . LYS A 32 ? 0.2879 0.2671 0.2525 0.0463  0.0379  0.0200  30  LYS A NZ  
265 N  N   . LYS A 33 ? 0.1757 0.1994 0.1896 0.0132  0.0088  0.0360  31  LYS A N   
266 C  CA  . LYS A 33 ? 0.1661 0.2047 0.2125 0.0179  -0.0011 0.0187  31  LYS A CA  
267 C  C   . LYS A 33 ? 0.1569 0.1985 0.2134 0.0041  0.0024  0.0201  31  LYS A C   
268 O  O   . LYS A 33 ? 0.1960 0.2178 0.3222 0.0105  -0.0006 0.0188  31  LYS A O   
269 C  CB  . LYS A 33 ? 0.2156 0.2507 0.2822 0.0004  -0.0120 -0.0025 31  LYS A CB  
270 C  CG  . LYS A 33 ? 0.2735 0.3264 0.2570 -0.0047 -0.0024 0.0053  31  LYS A CG  
271 C  CD  . LYS A 33 ? 0.3266 0.3544 0.3077 0.0181  0.0225  -0.0141 31  LYS A CD  
272 C  CE  . LYS A 33 ? 0.4039 0.4084 0.3973 -0.0075 0.0077  -0.0114 31  LYS A CE  
273 N  NZ  . LYS A 33 ? 0.4600 0.4781 0.4564 0.0201  -0.0102 0.0036  31  LYS A NZ  
274 N  N   . SER A 34 ? 0.1658 0.1754 0.2187 0.0165  0.0032  0.0249  32  SER A N   
275 C  CA  . SER A 34 ? 0.1615 0.1805 0.2152 0.0183  0.0131  0.0094  32  SER A CA  
276 C  C   . SER A 34 ? 0.1447 0.2028 0.1872 0.0414  0.0303  -0.0042 32  SER A C   
277 O  O   . SER A 34 ? 0.2072 0.2703 0.1693 0.0444  0.0586  0.0165  32  SER A O   
278 C  CB  . SER A 34 ? 0.1314 0.1921 0.1966 0.0237  0.0068  0.0120  32  SER A CB  
279 O  OG  . SER A 34 ? 0.1202 0.1824 0.1954 0.0142  0.0283  0.0147  32  SER A OG  
280 N  N   . ASP A 35 ? 0.1597 0.2289 0.2004 0.0339  -0.0021 0.0295  33  ASP A N   
281 C  CA  . ASP A 35 ? 0.2161 0.2436 0.1985 0.0103  0.0073  0.0101  33  ASP A CA  
282 C  C   . ASP A 35 ? 0.2245 0.2320 0.2218 0.0059  -0.0259 0.0237  33  ASP A C   
283 O  O   . ASP A 35 ? 0.2864 0.2985 0.2494 0.0058  -0.0606 0.0252  33  ASP A O   
284 C  CB  . ASP A 35 ? 0.2321 0.2786 0.2416 0.0397  -0.0047 0.0255  33  ASP A CB  
285 C  CG  . ASP A 35 ? 0.3570 0.3527 0.3738 -0.0021 0.0021  0.0170  33  ASP A CG  
286 O  OD1 . ASP A 35 ? 0.3987 0.3638 0.3655 0.0088  -0.0014 0.0691  33  ASP A OD1 
287 O  OD2 . ASP A 35 ? 0.4589 0.4140 0.4670 0.0296  0.0179  0.0159  33  ASP A OD2 
288 N  N   . SER A 36 ? 0.1603 0.2126 0.1705 0.0387  0.0084  0.0183  34  SER A N   
289 C  CA  . SER A 36 ? 0.1515 0.2143 0.1806 0.0230  -0.0139 0.0036  34  SER A CA  
290 C  C   . SER A 36 ? 0.1497 0.1888 0.1688 0.0202  -0.0072 -0.0111 34  SER A C   
291 O  O   . SER A 36 ? 0.1559 0.2079 0.1503 0.0372  -0.0154 0.0098  34  SER A O   
292 C  CB  . SER A 36 ? 0.1439 0.2004 0.1932 0.0189  -0.0099 -0.0013 34  SER A CB  
293 O  OG  . SER A 36 ? 0.1591 0.1943 0.2377 0.0346  0.0043  -0.0050 34  SER A OG  
294 N  N   . GLN A 37 ? 0.1988 0.2134 0.1451 0.0351  0.0098  -0.0063 35  GLN A N   
295 C  CA  . GLN A 37 ? 0.1837 0.2232 0.1857 0.0355  -0.0061 -0.0106 35  GLN A CA  
296 C  C   . GLN A 37 ? 0.1759 0.2032 0.1790 0.0505  0.0232  -0.0181 35  GLN A C   
297 O  O   . GLN A 37 ? 0.2056 0.2247 0.2266 0.0542  0.0115  -0.0058 35  GLN A O   
298 C  CB  . GLN A 37 ? 0.2735 0.2883 0.2258 0.0512  0.0113  -0.0181 35  GLN A CB  
299 C  CG  . GLN A 37 ? 0.3145 0.3791 0.3178 0.0210  0.0162  -0.0105 35  GLN A CG  
300 C  CD  . GLN A 37 ? 0.3030 0.3384 0.2872 0.0250  0.0246  0.0213  35  GLN A CD  
301 O  OE1 . GLN A 37 ? 0.3023 0.4128 0.3525 0.0669  -0.0029 0.0413  35  GLN A OE1 
302 N  NE2 . GLN A 37 ? 0.2205 0.3424 0.2556 0.0646  0.0098  0.0245  35  GLN A NE2 
303 N  N   . ASN A 38 ? 0.1150 0.2006 0.1375 0.0526  0.0065  -0.0138 36  ASN A N   
304 C  CA  . ASN A 38 ? 0.1605 0.1778 0.1826 -0.0064 0.0120  -0.0108 36  ASN A CA  
305 C  C   . ASN A 38 ? 0.1580 0.1700 0.1818 0.0200  0.0078  -0.0032 36  ASN A C   
306 O  O   . ASN A 38 ? 0.2415 0.1969 0.1971 -0.0118 0.0225  0.0131  36  ASN A O   
307 C  CB  . ASN A 38 ? 0.1853 0.1879 0.1710 -0.0048 0.0116  -0.0067 36  ASN A CB  
308 C  CG  . ASN A 38 ? 0.1948 0.2041 0.2540 0.0217  -0.0373 -0.0323 36  ASN A CG  
309 O  OD1 . ASN A 38 ? 0.2063 0.2635 0.2564 0.0259  -0.0422 -0.0127 36  ASN A OD1 
310 N  ND2 . ASN A 38 ? 0.1641 0.1756 0.2606 0.0202  -0.0244 -0.0310 36  ASN A ND2 
311 N  N   . ASP A 39 ? 0.1460 0.1860 0.1195 0.0236  0.0264  -0.0110 37  ASP A N   
312 C  CA  . ASP A 39 ? 0.1407 0.1817 0.1359 0.0181  0.0024  -0.0016 37  ASP A CA  
313 C  C   . ASP A 39 ? 0.1268 0.1834 0.1226 0.0206  0.0299  -0.0063 37  ASP A C   
314 O  O   . ASP A 39 ? 0.1708 0.2056 0.1141 0.0733  0.0483  -0.0113 37  ASP A O   
315 C  CB  . ASP A 39 ? 0.1357 0.1840 0.1620 0.0136  0.0092  -0.0005 37  ASP A CB  
316 C  CG  . ASP A 39 ? 0.1684 0.1569 0.1638 0.0229  0.0063  0.0042  37  ASP A CG  
317 O  OD1 . ASP A 39 ? 0.1403 0.2008 0.1785 0.0318  0.0096  -0.0125 37  ASP A OD1 
318 O  OD2 . ASP A 39 ? 0.0974 0.1914 0.1466 0.0531  0.0250  0.0018  37  ASP A OD2 
319 N  N   A TRP A 40 ? 0.1038 0.1812 0.1176 0.0270  0.0229  0.0036  38  TRP A N   
320 N  N   B TRP A 40 ? 0.1211 0.1860 0.1284 0.0283  0.0195  0.0034  38  TRP A N   
321 C  CA  A TRP A 40 ? 0.1091 0.1375 0.1160 0.0335  0.0092  -0.0027 38  TRP A CA  
322 C  CA  B TRP A 40 ? 0.1415 0.1692 0.1457 0.0152  0.0020  0.0017  38  TRP A CA  
323 C  C   A TRP A 40 ? 0.1191 0.1499 0.1483 0.0230  0.0187  0.0097  38  TRP A C   
324 C  C   B TRP A 40 ? 0.1462 0.1541 0.1367 0.0216  0.0228  -0.0023 38  TRP A C   
325 O  O   A TRP A 40 ? 0.1170 0.1787 0.1439 0.0386  0.0179  -0.0175 38  TRP A O   
326 O  O   B TRP A 40 ? 0.1021 0.1663 0.1250 -0.0098 0.0411  0.0035  38  TRP A O   
327 C  CB  A TRP A 40 ? 0.1371 0.1483 0.1072 0.0060  0.0231  0.0036  38  TRP A CB  
328 C  CB  B TRP A 40 ? 0.0886 0.1409 0.1392 0.0456  -0.0044 0.0061  38  TRP A CB  
329 C  CG  A TRP A 40 ? 0.1221 0.1333 0.1148 0.0119  0.0123  -0.0036 38  TRP A CG  
330 C  CG  B TRP A 40 ? 0.1577 0.1898 0.1660 0.0089  0.0093  0.0179  38  TRP A CG  
331 C  CD1 A TRP A 40 ? 0.1505 0.1744 0.1767 -0.0096 -0.0106 0.0164  38  TRP A CD1 
332 C  CD1 B TRP A 40 ? 0.1352 0.2199 0.1647 0.0285  -0.0075 0.0259  38  TRP A CD1 
333 C  CD2 A TRP A 40 ? 0.1217 0.1368 0.1170 0.0133  -0.0026 -0.0031 38  TRP A CD2 
334 C  CD2 B TRP A 40 ? 0.1531 0.1911 0.1658 0.0089  -0.0043 0.0053  38  TRP A CD2 
335 N  NE1 A TRP A 40 ? 0.1475 0.2003 0.2064 0.0077  -0.0052 0.0208  38  TRP A NE1 
336 N  NE1 B TRP A 40 ? 0.1801 0.2234 0.2279 0.0224  0.0215  0.0211  38  TRP A NE1 
337 C  CE2 A TRP A 40 ? 0.1404 0.1658 0.1617 0.0038  0.0010  0.0193  38  TRP A CE2 
338 C  CE2 B TRP A 40 ? 0.1821 0.2132 0.2085 0.0181  -0.0025 0.0186  38  TRP A CE2 
339 C  CE3 A TRP A 40 ? 0.1000 0.1478 0.1045 0.0179  0.0293  -0.0158 38  TRP A CE3 
340 C  CE3 B TRP A 40 ? 0.1863 0.1917 0.2113 0.0260  0.0090  0.0040  38  TRP A CE3 
341 C  CZ2 A TRP A 40 ? 0.1290 0.1655 0.1535 0.0037  0.0015  0.0142  38  TRP A CZ2 
342 C  CZ2 B TRP A 40 ? 0.2043 0.2214 0.1857 0.0061  -0.0096 0.0180  38  TRP A CZ2 
343 C  CZ3 A TRP A 40 ? 0.1123 0.1503 0.1433 0.0123  0.0384  0.0051  38  TRP A CZ3 
344 C  CZ3 B TRP A 40 ? 0.2046 0.2075 0.2018 0.0167  0.0082  0.0223  38  TRP A CZ3 
345 C  CH2 A TRP A 40 ? 0.1150 0.1178 0.1167 0.0236  0.0109  0.0003  38  TRP A CH2 
346 C  CH2 B TRP A 40 ? 0.2152 0.2419 0.2138 0.0091  0.0107  0.0100  38  TRP A CH2 
347 N  N   . TRP A 41 ? 0.1225 0.1659 0.1214 0.0232  0.0271  -0.0037 39  TRP A N   
348 C  CA  . TRP A 41 ? 0.1121 0.1778 0.1308 0.0296  0.0253  0.0031  39  TRP A CA  
349 C  C   . TRP A 41 ? 0.1197 0.1394 0.1195 0.0352  0.0234  0.0053  39  TRP A C   
350 O  O   . TRP A 41 ? 0.1342 0.1656 0.1270 0.0238  0.0201  0.0300  39  TRP A O   
351 C  CB  . TRP A 41 ? 0.1398 0.1655 0.1324 0.0248  -0.0022 0.0075  39  TRP A CB  
352 C  CG  . TRP A 41 ? 0.1138 0.1786 0.1226 0.0129  0.0091  0.0174  39  TRP A CG  
353 C  CD1 . TRP A 41 ? 0.1218 0.1701 0.1086 0.0090  0.0053  0.0056  39  TRP A CD1 
354 C  CD2 . TRP A 41 ? 0.0941 0.2034 0.1368 0.0266  0.0217  -0.0075 39  TRP A CD2 
355 N  NE1 . TRP A 41 ? 0.1567 0.1856 0.1000 0.0207  0.0165  0.0096  39  TRP A NE1 
356 C  CE2 . TRP A 41 ? 0.1087 0.2008 0.0837 0.0225  0.0332  0.0224  39  TRP A CE2 
357 C  CE3 . TRP A 41 ? 0.1553 0.2097 0.1593 0.0342  0.0246  -0.0255 39  TRP A CE3 
358 C  CZ2 . TRP A 41 ? 0.1580 0.2421 0.1515 0.0217  -0.0141 0.0211  39  TRP A CZ2 
359 C  CZ3 . TRP A 41 ? 0.1838 0.2641 0.1636 0.0328  0.0278  -0.0161 39  TRP A CZ3 
360 C  CH2 . TRP A 41 ? 0.1939 0.2556 0.1789 0.0154  0.0018  0.0099  39  TRP A CH2 
361 N  N   . THR A 42 ? 0.1088 0.1709 0.1530 0.0088  0.0199  0.0078  40  THR A N   
362 C  CA  . THR A 42 ? 0.1104 0.1670 0.1134 0.0112  0.0229  -0.0068 40  THR A CA  
363 C  C   . THR A 42 ? 0.1307 0.1582 0.1347 0.0231  0.0255  0.0017  40  THR A C   
364 O  O   . THR A 42 ? 0.1408 0.1713 0.1443 0.0203  0.0226  0.0247  40  THR A O   
365 C  CB  . THR A 42 ? 0.1420 0.1714 0.1551 0.0310  0.0255  -0.0133 40  THR A CB  
366 O  OG1 . THR A 42 ? 0.1651 0.2117 0.1763 0.0506  0.0445  -0.0317 40  THR A OG1 
367 C  CG2 . THR A 42 ? 0.1761 0.2116 0.2373 -0.0005 0.0015  -0.0237 40  THR A CG2 
368 N  N   . GLY A 43 ? 0.1038 0.1811 0.1223 0.0185  0.0128  -0.0031 41  GLY A N   
369 C  CA  . GLY A 43 ? 0.1309 0.1842 0.1232 0.0123  0.0189  -0.0043 41  GLY A CA  
370 C  C   . GLY A 43 ? 0.1319 0.1735 0.1542 0.0103  0.0139  -0.0184 41  GLY A C   
371 O  O   . GLY A 43 ? 0.1142 0.2109 0.1409 0.0120  0.0117  -0.0031 41  GLY A O   
372 N  N   . ARG A 44 ? 0.1263 0.1895 0.1149 0.0150  0.0140  0.0019  42  ARG A N   
373 C  CA  . ARG A 44 ? 0.1543 0.1589 0.1248 0.0137  -0.0057 0.0139  42  ARG A CA  
374 C  C   . ARG A 44 ? 0.1080 0.1717 0.1323 -0.0037 -0.0091 0.0028  42  ARG A C   
375 O  O   . ARG A 44 ? 0.1221 0.2020 0.1306 0.0165  -0.0101 0.0026  42  ARG A O   
376 C  CB  . ARG A 44 ? 0.1435 0.1721 0.1200 0.0123  0.0138  0.0060  42  ARG A CB  
377 C  CG  . ARG A 44 ? 0.1142 0.1883 0.1300 0.0256  0.0087  0.0063  42  ARG A CG  
378 C  CD  . ARG A 44 ? 0.1766 0.1868 0.1261 0.0098  0.0100  0.0104  42  ARG A CD  
379 N  NE  . ARG A 44 ? 0.2064 0.2106 0.1813 -0.0174 0.0233  0.0099  42  ARG A NE  
380 C  CZ  . ARG A 44 ? 0.1809 0.2196 0.2068 0.0087  -0.0096 0.0156  42  ARG A CZ  
381 N  NH1 . ARG A 44 ? 0.2407 0.2308 0.2868 0.0008  -0.0073 -0.0031 42  ARG A NH1 
382 N  NH2 . ARG A 44 ? 0.2296 0.2585 0.2268 -0.0107 0.0230  0.0114  42  ARG A NH2 
383 N  N   . VAL A 45 ? 0.1080 0.1887 0.0941 0.0195  0.0203  0.0010  43  VAL A N   
384 C  CA  . VAL A 45 ? 0.1150 0.1557 0.1263 0.0183  0.0101  0.0058  43  VAL A CA  
385 C  C   . VAL A 45 ? 0.1138 0.1543 0.1019 0.0064  0.0188  0.0224  43  VAL A C   
386 O  O   . VAL A 45 ? 0.1520 0.1944 0.1334 0.0008  0.0412  0.0097  43  VAL A O   
387 C  CB  . VAL A 45 ? 0.1322 0.1730 0.1532 0.0111  0.0184  -0.0032 43  VAL A CB  
388 C  CG1 . VAL A 45 ? 0.1831 0.2309 0.1701 -0.0078 0.0133  -0.0044 43  VAL A CG1 
389 C  CG2 . VAL A 45 ? 0.1551 0.1687 0.1329 0.0260  0.0227  0.0083  43  VAL A CG2 
390 N  N   . ASN A 46 ? 0.1236 0.1895 0.1487 0.0017  0.0258  0.0004  44  ASN A N   
391 C  CA  . ASN A 46 ? 0.1750 0.1811 0.1629 0.0159  0.0043  -0.0008 44  ASN A CA  
392 C  C   . ASN A 46 ? 0.1361 0.1663 0.1521 0.0164  -0.0206 0.0086  44  ASN A C   
393 O  O   . ASN A 46 ? 0.1976 0.2211 0.1936 0.0475  -0.0491 0.0063  44  ASN A O   
394 C  CB  . ASN A 46 ? 0.1877 0.1767 0.1878 0.0066  -0.0094 0.0064  44  ASN A CB  
395 C  CG  . ASN A 46 ? 0.1912 0.2060 0.1573 0.0117  0.0273  0.0028  44  ASN A CG  
396 O  OD1 . ASN A 46 ? 0.2623 0.2169 0.1781 0.0180  0.0748  -0.0045 44  ASN A OD1 
397 N  ND2 . ASN A 46 ? 0.2463 0.2569 0.2249 -0.0312 0.0513  0.0058  44  ASN A ND2 
398 N  N   . GLY A 47 ? 0.1336 0.1817 0.1395 0.0184  0.0060  0.0021  45  GLY A N   
399 C  CA  . GLY A 47 ? 0.1260 0.1795 0.1424 0.0167  0.0251  0.0007  45  GLY A CA  
400 C  C   . GLY A 47 ? 0.1218 0.1748 0.1374 -0.0045 0.0249  0.0066  45  GLY A C   
401 O  O   . GLY A 47 ? 0.1645 0.2279 0.1723 -0.0109 0.0296  -0.0304 45  GLY A O   
402 N  N   . ARG A 48 ? 0.1222 0.1901 0.1192 0.0010  0.0212  0.0235  46  ARG A N   
403 C  CA  . ARG A 48 ? 0.1203 0.1924 0.1468 0.0031  -0.0091 0.0069  46  ARG A CA  
404 C  C   . ARG A 48 ? 0.1140 0.1723 0.0904 -0.0047 0.0334  0.0080  46  ARG A C   
405 O  O   . ARG A 48 ? 0.1361 0.2008 0.1057 0.0033  0.0237  0.0112  46  ARG A O   
406 C  CB  . ARG A 48 ? 0.1604 0.2040 0.1823 0.0058  0.0133  0.0237  46  ARG A CB  
407 C  CG  . ARG A 48 ? 0.1891 0.2494 0.2227 0.0098  -0.0099 0.0390  46  ARG A CG  
408 C  CD  . ARG A 48 ? 0.2881 0.2843 0.3305 -0.0047 -0.0111 0.0342  46  ARG A CD  
409 N  NE  . ARG A 48 ? 0.3505 0.3686 0.3640 0.0274  -0.0255 0.0278  46  ARG A NE  
410 C  CZ  . ARG A 48 ? 0.4212 0.4232 0.4199 0.0209  -0.0033 -0.0105 46  ARG A CZ  
411 N  NH1 . ARG A 48 ? 0.4123 0.4395 0.4044 0.0213  0.0011  0.0139  46  ARG A NH1 
412 N  NH2 . ARG A 48 ? 0.4569 0.4618 0.4467 0.0287  -0.0127 0.0247  46  ARG A NH2 
413 N  N   . GLU A 49 ? 0.0910 0.2019 0.1143 0.0284  0.0341  -0.0033 47  GLU A N   
414 C  CA  . GLU A 49 ? 0.1183 0.1711 0.1681 0.0119  -0.0175 -0.0067 47  GLU A CA  
415 C  C   . GLU A 49 ? 0.1331 0.1928 0.1510 0.0134  0.0074  -0.0190 47  GLU A C   
416 O  O   . GLU A 49 ? 0.1486 0.2486 0.1859 0.0062  0.0111  -0.0055 47  GLU A O   
417 C  CB  . GLU A 49 ? 0.1780 0.1836 0.2247 0.0091  -0.0044 0.0208  47  GLU A CB  
418 C  CG  . GLU A 49 ? 0.2252 0.2109 0.2302 0.0060  0.0022  0.0082  47  GLU A CG  
419 C  CD  . GLU A 49 ? 0.1653 0.1868 0.2151 -0.0099 -0.0142 0.0173  47  GLU A CD  
420 O  OE1 . GLU A 49 ? 0.2154 0.2011 0.2510 -0.0199 -0.0034 0.0116  47  GLU A OE1 
421 O  OE2 . GLU A 49 ? 0.2243 0.1992 0.2486 -0.0102 -0.0003 0.0096  47  GLU A OE2 
422 N  N   . GLY A 50 ? 0.1089 0.1845 0.1386 0.0167  0.0155  0.0127  48  GLY A N   
423 C  CA  . GLY A 50 ? 0.1552 0.1864 0.1466 -0.0037 0.0220  -0.0035 48  GLY A CA  
424 C  C   . GLY A 50 ? 0.1529 0.1946 0.1417 -0.0032 0.0068  0.0057  48  GLY A C   
425 O  O   . GLY A 50 ? 0.1114 0.2204 0.1230 0.0120  0.0189  0.0075  48  GLY A O   
426 N  N   . ILE A 51 ? 0.1344 0.1847 0.1322 0.0187  0.0209  0.0024  49  ILE A N   
427 C  CA  . ILE A 51 ? 0.1213 0.1852 0.1408 0.0247  0.0152  0.0010  49  ILE A CA  
428 C  C   . ILE A 51 ? 0.1388 0.1742 0.1205 -0.0026 0.0093  -0.0008 49  ILE A C   
429 O  O   . ILE A 51 ? 0.1313 0.1995 0.1207 0.0120  0.0182  0.0240  49  ILE A O   
430 C  CB  . ILE A 51 ? 0.1458 0.1973 0.1709 0.0080  0.0311  -0.0215 49  ILE A CB  
431 C  CG1 . ILE A 51 ? 0.1512 0.2365 0.1969 0.0085  0.0158  -0.0096 49  ILE A CG1 
432 C  CG2 . ILE A 51 ? 0.1843 0.1948 0.1739 0.0297  -0.0025 -0.0099 49  ILE A CG2 
433 C  CD1 . ILE A 51 ? 0.2000 0.2935 0.2280 0.0312  0.0327  -0.0309 49  ILE A CD1 
434 N  N   . PHE A 52 ? 0.0827 0.1631 0.1520 0.0224  0.0097  -0.0049 50  PHE A N   
435 C  CA  . PHE A 52 ? 0.0911 0.1636 0.1471 0.0167  0.0195  0.0063  50  PHE A CA  
436 C  C   . PHE A 52 ? 0.0883 0.1608 0.1006 0.0351  0.0261  -0.0036 50  PHE A C   
437 O  O   . PHE A 52 ? 0.1078 0.1678 0.1146 0.0338  0.0258  0.0087  50  PHE A O   
438 C  CB  . PHE A 52 ? 0.0913 0.1751 0.1751 0.0310  0.0138  -0.0032 50  PHE A CB  
439 C  CG  . PHE A 52 ? 0.0963 0.1766 0.1487 0.0368  0.0329  -0.0290 50  PHE A CG  
440 C  CD1 . PHE A 52 ? 0.1030 0.1739 0.1312 0.0328  0.0290  -0.0108 50  PHE A CD1 
441 C  CD2 . PHE A 52 ? 0.1481 0.1826 0.1148 0.0155  0.0080  -0.0222 50  PHE A CD2 
442 C  CE1 . PHE A 52 ? 0.1294 0.1829 0.1005 0.0227  0.0247  -0.0230 50  PHE A CE1 
443 C  CE2 . PHE A 52 ? 0.1504 0.1684 0.1477 0.0174  0.0260  0.0030  50  PHE A CE2 
444 C  CZ  . PHE A 52 ? 0.1020 0.1905 0.1619 0.0360  0.0300  -0.0106 50  PHE A CZ  
445 N  N   A PRO A 53 ? 0.1257 0.1595 0.1244 0.0129  0.0212  0.0000  51  PRO A N   
446 N  N   B PRO A 53 ? 0.1527 0.1692 0.1453 0.0085  0.0164  -0.0034 51  PRO A N   
447 C  CA  A PRO A 53 ? 0.1215 0.1575 0.1222 0.0083  0.0165  -0.0155 51  PRO A CA  
448 C  CA  B PRO A 53 ? 0.1259 0.1731 0.1407 0.0149  0.0198  -0.0169 51  PRO A CA  
449 C  C   A PRO A 53 ? 0.1159 0.1563 0.1208 0.0145  0.0070  -0.0028 51  PRO A C   
450 C  C   B PRO A 53 ? 0.1327 0.1654 0.1362 0.0102  0.0030  0.0020  51  PRO A C   
451 O  O   A PRO A 53 ? 0.1445 0.1658 0.1795 0.0169  0.0114  -0.0153 51  PRO A O   
452 O  O   B PRO A 53 ? 0.1709 0.1729 0.1887 0.0113  0.0126  -0.0082 51  PRO A O   
453 C  CB  A PRO A 53 ? 0.1424 0.1762 0.1339 0.0052  0.0162  0.0003  51  PRO A CB  
454 C  CB  B PRO A 53 ? 0.1720 0.1936 0.1845 0.0096  0.0068  0.0011  51  PRO A CB  
455 C  CG  A PRO A 53 ? 0.1455 0.1511 0.1154 0.0120  0.0198  0.0013  51  PRO A CG  
456 C  CG  B PRO A 53 ? 0.1903 0.1558 0.1681 -0.0059 0.0104  -0.0017 51  PRO A CG  
457 C  CD  A PRO A 53 ? 0.1508 0.1665 0.1594 0.0096  0.0092  0.0025  51  PRO A CD  
458 C  CD  B PRO A 53 ? 0.1688 0.1834 0.1835 0.0128  0.0047  0.0057  51  PRO A CD  
459 N  N   . ALA A 54 ? 0.1243 0.1557 0.1463 0.0254  0.0181  -0.0066 52  ALA A N   
460 C  CA  . ALA A 54 ? 0.1326 0.1653 0.1196 0.0077  0.0041  0.0088  52  ALA A CA  
461 C  C   . ALA A 54 ? 0.1255 0.1550 0.1208 0.0216  -0.0019 0.0047  52  ALA A C   
462 O  O   . ALA A 54 ? 0.1346 0.2082 0.1351 0.0196  0.0394  -0.0158 52  ALA A O   
463 C  CB  . ALA A 54 ? 0.1874 0.1812 0.1191 0.0232  0.0347  0.0039  52  ALA A CB  
464 N  N   . ASN A 55 ? 0.1015 0.1703 0.1558 0.0363  -0.0105 -0.0017 53  ASN A N   
465 C  CA  . ASN A 55 ? 0.1308 0.1547 0.1605 0.0252  -0.0026 0.0123  53  ASN A CA  
466 C  C   . ASN A 55 ? 0.1221 0.1635 0.1413 0.0195  0.0135  -0.0213 53  ASN A C   
467 O  O   . ASN A 55 ? 0.1455 0.1877 0.1324 0.0397  -0.0019 -0.0106 53  ASN A O   
468 C  CB  . ASN A 55 ? 0.1134 0.1817 0.1916 0.0214  0.0070  -0.0237 53  ASN A CB  
469 C  CG  . ASN A 55 ? 0.1615 0.2054 0.2172 0.0030  0.0133  -0.0038 53  ASN A CG  
470 O  OD1 . ASN A 55 ? 0.1665 0.2479 0.1965 -0.0081 0.0197  -0.0191 53  ASN A OD1 
471 N  ND2 . ASN A 55 ? 0.1447 0.2381 0.2535 0.0082  0.0178  0.0450  53  ASN A ND2 
472 N  N   . TYR A 56 ? 0.1359 0.1649 0.1186 0.0267  0.0279  -0.0108 54  TYR A N   
473 C  CA  . TYR A 56 ? 0.1431 0.1674 0.1467 0.0198  0.0168  0.0063  54  TYR A CA  
474 C  C   . TYR A 56 ? 0.1381 0.1749 0.1540 0.0349  0.0123  0.0031  54  TYR A C   
475 O  O   . TYR A 56 ? 0.1412 0.1956 0.1674 0.0440  0.0436  0.0203  54  TYR A O   
476 C  CB  . TYR A 56 ? 0.1363 0.1834 0.1380 0.0499  0.0218  0.0038  54  TYR A CB  
477 C  CG  . TYR A 56 ? 0.1994 0.2080 0.2115 0.0228  0.0132  0.0328  54  TYR A CG  
478 C  CD1 . TYR A 56 ? 0.2534 0.3468 0.2838 0.0104  0.0101  0.0591  54  TYR A CD1 
479 C  CD2 . TYR A 56 ? 0.2303 0.3209 0.2357 0.0153  0.0048  0.0240  54  TYR A CD2 
480 C  CE1 . TYR A 56 ? 0.2416 0.3308 0.2569 0.0402  0.0307  0.0578  54  TYR A CE1 
481 C  CE2 . TYR A 56 ? 0.2627 0.3143 0.2370 -0.0160 -0.0172 0.0283  54  TYR A CE2 
482 C  CZ  . TYR A 56 ? 0.2679 0.3035 0.2139 0.0212  0.0287  0.0073  54  TYR A CZ  
483 O  OH  . TYR A 56 ? 0.3391 0.2787 0.2548 0.0014  0.0798  0.0359  54  TYR A OH  
484 N  N   . VAL A 57 ? 0.1442 0.1872 0.1347 0.0240  0.0280  0.0130  55  VAL A N   
485 C  CA  . VAL A 57 ? 0.1351 0.1664 0.1308 0.0246  0.0115  0.0052  55  VAL A CA  
486 C  C   . VAL A 57 ? 0.1493 0.1864 0.1371 0.0263  0.0124  -0.0109 55  VAL A C   
487 O  O   . VAL A 57 ? 0.1502 0.2459 0.1461 0.0301  0.0224  0.0122  55  VAL A O   
488 C  CB  . VAL A 57 ? 0.1669 0.1697 0.1552 -0.0002 0.0022  0.0095  55  VAL A CB  
489 C  CG1 . VAL A 57 ? 0.1609 0.2029 0.1601 0.0300  0.0221  0.0036  55  VAL A CG1 
490 C  CG2 . VAL A 57 ? 0.1578 0.1753 0.1744 0.0058  0.0100  -0.0016 55  VAL A CG2 
491 N  N   . GLU A 58 ? 0.1451 0.2142 0.1451 0.0017  0.0309  -0.0049 56  GLU A N   
492 C  CA  . GLU A 58 ? 0.1468 0.2289 0.1695 0.0163  0.0268  0.0230  56  GLU A CA  
493 C  C   . GLU A 58 ? 0.2103 0.2266 0.1774 0.0020  0.0131  0.0057  56  GLU A C   
494 O  O   . GLU A 58 ? 0.1671 0.2444 0.1476 0.0030  0.0000  0.0294  56  GLU A O   
495 C  CB  . GLU A 58 ? 0.2620 0.2340 0.2183 -0.0166 -0.0138 0.0167  56  GLU A CB  
496 C  CG  . GLU A 58 ? 0.3051 0.3602 0.2570 0.0039  -0.0230 0.0178  56  GLU A CG  
497 C  CD  . GLU A 58 ? 0.4744 0.4247 0.4340 -0.0022 0.0004  -0.0210 56  GLU A CD  
498 O  OE1 . GLU A 58 ? 0.5677 0.4868 0.5096 -0.0369 0.0085  -0.0067 56  GLU A OE1 
499 O  OE2 . GLU A 58 ? 0.5685 0.5627 0.5144 -0.0171 0.0335  -0.0086 56  GLU A OE2 
500 N  N   . LEU A 59 ? 0.1877 0.2425 0.2047 -0.0039 -0.0063 -0.0020 57  LEU A N   
501 C  CA  . LEU A 59 ? 0.1970 0.2199 0.1620 0.0067  0.0022  0.0033  57  LEU A CA  
502 C  C   . LEU A 59 ? 0.2096 0.2442 0.1644 -0.0020 0.0158  -0.0005 57  LEU A C   
503 O  O   . LEU A 59 ? 0.2709 0.2998 0.1751 -0.0188 0.0131  -0.0023 57  LEU A O   
504 C  CB  . LEU A 59 ? 0.2271 0.2512 0.2061 0.0247  0.0026  0.0212  57  LEU A CB  
505 C  CG  . LEU A 59 ? 0.2175 0.2529 0.1979 0.0498  -0.0094 0.0253  57  LEU A CG  
506 C  CD1 . LEU A 59 ? 0.2487 0.2868 0.2492 0.0529  -0.0012 0.0427  57  LEU A CD1 
507 C  CD2 . LEU A 59 ? 0.2672 0.2607 0.2568 0.0267  0.0087  0.0216  57  LEU A CD2 
508 N  N   . VAL A 60 ? 0.2123 0.2918 0.1442 -0.0020 0.0231  -0.0192 58  VAL A N   
509 C  CA  . VAL A 60 ? 0.2704 0.3040 0.1917 0.0044  0.0450  -0.0102 58  VAL A CA  
510 C  C   . VAL A 60 ? 0.3750 0.3532 0.3242 0.0066  0.0123  0.0198  58  VAL A C   
511 O  O   . VAL A 60 ? 0.4397 0.3963 0.3555 0.0100  0.0296  0.0084  58  VAL A O   
512 C  CB  . VAL A 60 ? 0.3041 0.3385 0.2898 0.0038  0.0285  -0.0137 58  VAL A CB  
513 C  CG1 . VAL A 60 ? 0.3075 0.3578 0.3002 -0.0063 0.0303  -0.0130 58  VAL A CG1 
514 C  CG2 . VAL A 60 ? 0.2906 0.3313 0.2906 0.0091  0.0522  -0.0093 58  VAL A CG2 
515 O  OXT . VAL A 60 ? 0.4658 0.4392 0.3500 0.0034  -0.0040 -0.0023 58  VAL A OXT 
516 CL CL  . CL  B .  ? 0.3187 0.4615 0.3976 0.0026  -0.0056 0.0097  111 CL  A CL  
517 CL CL  . CL  C .  ? 0.7354 0.4373 0.6033 -0.1017 0.0649  0.0613  112 CL  A CL  
518 CL CL  . CL  D .  ? 0.5967 0.5251 0.5963 0.0742  -0.0242 -0.0385 113 CL  A CL  
519 O  O   . HOH E .  ? 0.4773 0.4926 0.4771 0.0052  0.0068  0.0051  114 HOH A O   
520 O  O   . HOH E .  ? 0.2530 0.2453 0.2346 -0.0065 0.0214  0.0162  115 HOH A O   
521 O  O   . HOH E .  ? 0.4229 0.4271 0.4319 0.0079  -0.0004 0.0156  116 HOH A O   
522 O  O   . HOH E .  ? 0.4160 0.4334 0.4260 0.0047  -0.0140 -0.0039 117 HOH A O   
523 O  O   . HOH E .  ? 0.3526 0.3121 0.4064 -0.0033 -0.0192 -0.0315 118 HOH A O   
524 O  O   . HOH E .  ? 0.4355 0.4352 0.5023 0.0364  0.0145  -0.0135 119 HOH A O   
525 O  O   . HOH E .  ? 0.4401 0.5343 0.4666 0.0390  0.0267  -0.0163 120 HOH A O   
526 O  O   . HOH E .  ? 0.3962 0.3827 0.3715 -0.0119 0.0442  0.0305  121 HOH A O   
527 O  O   . HOH E .  ? 0.4978 0.5216 0.5128 0.0087  -0.0079 0.0284  122 HOH A O   
528 O  O   . HOH E .  ? 0.4762 0.4839 0.4505 0.0325  0.0280  0.0144  123 HOH A O   
529 O  O   A HOH E .  ? 0.2948 0.3567 0.2734 0.0082  0.0248  0.0028  124 HOH A O   
530 O  O   B HOH E .  ? 0.3886 0.3857 0.3658 -0.0034 0.0126  0.0021  124 HOH A O   
531 O  O   . HOH E .  ? 0.1540 0.1872 0.1449 0.0224  0.0325  -0.0146 125 HOH A O   
532 O  O   . HOH E .  ? 0.1087 0.2074 0.2402 0.0206  0.0405  0.0090  126 HOH A O   
533 O  O   . HOH E .  ? 0.3791 0.3924 0.4737 0.0302  -0.0643 -0.0713 127 HOH A O   
534 O  O   . HOH E .  ? 0.2224 0.3177 0.2829 -0.0280 0.0019  0.0290  128 HOH A O   
535 O  O   . HOH E .  ? 0.5626 0.6244 0.5876 0.0155  0.0010  0.0051  129 HOH A O   
536 O  O   . HOH E .  ? 0.4519 0.4624 0.4310 0.0124  0.0198  0.0350  130 HOH A O   
537 O  O   . HOH E .  ? 0.4315 0.3734 0.3478 0.0180  -0.0413 -0.0027 131 HOH A O   
538 O  O   . HOH E .  ? 0.1824 0.2072 0.2507 0.0187  0.0120  -0.0270 132 HOH A O   
539 O  O   A HOH E .  ? 0.5129 0.5162 0.5084 0.0055  0.0107  0.0034  133 HOH A O   
540 O  O   B HOH E .  ? 0.3842 0.3873 0.3242 0.0043  0.0356  -0.0170 133 HOH A O   
541 O  O   . HOH E .  ? 0.2082 0.2567 0.2611 -0.0098 0.0017  0.0473  134 HOH A O   
542 O  O   . HOH E .  ? 0.2067 0.2652 0.3860 0.0044  -0.0494 -0.0125 135 HOH A O   
543 O  O   . HOH E .  ? 0.2481 0.2724 0.1974 0.0277  -0.0165 0.0129  136 HOH A O   
544 O  O   . HOH E .  ? 0.1811 0.2913 0.3280 0.0452  -0.0253 -0.0917 137 HOH A O   
545 O  O   . HOH E .  ? 0.2721 0.3052 0.2917 -0.0113 -0.0110 0.0593  138 HOH A O   
546 O  O   . HOH E .  ? 0.4210 0.4288 0.3905 -0.0116 0.0359  -0.0265 139 HOH A O   
547 O  O   . HOH E .  ? 0.3593 0.3554 0.3194 0.0093  0.0116  -0.0183 140 HOH A O   
548 O  O   . HOH E .  ? 0.3243 0.3753 0.3079 -0.0159 0.0451  -0.0537 141 HOH A O   
549 O  O   . HOH E .  ? 0.3397 0.3397 0.3208 0.0238  0.0105  0.0173  142 HOH A O   
550 O  O   . HOH E .  ? 0.1623 0.3762 0.2762 0.0342  -0.0020 0.0367  143 HOH A O   
551 O  O   . HOH E .  ? 0.3986 0.4892 0.3243 0.0354  -0.0377 0.0172  144 HOH A O   
552 O  O   . HOH E .  ? 0.4315 0.4453 0.3887 -0.0056 -0.0274 0.0281  145 HOH A O   
553 O  O   . HOH E .  ? 0.3033 0.3525 0.3354 -0.0035 0.0104  0.0311  146 HOH A O   
554 O  O   . HOH E .  ? 0.5189 0.4944 0.4511 -0.0049 0.0174  -0.0077 147 HOH A O   
555 O  O   . HOH E .  ? 0.4029 0.4411 0.3849 0.0359  0.0222  -0.0318 148 HOH A O   
556 O  O   . HOH E .  ? 0.2851 0.3221 0.4141 -0.0024 -0.0169 0.0001  149 HOH A O   
557 O  O   . HOH E .  ? 0.3859 0.3890 0.3645 -0.0663 0.0314  -0.0150 150 HOH A O   
558 O  O   . HOH E .  ? 0.4799 0.4604 0.5123 0.0269  0.0010  -0.0012 151 HOH A O   
559 O  O   . HOH E .  ? 0.4630 0.4914 0.3985 0.0557  0.0102  0.0377  152 HOH A O   
560 O  O   . HOH E .  ? 0.5679 0.5961 0.6066 -0.0014 -0.0231 -0.0186 153 HOH A O   
561 O  O   . HOH E .  ? 0.4696 0.4826 0.3823 -0.0183 0.0292  -0.0164 154 HOH A O   
562 O  O   . HOH E .  ? 0.4651 0.4456 0.3951 -0.0075 0.0457  -0.0110 155 HOH A O   
563 O  O   . HOH E .  ? 0.5730 0.5549 0.5273 0.0095  0.0082  -0.0221 156 HOH A O   
564 O  O   . HOH E .  ? 0.2380 0.2654 0.2487 -0.0134 -0.0246 0.0006  157 HOH A O   
565 O  O   . HOH E .  ? 0.3753 0.3200 0.3694 0.0352  0.0113  -0.0224 158 HOH A O   
566 O  O   . HOH E .  ? 0.5725 0.5860 0.5849 0.0341  0.0130  -0.0280 159 HOH A O   
567 O  O   . HOH E .  ? 0.5251 0.4813 0.4758 -0.0080 0.0449  -0.0503 160 HOH A O   
568 O  O   . HOH E .  ? 0.6047 0.6037 0.6410 -0.0190 -0.0012 -0.0168 161 HOH A O   
569 O  O   A HOH E .  ? 0.2974 0.3042 0.3330 -0.0002 -0.0039 0.0115  162 HOH A O   
570 O  O   B HOH E .  ? 0.5223 0.4888 0.5359 0.0176  0.0254  0.0168  162 HOH A O   
571 O  O   . HOH E .  ? 0.5127 0.4697 0.4798 -0.0138 0.0407  -0.0159 163 HOH A O   
572 O  O   . HOH E .  ? 0.6485 0.6251 0.6157 0.0105  -0.0032 -0.0099 164 HOH A O   
573 O  O   . HOH E .  ? 0.5787 0.5277 0.5440 0.0265  0.0079  0.0071  165 HOH A O   
574 O  O   . HOH E .  ? 0.1618 0.2088 0.1505 0.0286  0.0766  -0.0311 166 HOH A O   
575 O  O   . HOH E .  ? 0.3409 0.3475 0.3040 -0.0050 0.0002  -0.0022 167 HOH A O   
576 O  O   . HOH E .  ? 0.5775 0.6203 0.5873 0.0115  0.0088  -0.0062 168 HOH A O   
577 O  O   . HOH E .  ? 0.4869 0.4967 0.4910 0.0034  -0.0026 0.0092  169 HOH A O   
578 O  O   . HOH E .  ? 0.4323 0.4566 0.4472 0.0010  -0.0052 0.0038  170 HOH A O   
# 
loop_
_pdbx_poly_seq_scheme.asym_id 
_pdbx_poly_seq_scheme.entity_id 
_pdbx_poly_seq_scheme.seq_id 
_pdbx_poly_seq_scheme.mon_id 
_pdbx_poly_seq_scheme.ndb_seq_num 
_pdbx_poly_seq_scheme.pdb_seq_num 
_pdbx_poly_seq_scheme.auth_seq_num 
_pdbx_poly_seq_scheme.pdb_mon_id 
_pdbx_poly_seq_scheme.auth_mon_id 
_pdbx_poly_seq_scheme.pdb_strand_id 
_pdbx_poly_seq_scheme.pdb_ins_code 
_pdbx_poly_seq_scheme.hetero 
A 1 1  GLY 1  -1 ?  ?   ?   A . n 
A 1 2  SER 2  0  ?  ?   ?   A . n 
A 1 3  SER 3  1  1  SER SER A . n 
A 1 4  PRO 4  2  2  PRO PRO A . n 
A 1 5  LYS 5  3  3  LYS LYS A . n 
A 1 6  ALA 6  4  4  ALA ALA A . n 
A 1 7  VAL 7  5  5  VAL VAL A . n 
A 1 8  ALA 8  6  6  ALA ALA A . n 
A 1 9  LEU 9  7  7  LEU LEU A . n 
A 1 10 TYR 10 8  8  TYR TYR A . n 
A 1 11 SER 11 9  9  SER SER A . n 
A 1 12 PHE 12 10 10 PHE PHE A . n 
A 1 13 ALA 13 11 11 ALA ALA A . n 
A 1 14 GLY 14 12 12 GLY GLY A . n 
A 1 15 GLU 15 13 13 GLU GLU A . n 
A 1 16 GLU 16 14 14 GLU GLU A . n 
A 1 17 SER 17 15 15 SER SER A . n 
A 1 18 GLY 18 16 16 GLY GLY A . n 
A 1 19 ASP 19 17 17 ASP ASP A . n 
A 1 20 LEU 20 18 18 LEU LEU A . n 
A 1 21 PRO 21 19 19 PRO PRO A . n 
A 1 22 PHE 22 20 20 PHE PHE A . n 
A 1 23 ARG 23 21 21 ARG ARG A . n 
A 1 24 LYS 24 22 22 LYS LYS A . n 
A 1 25 GLY 25 23 23 GLY GLY A . n 
A 1 26 ASP 26 24 24 ASP ASP A . n 
A 1 27 VAL 27 25 25 VAL VAL A . n 
A 1 28 ILE 28 26 26 ILE ILE A . n 
A 1 29 THR 29 27 27 THR THR A . n 
A 1 30 ILE 30 28 28 ILE ILE A . n 
A 1 31 LEU 31 29 29 LEU LEU A . n 
A 1 32 LYS 32 30 30 LYS LYS A . n 
A 1 33 LYS 33 31 31 LYS LYS A . n 
A 1 34 SER 34 32 32 SER SER A . n 
A 1 35 ASP 35 33 33 ASP ASP A . n 
A 1 36 SER 36 34 34 SER SER A . n 
A 1 37 GLN 37 35 35 GLN GLN A . n 
A 1 38 ASN 38 36 36 ASN ASN A . n 
A 1 39 ASP 39 37 37 ASP ASP A . n 
A 1 40 TRP 40 38 38 TRP TRP A . n 
A 1 41 TRP 41 39 39 TRP TRP A . n 
A 1 42 THR 42 40 40 THR THR A . n 
A 1 43 GLY 43 41 41 GLY GLY A . n 
A 1 44 ARG 44 42 42 ARG ARG A . n 
A 1 45 VAL 45 43 43 VAL VAL A . n 
A 1 46 ASN 46 44 44 ASN ASN A . n 
A 1 47 GLY 47 45 45 GLY GLY A . n 
A 1 48 ARG 48 46 46 ARG ARG A . n 
A 1 49 GLU 49 47 47 GLU GLU A . n 
A 1 50 GLY 50 48 48 GLY GLY A . n 
A 1 51 ILE 51 49 49 ILE ILE A . n 
A 1 52 PHE 52 50 50 PHE PHE A . n 
A 1 53 PRO 53 51 51 PRO PRO A . n 
A 1 54 ALA 54 52 52 ALA ALA A . n 
A 1 55 ASN 55 53 53 ASN ASN A . n 
A 1 56 TYR 56 54 54 TYR TYR A . n 
A 1 57 VAL 57 55 55 VAL VAL A . n 
A 1 58 GLU 58 56 56 GLU GLU A . n 
A 1 59 LEU 59 57 57 LEU LEU A . n 
A 1 60 VAL 60 58 58 VAL VAL A . n 
# 
loop_
_pdbx_nonpoly_scheme.asym_id 
_pdbx_nonpoly_scheme.entity_id 
_pdbx_nonpoly_scheme.mon_id 
_pdbx_nonpoly_scheme.ndb_seq_num 
_pdbx_nonpoly_scheme.pdb_seq_num 
_pdbx_nonpoly_scheme.auth_seq_num 
_pdbx_nonpoly_scheme.pdb_mon_id 
_pdbx_nonpoly_scheme.auth_mon_id 
_pdbx_nonpoly_scheme.pdb_strand_id 
_pdbx_nonpoly_scheme.pdb_ins_code 
B 2 CL  1  111 111 CL  CL  A . 
C 2 CL  1  112 112 CL  CL  A . 
D 2 CL  1  113 113 CL  CL  A . 
E 3 HOH 1  114 1   HOH HOH A . 
E 3 HOH 2  115 2   HOH HOH A . 
E 3 HOH 3  116 3   HOH HOH A . 
E 3 HOH 4  117 4   HOH HOH A . 
E 3 HOH 5  118 8   HOH HOH A . 
E 3 HOH 6  119 15  HOH HOH A . 
E 3 HOH 7  120 16  HOH HOH A . 
E 3 HOH 8  121 19  HOH HOH A . 
E 3 HOH 9  122 21  HOH HOH A . 
E 3 HOH 10 123 24  HOH HOH A . 
E 3 HOH 11 124 26  HOH HOH A . 
E 3 HOH 12 125 28  HOH HOH A . 
E 3 HOH 13 126 29  HOH HOH A . 
E 3 HOH 14 127 30  HOH HOH A . 
E 3 HOH 15 128 32  HOH HOH A . 
E 3 HOH 16 129 34  HOH HOH A . 
E 3 HOH 17 130 47  HOH HOH A . 
E 3 HOH 18 131 51  HOH HOH A . 
E 3 HOH 19 132 52  HOH HOH A . 
E 3 HOH 20 133 54  HOH HOH A . 
E 3 HOH 21 134 55  HOH HOH A . 
E 3 HOH 22 135 56  HOH HOH A . 
E 3 HOH 23 136 57  HOH HOH A . 
E 3 HOH 24 137 59  HOH HOH A . 
E 3 HOH 25 138 60  HOH HOH A . 
E 3 HOH 26 139 61  HOH HOH A . 
E 3 HOH 27 140 64  HOH HOH A . 
E 3 HOH 28 141 65  HOH HOH A . 
E 3 HOH 29 142 66  HOH HOH A . 
E 3 HOH 30 143 67  HOH HOH A . 
E 3 HOH 31 144 68  HOH HOH A . 
E 3 HOH 32 145 69  HOH HOH A . 
E 3 HOH 33 146 70  HOH HOH A . 
E 3 HOH 34 147 71  HOH HOH A . 
E 3 HOH 35 148 74  HOH HOH A . 
E 3 HOH 36 149 76  HOH HOH A . 
E 3 HOH 37 150 77  HOH HOH A . 
E 3 HOH 38 151 79  HOH HOH A . 
E 3 HOH 39 152 81  HOH HOH A . 
E 3 HOH 40 153 84  HOH HOH A . 
E 3 HOH 41 154 85  HOH HOH A . 
E 3 HOH 42 155 86  HOH HOH A . 
E 3 HOH 43 156 87  HOH HOH A . 
E 3 HOH 44 157 88  HOH HOH A . 
E 3 HOH 45 158 89  HOH HOH A . 
E 3 HOH 46 159 91  HOH HOH A . 
E 3 HOH 47 160 94  HOH HOH A . 
E 3 HOH 48 161 95  HOH HOH A . 
E 3 HOH 49 162 96  HOH HOH A . 
E 3 HOH 50 163 97  HOH HOH A . 
E 3 HOH 51 164 98  HOH HOH A . 
E 3 HOH 52 165 99  HOH HOH A . 
E 3 HOH 53 166 100 HOH HOH A . 
E 3 HOH 54 167 104 HOH HOH A . 
E 3 HOH 55 168 105 HOH HOH A . 
E 3 HOH 56 169 106 HOH HOH A . 
E 3 HOH 57 170 107 HOH HOH A . 
# 
_pdbx_struct_assembly.id                   1 
_pdbx_struct_assembly.details              author_defined_assembly 
_pdbx_struct_assembly.method_details       ? 
_pdbx_struct_assembly.oligomeric_details   monomeric 
_pdbx_struct_assembly.oligomeric_count     1 
# 
_pdbx_struct_assembly_gen.assembly_id       1 
_pdbx_struct_assembly_gen.oper_expression   1 
_pdbx_struct_assembly_gen.asym_id_list      A,B,C,D,E 
# 
_pdbx_struct_oper_list.id                   1 
_pdbx_struct_oper_list.type                 'identity operation' 
_pdbx_struct_oper_list.name                 1_555 
_pdbx_struct_oper_list.symmetry_operation   x,y,z 
_pdbx_struct_oper_list.matrix[1][1]         1.0000000000 
_pdbx_struct_oper_list.matrix[1][2]         0.0000000000 
_pdbx_struct_oper_list.matrix[1][3]         0.0000000000 
_pdbx_struct_oper_list.vector[1]            0.0000000000 
_pdbx_struct_oper_list.matrix[2][1]         0.0000000000 
_pdbx_struct_oper_list.matrix[2][2]         1.0000000000 
_pdbx_struct_oper_list.matrix[2][3]         0.0000000000 
_pdbx_struct_oper_list.vector[2]            0.0000000000 
_pdbx_struct_oper_list.matrix[3][1]         0.0000000000 
_pdbx_struct_oper_list.matrix[3][2]         0.0000000000 
_pdbx_struct_oper_list.matrix[3][3]         1.0000000000 
_pdbx_struct_oper_list.vector[3]            0.0000000000 
# 
loop_
_pdbx_audit_revision_history.ordinal 
_pdbx_audit_revision_history.data_content_type 
_pdbx_audit_revision_history.major_revision 
_pdbx_audit_revision_history.minor_revision 
_pdbx_audit_revision_history.revision_date 
1 'Structure model' 1 0 2004-04-06 
2 'Structure model' 1 1 2008-04-29 
3 'Structure model' 1 2 2011-07-13 
4 'Structure model' 1 3 2023-08-16 
# 
_pdbx_audit_revision_details.ordinal             1 
_pdbx_audit_revision_details.revision_ordinal    1 
_pdbx_audit_revision_details.data_content_type   'Structure model' 
_pdbx_audit_revision_details.provider            repository 
_pdbx_audit_revision_details.type                'Initial release' 
_pdbx_audit_revision_details.description         ? 
_pdbx_audit_revision_details.details             ? 
# 
loop_
_pdbx_audit_revision_group.ordinal 
_pdbx_audit_revision_group.revision_ordinal 
_pdbx_audit_revision_group.data_content_type 
_pdbx_audit_revision_group.group 
1 2 'Structure model' 'Version format compliance' 
2 3 'Structure model' 'Version format compliance' 
3 4 'Structure model' 'Data collection'           
4 4 'Structure model' 'Database references'       
5 4 'Structure model' 'Derived calculations'      
6 4 'Structure model' 'Refinement description'    
# 
loop_
_pdbx_audit_revision_category.ordinal 
_pdbx_audit_revision_category.revision_ordinal 
_pdbx_audit_revision_category.data_content_type 
_pdbx_audit_revision_category.category 
1 4 'Structure model' chem_comp_atom                
2 4 'Structure model' chem_comp_bond                
3 4 'Structure model' database_2                    
4 4 'Structure model' diffrn_source                 
5 4 'Structure model' pdbx_initial_refinement_model 
6 4 'Structure model' struct_ref_seq_dif            
7 4 'Structure model' struct_site                   
# 
loop_
_pdbx_audit_revision_item.ordinal 
_pdbx_audit_revision_item.revision_ordinal 
_pdbx_audit_revision_item.data_content_type 
_pdbx_audit_revision_item.item 
1 4 'Structure model' '_database_2.pdbx_DOI'                 
2 4 'Structure model' '_database_2.pdbx_database_accession'  
3 4 'Structure model' '_diffrn_source.pdbx_synchrotron_site' 
4 4 'Structure model' '_struct_ref_seq_dif.details'          
5 4 'Structure model' '_struct_site.pdbx_auth_asym_id'       
6 4 'Structure model' '_struct_site.pdbx_auth_comp_id'       
7 4 'Structure model' '_struct_site.pdbx_auth_seq_id'        
# 
loop_
_software.name 
_software.classification 
_software.version 
_software.citation_id 
_software.pdbx_ordinal 
REFMAC refinement       5.1.27 ? 1 
XDS    'data reduction' .      ? 2 
XDS    'data scaling'   .      ? 3 
AMoRE  phasing          .      ? 4 
# 
loop_
_pdbx_unobs_or_zero_occ_residues.id 
_pdbx_unobs_or_zero_occ_residues.PDB_model_num 
_pdbx_unobs_or_zero_occ_residues.polymer_flag 
_pdbx_unobs_or_zero_occ_residues.occupancy_flag 
_pdbx_unobs_or_zero_occ_residues.auth_asym_id 
_pdbx_unobs_or_zero_occ_residues.auth_comp_id 
_pdbx_unobs_or_zero_occ_residues.auth_seq_id 
_pdbx_unobs_or_zero_occ_residues.PDB_ins_code 
_pdbx_unobs_or_zero_occ_residues.label_asym_id 
_pdbx_unobs_or_zero_occ_residues.label_comp_id 
_pdbx_unobs_or_zero_occ_residues.label_seq_id 
1 1 Y 1 A GLY -1 ? A GLY 1 
2 1 Y 1 A SER 0  ? A SER 2 
# 
loop_
_chem_comp_atom.comp_id 
_chem_comp_atom.atom_id 
_chem_comp_atom.type_symbol 
_chem_comp_atom.pdbx_aromatic_flag 
_chem_comp_atom.pdbx_stereo_config 
_chem_comp_atom.pdbx_ordinal 
ALA N    N  N N 1   
ALA CA   C  N S 2   
ALA C    C  N N 3   
ALA O    O  N N 4   
ALA CB   C  N N 5   
ALA OXT  O  N N 6   
ALA H    H  N N 7   
ALA H2   H  N N 8   
ALA HA   H  N N 9   
ALA HB1  H  N N 10  
ALA HB2  H  N N 11  
ALA HB3  H  N N 12  
ALA HXT  H  N N 13  
ARG N    N  N N 14  
ARG CA   C  N S 15  
ARG C    C  N N 16  
ARG O    O  N N 17  
ARG CB   C  N N 18  
ARG CG   C  N N 19  
ARG CD   C  N N 20  
ARG NE   N  N N 21  
ARG CZ   C  N N 22  
ARG NH1  N  N N 23  
ARG NH2  N  N N 24  
ARG OXT  O  N N 25  
ARG H    H  N N 26  
ARG H2   H  N N 27  
ARG HA   H  N N 28  
ARG HB2  H  N N 29  
ARG HB3  H  N N 30  
ARG HG2  H  N N 31  
ARG HG3  H  N N 32  
ARG HD2  H  N N 33  
ARG HD3  H  N N 34  
ARG HE   H  N N 35  
ARG HH11 H  N N 36  
ARG HH12 H  N N 37  
ARG HH21 H  N N 38  
ARG HH22 H  N N 39  
ARG HXT  H  N N 40  
ASN N    N  N N 41  
ASN CA   C  N S 42  
ASN C    C  N N 43  
ASN O    O  N N 44  
ASN CB   C  N N 45  
ASN CG   C  N N 46  
ASN OD1  O  N N 47  
ASN ND2  N  N N 48  
ASN OXT  O  N N 49  
ASN H    H  N N 50  
ASN H2   H  N N 51  
ASN HA   H  N N 52  
ASN HB2  H  N N 53  
ASN HB3  H  N N 54  
ASN HD21 H  N N 55  
ASN HD22 H  N N 56  
ASN HXT  H  N N 57  
ASP N    N  N N 58  
ASP CA   C  N S 59  
ASP C    C  N N 60  
ASP O    O  N N 61  
ASP CB   C  N N 62  
ASP CG   C  N N 63  
ASP OD1  O  N N 64  
ASP OD2  O  N N 65  
ASP OXT  O  N N 66  
ASP H    H  N N 67  
ASP H2   H  N N 68  
ASP HA   H  N N 69  
ASP HB2  H  N N 70  
ASP HB3  H  N N 71  
ASP HD2  H  N N 72  
ASP HXT  H  N N 73  
CL  CL   CL N N 74  
GLN N    N  N N 75  
GLN CA   C  N S 76  
GLN C    C  N N 77  
GLN O    O  N N 78  
GLN CB   C  N N 79  
GLN CG   C  N N 80  
GLN CD   C  N N 81  
GLN OE1  O  N N 82  
GLN NE2  N  N N 83  
GLN OXT  O  N N 84  
GLN H    H  N N 85  
GLN H2   H  N N 86  
GLN HA   H  N N 87  
GLN HB2  H  N N 88  
GLN HB3  H  N N 89  
GLN HG2  H  N N 90  
GLN HG3  H  N N 91  
GLN HE21 H  N N 92  
GLN HE22 H  N N 93  
GLN HXT  H  N N 94  
GLU N    N  N N 95  
GLU CA   C  N S 96  
GLU C    C  N N 97  
GLU O    O  N N 98  
GLU CB   C  N N 99  
GLU CG   C  N N 100 
GLU CD   C  N N 101 
GLU OE1  O  N N 102 
GLU OE2  O  N N 103 
GLU OXT  O  N N 104 
GLU H    H  N N 105 
GLU H2   H  N N 106 
GLU HA   H  N N 107 
GLU HB2  H  N N 108 
GLU HB3  H  N N 109 
GLU HG2  H  N N 110 
GLU HG3  H  N N 111 
GLU HE2  H  N N 112 
GLU HXT  H  N N 113 
GLY N    N  N N 114 
GLY CA   C  N N 115 
GLY C    C  N N 116 
GLY O    O  N N 117 
GLY OXT  O  N N 118 
GLY H    H  N N 119 
GLY H2   H  N N 120 
GLY HA2  H  N N 121 
GLY HA3  H  N N 122 
GLY HXT  H  N N 123 
HOH O    O  N N 124 
HOH H1   H  N N 125 
HOH H2   H  N N 126 
ILE N    N  N N 127 
ILE CA   C  N S 128 
ILE C    C  N N 129 
ILE O    O  N N 130 
ILE CB   C  N S 131 
ILE CG1  C  N N 132 
ILE CG2  C  N N 133 
ILE CD1  C  N N 134 
ILE OXT  O  N N 135 
ILE H    H  N N 136 
ILE H2   H  N N 137 
ILE HA   H  N N 138 
ILE HB   H  N N 139 
ILE HG12 H  N N 140 
ILE HG13 H  N N 141 
ILE HG21 H  N N 142 
ILE HG22 H  N N 143 
ILE HG23 H  N N 144 
ILE HD11 H  N N 145 
ILE HD12 H  N N 146 
ILE HD13 H  N N 147 
ILE HXT  H  N N 148 
LEU N    N  N N 149 
LEU CA   C  N S 150 
LEU C    C  N N 151 
LEU O    O  N N 152 
LEU CB   C  N N 153 
LEU CG   C  N N 154 
LEU CD1  C  N N 155 
LEU CD2  C  N N 156 
LEU OXT  O  N N 157 
LEU H    H  N N 158 
LEU H2   H  N N 159 
LEU HA   H  N N 160 
LEU HB2  H  N N 161 
LEU HB3  H  N N 162 
LEU HG   H  N N 163 
LEU HD11 H  N N 164 
LEU HD12 H  N N 165 
LEU HD13 H  N N 166 
LEU HD21 H  N N 167 
LEU HD22 H  N N 168 
LEU HD23 H  N N 169 
LEU HXT  H  N N 170 
LYS N    N  N N 171 
LYS CA   C  N S 172 
LYS C    C  N N 173 
LYS O    O  N N 174 
LYS CB   C  N N 175 
LYS CG   C  N N 176 
LYS CD   C  N N 177 
LYS CE   C  N N 178 
LYS NZ   N  N N 179 
LYS OXT  O  N N 180 
LYS H    H  N N 181 
LYS H2   H  N N 182 
LYS HA   H  N N 183 
LYS HB2  H  N N 184 
LYS HB3  H  N N 185 
LYS HG2  H  N N 186 
LYS HG3  H  N N 187 
LYS HD2  H  N N 188 
LYS HD3  H  N N 189 
LYS HE2  H  N N 190 
LYS HE3  H  N N 191 
LYS HZ1  H  N N 192 
LYS HZ2  H  N N 193 
LYS HZ3  H  N N 194 
LYS HXT  H  N N 195 
PHE N    N  N N 196 
PHE CA   C  N S 197 
PHE C    C  N N 198 
PHE O    O  N N 199 
PHE CB   C  N N 200 
PHE CG   C  Y N 201 
PHE CD1  C  Y N 202 
PHE CD2  C  Y N 203 
PHE CE1  C  Y N 204 
PHE CE2  C  Y N 205 
PHE CZ   C  Y N 206 
PHE OXT  O  N N 207 
PHE H    H  N N 208 
PHE H2   H  N N 209 
PHE HA   H  N N 210 
PHE HB2  H  N N 211 
PHE HB3  H  N N 212 
PHE HD1  H  N N 213 
PHE HD2  H  N N 214 
PHE HE1  H  N N 215 
PHE HE2  H  N N 216 
PHE HZ   H  N N 217 
PHE HXT  H  N N 218 
PRO N    N  N N 219 
PRO CA   C  N S 220 
PRO C    C  N N 221 
PRO O    O  N N 222 
PRO CB   C  N N 223 
PRO CG   C  N N 224 
PRO CD   C  N N 225 
PRO OXT  O  N N 226 
PRO H    H  N N 227 
PRO HA   H  N N 228 
PRO HB2  H  N N 229 
PRO HB3  H  N N 230 
PRO HG2  H  N N 231 
PRO HG3  H  N N 232 
PRO HD2  H  N N 233 
PRO HD3  H  N N 234 
PRO HXT  H  N N 235 
SER N    N  N N 236 
SER CA   C  N S 237 
SER C    C  N N 238 
SER O    O  N N 239 
SER CB   C  N N 240 
SER OG   O  N N 241 
SER OXT  O  N N 242 
SER H    H  N N 243 
SER H2   H  N N 244 
SER HA   H  N N 245 
SER HB2  H  N N 246 
SER HB3  H  N N 247 
SER HG   H  N N 248 
SER HXT  H  N N 249 
THR N    N  N N 250 
THR CA   C  N S 251 
THR C    C  N N 252 
THR O    O  N N 253 
THR CB   C  N R 254 
THR OG1  O  N N 255 
THR CG2  C  N N 256 
THR OXT  O  N N 257 
THR H    H  N N 258 
THR H2   H  N N 259 
THR HA   H  N N 260 
THR HB   H  N N 261 
THR HG1  H  N N 262 
THR HG21 H  N N 263 
THR HG22 H  N N 264 
THR HG23 H  N N 265 
THR HXT  H  N N 266 
TRP N    N  N N 267 
TRP CA   C  N S 268 
TRP C    C  N N 269 
TRP O    O  N N 270 
TRP CB   C  N N 271 
TRP CG   C  Y N 272 
TRP CD1  C  Y N 273 
TRP CD2  C  Y N 274 
TRP NE1  N  Y N 275 
TRP CE2  C  Y N 276 
TRP CE3  C  Y N 277 
TRP CZ2  C  Y N 278 
TRP CZ3  C  Y N 279 
TRP CH2  C  Y N 280 
TRP OXT  O  N N 281 
TRP H    H  N N 282 
TRP H2   H  N N 283 
TRP HA   H  N N 284 
TRP HB2  H  N N 285 
TRP HB3  H  N N 286 
TRP HD1  H  N N 287 
TRP HE1  H  N N 288 
TRP HE3  H  N N 289 
TRP HZ2  H  N N 290 
TRP HZ3  H  N N 291 
TRP HH2  H  N N 292 
TRP HXT  H  N N 293 
TYR N    N  N N 294 
TYR CA   C  N S 295 
TYR C    C  N N 296 
TYR O    O  N N 297 
TYR CB   C  N N 298 
TYR CG   C  Y N 299 
TYR CD1  C  Y N 300 
TYR CD2  C  Y N 301 
TYR CE1  C  Y N 302 
TYR CE2  C  Y N 303 
TYR CZ   C  Y N 304 
TYR OH   O  N N 305 
TYR OXT  O  N N 306 
TYR H    H  N N 307 
TYR H2   H  N N 308 
TYR HA   H  N N 309 
TYR HB2  H  N N 310 
TYR HB3  H  N N 311 
TYR HD1  H  N N 312 
TYR HD2  H  N N 313 
TYR HE1  H  N N 314 
TYR HE2  H  N N 315 
TYR HH   H  N N 316 
TYR HXT  H  N N 317 
VAL N    N  N N 318 
VAL CA   C  N S 319 
VAL C    C  N N 320 
VAL O    O  N N 321 
VAL CB   C  N N 322 
VAL CG1  C  N N 323 
VAL CG2  C  N N 324 
VAL OXT  O  N N 325 
VAL H    H  N N 326 
VAL H2   H  N N 327 
VAL HA   H  N N 328 
VAL HB   H  N N 329 
VAL HG11 H  N N 330 
VAL HG12 H  N N 331 
VAL HG13 H  N N 332 
VAL HG21 H  N N 333 
VAL HG22 H  N N 334 
VAL HG23 H  N N 335 
VAL HXT  H  N N 336 
# 
loop_
_chem_comp_bond.comp_id 
_chem_comp_bond.atom_id_1 
_chem_comp_bond.atom_id_2 
_chem_comp_bond.value_order 
_chem_comp_bond.pdbx_aromatic_flag 
_chem_comp_bond.pdbx_stereo_config 
_chem_comp_bond.pdbx_ordinal 
ALA N   CA   sing N N 1   
ALA N   H    sing N N 2   
ALA N   H2   sing N N 3   
ALA CA  C    sing N N 4   
ALA CA  CB   sing N N 5   
ALA CA  HA   sing N N 6   
ALA C   O    doub N N 7   
ALA C   OXT  sing N N 8   
ALA CB  HB1  sing N N 9   
ALA CB  HB2  sing N N 10  
ALA CB  HB3  sing N N 11  
ALA OXT HXT  sing N N 12  
ARG N   CA   sing N N 13  
ARG N   H    sing N N 14  
ARG N   H2   sing N N 15  
ARG CA  C    sing N N 16  
ARG CA  CB   sing N N 17  
ARG CA  HA   sing N N 18  
ARG C   O    doub N N 19  
ARG C   OXT  sing N N 20  
ARG CB  CG   sing N N 21  
ARG CB  HB2  sing N N 22  
ARG CB  HB3  sing N N 23  
ARG CG  CD   sing N N 24  
ARG CG  HG2  sing N N 25  
ARG CG  HG3  sing N N 26  
ARG CD  NE   sing N N 27  
ARG CD  HD2  sing N N 28  
ARG CD  HD3  sing N N 29  
ARG NE  CZ   sing N N 30  
ARG NE  HE   sing N N 31  
ARG CZ  NH1  sing N N 32  
ARG CZ  NH2  doub N N 33  
ARG NH1 HH11 sing N N 34  
ARG NH1 HH12 sing N N 35  
ARG NH2 HH21 sing N N 36  
ARG NH2 HH22 sing N N 37  
ARG OXT HXT  sing N N 38  
ASN N   CA   sing N N 39  
ASN N   H    sing N N 40  
ASN N   H2   sing N N 41  
ASN CA  C    sing N N 42  
ASN CA  CB   sing N N 43  
ASN CA  HA   sing N N 44  
ASN C   O    doub N N 45  
ASN C   OXT  sing N N 46  
ASN CB  CG   sing N N 47  
ASN CB  HB2  sing N N 48  
ASN CB  HB3  sing N N 49  
ASN CG  OD1  doub N N 50  
ASN CG  ND2  sing N N 51  
ASN ND2 HD21 sing N N 52  
ASN ND2 HD22 sing N N 53  
ASN OXT HXT  sing N N 54  
ASP N   CA   sing N N 55  
ASP N   H    sing N N 56  
ASP N   H2   sing N N 57  
ASP CA  C    sing N N 58  
ASP CA  CB   sing N N 59  
ASP CA  HA   sing N N 60  
ASP C   O    doub N N 61  
ASP C   OXT  sing N N 62  
ASP CB  CG   sing N N 63  
ASP CB  HB2  sing N N 64  
ASP CB  HB3  sing N N 65  
ASP CG  OD1  doub N N 66  
ASP CG  OD2  sing N N 67  
ASP OD2 HD2  sing N N 68  
ASP OXT HXT  sing N N 69  
GLN N   CA   sing N N 70  
GLN N   H    sing N N 71  
GLN N   H2   sing N N 72  
GLN CA  C    sing N N 73  
GLN CA  CB   sing N N 74  
GLN CA  HA   sing N N 75  
GLN C   O    doub N N 76  
GLN C   OXT  sing N N 77  
GLN CB  CG   sing N N 78  
GLN CB  HB2  sing N N 79  
GLN CB  HB3  sing N N 80  
GLN CG  CD   sing N N 81  
GLN CG  HG2  sing N N 82  
GLN CG  HG3  sing N N 83  
GLN CD  OE1  doub N N 84  
GLN CD  NE2  sing N N 85  
GLN NE2 HE21 sing N N 86  
GLN NE2 HE22 sing N N 87  
GLN OXT HXT  sing N N 88  
GLU N   CA   sing N N 89  
GLU N   H    sing N N 90  
GLU N   H2   sing N N 91  
GLU CA  C    sing N N 92  
GLU CA  CB   sing N N 93  
GLU CA  HA   sing N N 94  
GLU C   O    doub N N 95  
GLU C   OXT  sing N N 96  
GLU CB  CG   sing N N 97  
GLU CB  HB2  sing N N 98  
GLU CB  HB3  sing N N 99  
GLU CG  CD   sing N N 100 
GLU CG  HG2  sing N N 101 
GLU CG  HG3  sing N N 102 
GLU CD  OE1  doub N N 103 
GLU CD  OE2  sing N N 104 
GLU OE2 HE2  sing N N 105 
GLU OXT HXT  sing N N 106 
GLY N   CA   sing N N 107 
GLY N   H    sing N N 108 
GLY N   H2   sing N N 109 
GLY CA  C    sing N N 110 
GLY CA  HA2  sing N N 111 
GLY CA  HA3  sing N N 112 
GLY C   O    doub N N 113 
GLY C   OXT  sing N N 114 
GLY OXT HXT  sing N N 115 
HOH O   H1   sing N N 116 
HOH O   H2   sing N N 117 
ILE N   CA   sing N N 118 
ILE N   H    sing N N 119 
ILE N   H2   sing N N 120 
ILE CA  C    sing N N 121 
ILE CA  CB   sing N N 122 
ILE CA  HA   sing N N 123 
ILE C   O    doub N N 124 
ILE C   OXT  sing N N 125 
ILE CB  CG1  sing N N 126 
ILE CB  CG2  sing N N 127 
ILE CB  HB   sing N N 128 
ILE CG1 CD1  sing N N 129 
ILE CG1 HG12 sing N N 130 
ILE CG1 HG13 sing N N 131 
ILE CG2 HG21 sing N N 132 
ILE CG2 HG22 sing N N 133 
ILE CG2 HG23 sing N N 134 
ILE CD1 HD11 sing N N 135 
ILE CD1 HD12 sing N N 136 
ILE CD1 HD13 sing N N 137 
ILE OXT HXT  sing N N 138 
LEU N   CA   sing N N 139 
LEU N   H    sing N N 140 
LEU N   H2   sing N N 141 
LEU CA  C    sing N N 142 
LEU CA  CB   sing N N 143 
LEU CA  HA   sing N N 144 
LEU C   O    doub N N 145 
LEU C   OXT  sing N N 146 
LEU CB  CG   sing N N 147 
LEU CB  HB2  sing N N 148 
LEU CB  HB3  sing N N 149 
LEU CG  CD1  sing N N 150 
LEU CG  CD2  sing N N 151 
LEU CG  HG   sing N N 152 
LEU CD1 HD11 sing N N 153 
LEU CD1 HD12 sing N N 154 
LEU CD1 HD13 sing N N 155 
LEU CD2 HD21 sing N N 156 
LEU CD2 HD22 sing N N 157 
LEU CD2 HD23 sing N N 158 
LEU OXT HXT  sing N N 159 
LYS N   CA   sing N N 160 
LYS N   H    sing N N 161 
LYS N   H2   sing N N 162 
LYS CA  C    sing N N 163 
LYS CA  CB   sing N N 164 
LYS CA  HA   sing N N 165 
LYS C   O    doub N N 166 
LYS C   OXT  sing N N 167 
LYS CB  CG   sing N N 168 
LYS CB  HB2  sing N N 169 
LYS CB  HB3  sing N N 170 
LYS CG  CD   sing N N 171 
LYS CG  HG2  sing N N 172 
LYS CG  HG3  sing N N 173 
LYS CD  CE   sing N N 174 
LYS CD  HD2  sing N N 175 
LYS CD  HD3  sing N N 176 
LYS CE  NZ   sing N N 177 
LYS CE  HE2  sing N N 178 
LYS CE  HE3  sing N N 179 
LYS NZ  HZ1  sing N N 180 
LYS NZ  HZ2  sing N N 181 
LYS NZ  HZ3  sing N N 182 
LYS OXT HXT  sing N N 183 
PHE N   CA   sing N N 184 
PHE N   H    sing N N 185 
PHE N   H2   sing N N 186 
PHE CA  C    sing N N 187 
PHE CA  CB   sing N N 188 
PHE CA  HA   sing N N 189 
PHE C   O    doub N N 190 
PHE C   OXT  sing N N 191 
PHE CB  CG   sing N N 192 
PHE CB  HB2  sing N N 193 
PHE CB  HB3  sing N N 194 
PHE CG  CD1  doub Y N 195 
PHE CG  CD2  sing Y N 196 
PHE CD1 CE1  sing Y N 197 
PHE CD1 HD1  sing N N 198 
PHE CD2 CE2  doub Y N 199 
PHE CD2 HD2  sing N N 200 
PHE CE1 CZ   doub Y N 201 
PHE CE1 HE1  sing N N 202 
PHE CE2 CZ   sing Y N 203 
PHE CE2 HE2  sing N N 204 
PHE CZ  HZ   sing N N 205 
PHE OXT HXT  sing N N 206 
PRO N   CA   sing N N 207 
PRO N   CD   sing N N 208 
PRO N   H    sing N N 209 
PRO CA  C    sing N N 210 
PRO CA  CB   sing N N 211 
PRO CA  HA   sing N N 212 
PRO C   O    doub N N 213 
PRO C   OXT  sing N N 214 
PRO CB  CG   sing N N 215 
PRO CB  HB2  sing N N 216 
PRO CB  HB3  sing N N 217 
PRO CG  CD   sing N N 218 
PRO CG  HG2  sing N N 219 
PRO CG  HG3  sing N N 220 
PRO CD  HD2  sing N N 221 
PRO CD  HD3  sing N N 222 
PRO OXT HXT  sing N N 223 
SER N   CA   sing N N 224 
SER N   H    sing N N 225 
SER N   H2   sing N N 226 
SER CA  C    sing N N 227 
SER CA  CB   sing N N 228 
SER CA  HA   sing N N 229 
SER C   O    doub N N 230 
SER C   OXT  sing N N 231 
SER CB  OG   sing N N 232 
SER CB  HB2  sing N N 233 
SER CB  HB3  sing N N 234 
SER OG  HG   sing N N 235 
SER OXT HXT  sing N N 236 
THR N   CA   sing N N 237 
THR N   H    sing N N 238 
THR N   H2   sing N N 239 
THR CA  C    sing N N 240 
THR CA  CB   sing N N 241 
THR CA  HA   sing N N 242 
THR C   O    doub N N 243 
THR C   OXT  sing N N 244 
THR CB  OG1  sing N N 245 
THR CB  CG2  sing N N 246 
THR CB  HB   sing N N 247 
THR OG1 HG1  sing N N 248 
THR CG2 HG21 sing N N 249 
THR CG2 HG22 sing N N 250 
THR CG2 HG23 sing N N 251 
THR OXT HXT  sing N N 252 
TRP N   CA   sing N N 253 
TRP N   H    sing N N 254 
TRP N   H2   sing N N 255 
TRP CA  C    sing N N 256 
TRP CA  CB   sing N N 257 
TRP CA  HA   sing N N 258 
TRP C   O    doub N N 259 
TRP C   OXT  sing N N 260 
TRP CB  CG   sing N N 261 
TRP CB  HB2  sing N N 262 
TRP CB  HB3  sing N N 263 
TRP CG  CD1  doub Y N 264 
TRP CG  CD2  sing Y N 265 
TRP CD1 NE1  sing Y N 266 
TRP CD1 HD1  sing N N 267 
TRP CD2 CE2  doub Y N 268 
TRP CD2 CE3  sing Y N 269 
TRP NE1 CE2  sing Y N 270 
TRP NE1 HE1  sing N N 271 
TRP CE2 CZ2  sing Y N 272 
TRP CE3 CZ3  doub Y N 273 
TRP CE3 HE3  sing N N 274 
TRP CZ2 CH2  doub Y N 275 
TRP CZ2 HZ2  sing N N 276 
TRP CZ3 CH2  sing Y N 277 
TRP CZ3 HZ3  sing N N 278 
TRP CH2 HH2  sing N N 279 
TRP OXT HXT  sing N N 280 
TYR N   CA   sing N N 281 
TYR N   H    sing N N 282 
TYR N   H2   sing N N 283 
TYR CA  C    sing N N 284 
TYR CA  CB   sing N N 285 
TYR CA  HA   sing N N 286 
TYR C   O    doub N N 287 
TYR C   OXT  sing N N 288 
TYR CB  CG   sing N N 289 
TYR CB  HB2  sing N N 290 
TYR CB  HB3  sing N N 291 
TYR CG  CD1  doub Y N 292 
TYR CG  CD2  sing Y N 293 
TYR CD1 CE1  sing Y N 294 
TYR CD1 HD1  sing N N 295 
TYR CD2 CE2  doub Y N 296 
TYR CD2 HD2  sing N N 297 
TYR CE1 CZ   doub Y N 298 
TYR CE1 HE1  sing N N 299 
TYR CE2 CZ   sing Y N 300 
TYR CE2 HE2  sing N N 301 
TYR CZ  OH   sing N N 302 
TYR OH  HH   sing N N 303 
TYR OXT HXT  sing N N 304 
VAL N   CA   sing N N 305 
VAL N   H    sing N N 306 
VAL N   H2   sing N N 307 
VAL CA  C    sing N N 308 
VAL CA  CB   sing N N 309 
VAL CA  HA   sing N N 310 
VAL C   O    doub N N 311 
VAL C   OXT  sing N N 312 
VAL CB  CG1  sing N N 313 
VAL CB  CG2  sing N N 314 
VAL CB  HB   sing N N 315 
VAL CG1 HG11 sing N N 316 
VAL CG1 HG12 sing N N 317 
VAL CG1 HG13 sing N N 318 
VAL CG2 HG21 sing N N 319 
VAL CG2 HG22 sing N N 320 
VAL CG2 HG23 sing N N 321 
VAL OXT HXT  sing N N 322 
# 
loop_
_pdbx_entity_nonpoly.entity_id 
_pdbx_entity_nonpoly.name 
_pdbx_entity_nonpoly.comp_id 
2 'CHLORIDE ION' CL  
3 water          HOH 
# 
_pdbx_initial_refinement_model.id               1 
_pdbx_initial_refinement_model.entity_id_list   ? 
_pdbx_initial_refinement_model.type             'experimental model' 
_pdbx_initial_refinement_model.source_name      PDB 
_pdbx_initial_refinement_model.accession_code   1SEM 
_pdbx_initial_refinement_model.details          ? 
# 
